data_8TR5
#
_entry.id   8TR5
#
_cell.length_a   1.00
_cell.length_b   1.00
_cell.length_c   1.00
_cell.angle_alpha   90.00
_cell.angle_beta   90.00
_cell.angle_gamma   90.00
#
_symmetry.space_group_name_H-M   'P 1'
#
loop_
_entity.id
_entity.type
_entity.pdbx_description
1 polymer 'P2X purinoceptor 7'
2 non-polymer "GUANOSINE-5'-DIPHOSPHATE"
3 non-polymer 'ZINC ION'
4 non-polymer 2-acetamido-2-deoxy-beta-D-glucopyranose
5 non-polymer 'PALMITIC ACID'
6 non-polymer 'SODIUM ION'
7 water water
#
_entity_poly.entity_id   1
_entity_poly.type   'polypeptide(L)'
_entity_poly.pdbx_seq_one_letter_code
;MPACCSWNDVFQYETNKVTRIQSVNYGTIKWILHMTVFSYVSFALMSDKLYQRKEPLISSVHTKVKGVAEVTENVTEGGV
TKLVHGIFDTADYTLPLQGNSFFVMTNYLKSEGQEQKLCPEYPSRGKQCHSDQGCIKGWMDPQSKGIQTGRCIPYDQKRK
TCEIFAWCPAEEGKEAPRPALLRSAENFTVLIKNNIDFPGHNYTTRNILPGMNISCTFHKTWNPQCPIFRLGDIFQEIGE
NFTEVAVQGGIMGIEIYWDCNLDSWSHRCQPKYSFRRLDDKYTNESLFPGYNFRYAKYYKENGMEKRTLIKAFGVRFDIL
VFGTGGKFDIIQLVVYIGSTLSYFGLATVCIDLIINTYASTCCRSRVYPSCKCCEPCAVNEYYYRKKCEPIVEPKPTLKY
VSFVDEPHIWMVDQQLLGKSLQDVKGQEVPRPQTDFLELSRLSLSLHHSPPIPGQPEEMQLLQIEAVPRSRDSPDWCQCG
NCLPSQLPENRRALEELCCRRKPGQCITTSELFSKIVLSREALQLLLLYQEPLLALEGEAINSKLRHCAYRSYATWRFVS
QDMADFAILPSCCRWKIRKEFPKTQGQYSGFKYPY
;
_entity_poly.pdbx_strand_id   A,B,C
#
loop_
_chem_comp.id
_chem_comp.type
_chem_comp.name
_chem_comp.formula
GDP RNA linking GUANOSINE-5'-DIPHOSPHATE 'C10 H15 N5 O11 P2'
NA non-polymer 'SODIUM ION' 'Na 1'
NAG D-saccharide, beta linking 2-acetamido-2-deoxy-beta-D-glucopyranose 'C8 H15 N O6'
PLM non-polymer 'PALMITIC ACID' 'C16 H32 O2'
ZN non-polymer 'ZINC ION' 'Zn 2'
#
# COMPACT_ATOMS: atom_id res chain seq x y z
N SER A 6 -25.04 -28.17 8.28
CA SER A 6 -24.88 -26.69 8.34
C SER A 6 -23.68 -26.33 9.19
N TRP A 7 -23.74 -26.65 10.47
CA TRP A 7 -22.59 -26.42 11.34
C TRP A 7 -21.39 -27.21 10.85
N ASN A 8 -21.60 -28.43 10.38
CA ASN A 8 -20.53 -29.18 9.74
C ASN A 8 -19.95 -28.41 8.57
N ASP A 9 -20.79 -27.66 7.86
CA ASP A 9 -20.30 -26.81 6.78
C ASP A 9 -19.41 -25.70 7.30
N VAL A 10 -19.77 -25.12 8.45
CA VAL A 10 -18.93 -24.11 9.07
C VAL A 10 -17.62 -24.72 9.53
N PHE A 11 -17.69 -25.89 10.17
CA PHE A 11 -16.52 -26.55 10.73
C PHE A 11 -15.78 -27.35 9.66
N GLN A 12 -15.28 -26.62 8.66
CA GLN A 12 -14.48 -27.21 7.61
C GLN A 12 -13.26 -26.34 7.34
N TYR A 13 -12.14 -27.00 7.09
CA TYR A 13 -10.92 -26.33 6.69
C TYR A 13 -10.40 -26.95 5.42
N GLU A 14 -10.22 -26.13 4.39
CA GLU A 14 -9.69 -26.57 3.11
C GLU A 14 -8.20 -26.31 3.06
N THR A 15 -7.43 -27.35 2.83
CA THR A 15 -5.98 -27.24 2.67
C THR A 15 -5.59 -27.78 1.31
N ASN A 16 -4.70 -27.06 0.64
CA ASN A 16 -4.28 -27.44 -0.70
C ASN A 16 -3.41 -28.68 -0.67
N LYS A 17 -3.62 -29.55 -1.65
CA LYS A 17 -2.74 -30.69 -1.84
C LYS A 17 -1.45 -30.22 -2.49
N VAL A 18 -0.32 -30.71 -1.99
CA VAL A 18 0.99 -30.24 -2.40
C VAL A 18 1.84 -31.46 -2.78
N THR A 19 2.99 -31.16 -3.37
CA THR A 19 3.95 -32.17 -3.78
C THR A 19 5.31 -31.79 -3.21
N ARG A 20 5.74 -32.50 -2.19
CA ARG A 20 7.03 -32.24 -1.56
C ARG A 20 8.14 -32.82 -2.43
N ILE A 21 8.87 -31.94 -3.10
CA ILE A 21 9.92 -32.33 -4.02
C ILE A 21 11.25 -32.20 -3.31
N GLN A 22 12.03 -33.29 -3.30
CA GLN A 22 13.37 -33.30 -2.75
C GLN A 22 14.36 -32.97 -3.86
N SER A 23 14.46 -31.67 -4.15
CA SER A 23 15.35 -31.17 -5.19
C SER A 23 16.26 -30.13 -4.59
N VAL A 24 17.57 -30.29 -4.80
CA VAL A 24 18.53 -29.31 -4.33
C VAL A 24 18.39 -28.00 -5.09
N ASN A 25 18.28 -28.08 -6.41
CA ASN A 25 18.21 -26.88 -7.23
C ASN A 25 17.00 -26.04 -6.85
N TYR A 26 15.83 -26.68 -6.75
CA TYR A 26 14.61 -25.92 -6.54
C TYR A 26 14.53 -25.37 -5.13
N GLY A 27 14.97 -26.14 -4.14
CA GLY A 27 15.02 -25.61 -2.79
C GLY A 27 15.98 -24.44 -2.66
N THR A 28 17.16 -24.57 -3.26
CA THR A 28 18.12 -23.47 -3.24
C THR A 28 17.55 -22.23 -3.92
N ILE A 29 16.91 -22.41 -5.07
CA ILE A 29 16.31 -21.28 -5.77
C ILE A 29 15.23 -20.63 -4.92
N LYS A 30 14.38 -21.45 -4.29
CA LYS A 30 13.30 -20.92 -3.48
C LYS A 30 13.85 -20.10 -2.33
N TRP A 31 14.87 -20.62 -1.65
CA TRP A 31 15.41 -19.91 -0.50
C TRP A 31 16.15 -18.65 -0.93
N ILE A 32 16.83 -18.70 -2.08
CA ILE A 32 17.52 -17.52 -2.59
C ILE A 32 16.52 -16.43 -2.90
N LEU A 33 15.43 -16.77 -3.58
CA LEU A 33 14.43 -15.77 -3.93
C LEU A 33 13.72 -15.25 -2.69
N HIS A 34 13.42 -16.13 -1.73
CA HIS A 34 12.82 -15.67 -0.49
C HIS A 34 13.74 -14.68 0.24
N MET A 35 15.03 -15.00 0.30
CA MET A 35 15.98 -14.11 0.95
C MET A 35 16.08 -12.78 0.22
N THR A 36 16.11 -12.81 -1.10
CA THR A 36 16.17 -11.59 -1.88
C THR A 36 14.96 -10.70 -1.62
N VAL A 37 13.76 -11.30 -1.64
CA VAL A 37 12.55 -10.53 -1.40
C VAL A 37 12.56 -9.95 0.01
N PHE A 38 12.93 -10.78 1.00
CA PHE A 38 12.97 -10.30 2.38
C PHE A 38 13.95 -9.16 2.52
N SER A 39 15.12 -9.29 1.91
CA SER A 39 16.14 -8.25 2.01
C SER A 39 15.67 -6.95 1.39
N TYR A 40 15.07 -7.00 0.20
CA TYR A 40 14.59 -5.78 -0.42
C TYR A 40 13.47 -5.15 0.39
N VAL A 41 12.55 -5.96 0.89
CA VAL A 41 11.44 -5.43 1.68
C VAL A 41 11.97 -4.73 2.93
N SER A 42 12.91 -5.37 3.62
CA SER A 42 13.50 -4.76 4.80
C SER A 42 14.24 -3.49 4.46
N PHE A 43 15.00 -3.50 3.38
CA PHE A 43 15.75 -2.31 2.98
C PHE A 43 14.82 -1.15 2.68
N ALA A 44 13.74 -1.42 1.95
CA ALA A 44 12.77 -0.37 1.65
C ALA A 44 12.07 0.12 2.92
N LEU A 45 11.78 -0.79 3.84
CA LEU A 45 11.09 -0.41 5.06
C LEU A 45 11.96 0.49 5.92
N MET A 46 13.24 0.18 6.06
CA MET A 46 14.09 0.90 6.98
C MET A 46 14.70 2.15 6.35
N SER A 47 15.09 2.07 5.08
CA SER A 47 15.66 3.23 4.42
C SER A 47 14.63 4.34 4.25
N ASP A 48 13.46 4.00 3.71
CA ASP A 48 12.39 4.96 3.52
C ASP A 48 11.52 5.13 4.76
N LYS A 49 11.80 4.38 5.82
CA LYS A 49 11.06 4.49 7.06
C LYS A 49 9.57 4.35 6.81
N LEU A 50 9.21 3.32 6.05
CA LEU A 50 7.82 3.06 5.69
C LEU A 50 7.02 2.52 6.86
N TYR A 51 7.66 2.30 7.99
CA TYR A 51 6.95 1.85 9.19
C TYR A 51 6.51 3.03 10.02
N GLN A 52 6.85 4.25 9.58
CA GLN A 52 6.55 5.44 10.35
C GLN A 52 5.50 6.34 9.76
N ARG A 53 4.72 7.01 10.61
CA ARG A 53 3.74 7.98 10.14
C ARG A 53 4.47 9.29 10.04
N LYS A 54 4.41 9.94 8.88
CA LYS A 54 5.14 11.18 8.67
C LYS A 54 4.18 12.36 8.66
N GLU A 55 4.55 13.41 9.37
CA GLU A 55 3.74 14.61 9.50
C GLU A 55 4.59 15.83 9.13
N PRO A 56 4.07 16.75 8.30
CA PRO A 56 4.80 17.99 8.07
C PRO A 56 4.76 18.90 9.28
N LEU A 57 5.75 19.77 9.36
CA LEU A 57 5.93 20.64 10.50
C LEU A 57 5.25 21.98 10.31
N ILE A 58 5.00 22.66 11.42
CA ILE A 58 4.58 24.05 11.45
C ILE A 58 5.71 24.84 12.10
N SER A 59 6.14 25.90 11.43
CA SER A 59 7.34 26.62 11.81
C SER A 59 7.03 28.03 12.26
N SER A 60 7.81 28.50 13.22
CA SER A 60 7.87 29.90 13.59
C SER A 60 9.32 30.35 13.50
N VAL A 61 9.56 31.45 12.82
CA VAL A 61 10.89 32.00 12.62
C VAL A 61 10.97 33.35 13.28
N HIS A 62 12.08 33.61 13.97
CA HIS A 62 12.35 34.88 14.61
C HIS A 62 13.78 35.27 14.29
N THR A 63 13.94 36.38 13.58
CA THR A 63 15.24 36.84 13.12
C THR A 63 15.67 38.09 13.84
N LYS A 64 16.97 38.20 14.07
CA LYS A 64 17.59 39.40 14.64
C LYS A 64 18.86 39.69 13.87
N VAL A 65 18.83 40.75 13.07
CA VAL A 65 19.98 41.20 12.30
C VAL A 65 20.74 42.21 13.12
N LYS A 66 22.06 42.03 13.18
CA LYS A 66 22.92 42.96 13.90
C LYS A 66 24.03 43.39 12.98
N GLY A 67 24.29 44.68 12.93
CA GLY A 67 25.33 45.23 12.07
C GLY A 67 25.06 46.67 11.73
N VAL A 68 26.11 47.48 11.68
CA VAL A 68 26.00 48.90 11.40
C VAL A 68 26.97 49.26 10.29
N ALA A 69 26.55 50.18 9.43
CA ALA A 69 27.35 50.63 8.29
C ALA A 69 27.50 52.13 8.33
N GLU A 70 28.63 52.60 7.81
CA GLU A 70 28.92 54.02 7.68
C GLU A 70 29.00 54.37 6.20
N VAL A 71 28.28 55.42 5.81
CA VAL A 71 28.19 55.84 4.42
C VAL A 71 28.60 57.31 4.33
N THR A 72 29.53 57.61 3.44
CA THR A 72 29.96 58.97 3.15
C THR A 72 29.38 59.38 1.80
N GLU A 73 28.59 60.44 1.79
CA GLU A 73 27.95 60.91 0.57
C GLU A 73 27.83 62.43 0.56
N LYS A 82 27.53 69.48 0.51
CA LYS A 82 28.51 69.23 1.56
C LYS A 82 28.59 67.75 1.87
N LEU A 83 29.77 67.30 2.31
CA LEU A 83 29.95 65.90 2.66
C LEU A 83 29.05 65.53 3.83
N VAL A 84 28.37 64.39 3.71
CA VAL A 84 27.45 63.92 4.74
C VAL A 84 27.95 62.55 5.20
N HIS A 85 28.13 62.41 6.52
CA HIS A 85 28.56 61.17 7.12
C HIS A 85 27.37 60.56 7.87
N GLY A 86 26.97 59.36 7.47
CA GLY A 86 25.77 58.73 7.99
C GLY A 86 26.06 57.43 8.69
N ILE A 87 25.19 57.06 9.62
CA ILE A 87 25.26 55.81 10.35
C ILE A 87 23.95 55.06 10.10
N PHE A 88 24.04 53.78 9.77
CA PHE A 88 22.91 52.96 9.39
C PHE A 88 22.79 51.78 10.34
N ASP A 89 21.71 51.74 11.12
CA ASP A 89 21.44 50.66 12.05
C ASP A 89 20.11 49.97 11.70
N THR A 90 19.70 49.05 12.57
CA THR A 90 18.54 48.20 12.30
C THR A 90 17.25 49.01 12.19
N ALA A 91 17.23 50.19 12.77
CA ALA A 91 16.07 51.07 12.62
C ALA A 91 16.19 51.84 11.33
N ASP A 92 17.26 51.61 10.57
CA ASP A 92 17.50 52.35 9.33
C ASP A 92 17.49 51.46 8.10
N TYR A 93 18.32 50.42 8.07
CA TYR A 93 18.43 49.58 6.89
C TYR A 93 17.56 48.32 6.92
N THR A 94 16.89 48.05 8.04
CA THR A 94 16.03 46.88 8.11
C THR A 94 14.58 47.24 8.39
N LEU A 95 13.67 46.37 7.99
CA LEU A 95 12.25 46.63 8.13
C LEU A 95 11.74 46.00 9.42
N PRO A 96 10.49 46.24 9.78
CA PRO A 96 9.90 45.51 10.91
C PRO A 96 9.79 44.03 10.66
N LEU A 97 10.21 43.57 9.49
CA LEU A 97 10.22 42.15 9.20
C LEU A 97 11.15 41.38 10.13
N GLN A 98 10.60 40.54 10.98
CA GLN A 98 11.42 39.69 11.84
C GLN A 98 10.94 38.25 11.86
N GLY A 99 10.34 37.78 10.76
CA GLY A 99 9.86 36.42 10.70
C GLY A 99 10.47 35.61 9.58
N ASN A 100 9.63 35.01 8.75
CA ASN A 100 10.11 34.14 7.68
C ASN A 100 10.94 34.91 6.66
N SER A 101 10.81 36.22 6.61
CA SER A 101 11.56 37.04 5.68
C SER A 101 12.12 38.26 6.42
N PHE A 102 13.29 38.70 5.99
CA PHE A 102 13.86 39.96 6.46
C PHE A 102 14.64 40.59 5.33
N PHE A 103 14.72 41.92 5.37
CA PHE A 103 15.30 42.71 4.31
C PHE A 103 16.51 43.46 4.83
N VAL A 104 17.61 43.37 4.10
CA VAL A 104 18.85 44.07 4.42
C VAL A 104 19.17 45.00 3.26
N MET A 105 19.15 46.30 3.53
CA MET A 105 19.39 47.29 2.49
C MET A 105 20.87 47.34 2.16
N THR A 106 21.18 47.27 0.87
CA THR A 106 22.54 47.29 0.39
C THR A 106 22.85 48.50 -0.48
N ASN A 107 21.84 49.30 -0.83
CA ASN A 107 22.04 50.48 -1.65
C ASN A 107 20.74 51.27 -1.61
N TYR A 108 20.78 52.50 -2.07
CA TYR A 108 19.60 53.34 -2.03
C TYR A 108 19.77 54.55 -2.94
N LEU A 109 18.64 55.14 -3.29
CA LEU A 109 18.58 56.41 -4.02
C LEU A 109 17.67 57.34 -3.24
N LYS A 110 18.07 58.60 -3.12
CA LYS A 110 17.35 59.57 -2.32
C LYS A 110 16.76 60.68 -3.20
N SER A 111 15.59 61.16 -2.79
CA SER A 111 14.93 62.28 -3.44
C SER A 111 14.19 63.06 -2.36
N GLU A 112 14.78 64.15 -1.90
CA GLU A 112 14.24 64.95 -0.81
C GLU A 112 13.36 66.07 -1.37
N GLY A 113 12.31 66.40 -0.64
CA GLY A 113 11.45 67.51 -1.00
C GLY A 113 10.63 67.27 -2.24
N GLN A 114 9.68 66.36 -2.14
CA GLN A 114 8.79 66.02 -3.25
C GLN A 114 7.44 66.69 -3.05
N GLU A 115 6.93 67.28 -4.13
CA GLU A 115 5.63 67.93 -4.10
C GLU A 115 4.86 67.51 -5.34
N GLN A 116 3.55 67.42 -5.22
CA GLN A 116 2.70 66.97 -6.32
C GLN A 116 2.43 68.15 -7.24
N LYS A 117 3.12 68.20 -8.37
CA LYS A 117 3.04 69.31 -9.30
C LYS A 117 3.52 68.82 -10.67
N LEU A 118 3.54 69.74 -11.63
CA LEU A 118 4.06 69.42 -12.95
C LEU A 118 5.58 69.54 -12.96
N CYS A 119 6.23 68.63 -13.68
CA CYS A 119 7.67 68.60 -13.77
C CYS A 119 8.08 67.72 -14.94
N PRO A 120 9.30 67.86 -15.43
CA PRO A 120 9.76 66.97 -16.50
C PRO A 120 10.15 65.61 -15.97
N GLU A 121 9.71 64.57 -16.67
CA GLU A 121 10.05 63.20 -16.28
C GLU A 121 11.54 62.95 -16.50
N TYR A 122 12.09 62.06 -15.68
CA TYR A 122 13.53 61.80 -15.68
C TYR A 122 13.95 61.19 -17.01
N PRO A 123 14.92 61.76 -17.72
CA PRO A 123 15.37 61.15 -18.97
C PRO A 123 16.25 59.94 -18.73
N SER A 124 15.73 58.75 -19.04
CA SER A 124 16.48 57.52 -18.84
C SER A 124 16.01 56.48 -19.83
N ARG A 125 16.90 55.53 -20.13
CA ARG A 125 16.60 54.45 -21.07
C ARG A 125 16.12 55.01 -22.41
N GLY A 126 16.71 56.11 -22.83
CA GLY A 126 16.32 56.73 -24.08
C GLY A 126 14.88 57.21 -24.10
N LYS A 127 14.42 57.77 -22.98
CA LYS A 127 13.07 58.32 -22.89
C LYS A 127 13.03 59.81 -23.18
N GLN A 128 14.16 60.41 -23.52
CA GLN A 128 14.19 61.85 -23.80
C GLN A 128 13.24 62.18 -24.94
N CYS A 129 12.44 63.21 -24.74
CA CYS A 129 11.47 63.63 -25.75
C CYS A 129 12.11 64.58 -26.76
N HIS A 130 11.67 64.47 -28.01
CA HIS A 130 12.16 65.34 -29.08
C HIS A 130 11.07 66.19 -29.72
N SER A 131 9.80 65.80 -29.61
CA SER A 131 8.70 66.54 -30.21
C SER A 131 7.56 66.67 -29.21
N ASP A 132 6.89 67.82 -29.23
CA ASP A 132 5.76 68.04 -28.32
C ASP A 132 4.63 67.04 -28.60
N GLN A 133 4.35 66.78 -29.88
CA GLN A 133 3.26 65.88 -30.22
C GLN A 133 3.47 64.48 -29.68
N GLY A 134 4.71 64.08 -29.44
CA GLY A 134 4.95 62.74 -28.94
C GLY A 134 4.32 62.49 -27.59
N CYS A 135 4.43 63.45 -26.68
CA CYS A 135 3.84 63.32 -25.36
C CYS A 135 2.32 63.33 -25.45
N ILE A 136 1.69 62.46 -24.68
CA ILE A 136 0.24 62.32 -24.68
C ILE A 136 -0.33 63.00 -23.44
N LYS A 137 -1.59 63.41 -23.53
CA LYS A 137 -2.28 64.08 -22.44
C LYS A 137 -3.19 63.10 -21.72
N GLY A 138 -3.10 63.07 -20.40
CA GLY A 138 -3.90 62.15 -19.61
C GLY A 138 -3.43 60.72 -19.61
N TRP A 139 -2.23 60.46 -20.10
CA TRP A 139 -1.71 59.10 -20.23
C TRP A 139 -1.01 58.69 -18.94
N MET A 140 -1.44 57.58 -18.36
CA MET A 140 -0.76 57.04 -17.19
C MET A 140 0.58 56.47 -17.60
N ASP A 141 1.63 56.81 -16.86
CA ASP A 141 3.00 56.41 -17.16
C ASP A 141 3.59 55.74 -15.94
N PRO A 142 3.37 54.44 -15.77
CA PRO A 142 3.96 53.74 -14.62
C PRO A 142 5.48 53.85 -14.57
N GLN A 143 6.14 53.92 -15.73
CA GLN A 143 7.59 54.07 -15.73
C GLN A 143 8.00 55.39 -15.09
N SER A 144 7.29 56.47 -15.40
CA SER A 144 7.56 57.78 -14.82
C SER A 144 6.70 58.07 -13.60
N LYS A 145 5.60 57.32 -13.41
CA LYS A 145 4.72 57.48 -12.26
C LYS A 145 4.11 58.89 -12.23
N GLY A 146 3.41 59.21 -13.32
CA GLY A 146 2.72 60.48 -13.44
C GLY A 146 1.80 60.45 -14.64
N ILE A 147 1.01 61.51 -14.75
CA ILE A 147 0.08 61.69 -15.87
C ILE A 147 0.68 62.73 -16.79
N GLN A 148 0.99 62.32 -18.02
CA GLN A 148 1.56 63.25 -18.99
C GLN A 148 0.51 64.28 -19.40
N THR A 149 0.95 65.53 -19.52
CA THR A 149 0.07 66.62 -19.93
C THR A 149 0.04 66.83 -21.44
N GLY A 150 0.83 66.07 -22.19
CA GLY A 150 0.86 66.18 -23.63
C GLY A 150 1.82 67.20 -24.20
N ARG A 151 2.49 67.97 -23.34
CA ARG A 151 3.43 69.00 -23.78
C ARG A 151 4.84 68.61 -23.37
N CYS A 152 5.75 68.65 -24.33
CA CYS A 152 7.16 68.35 -24.07
C CYS A 152 7.86 69.57 -23.48
N ILE A 153 8.73 69.34 -22.51
CA ILE A 153 9.45 70.41 -21.86
C ILE A 153 10.90 69.97 -21.67
N PRO A 154 11.82 70.93 -21.53
CA PRO A 154 13.25 70.59 -21.39
C PRO A 154 13.58 70.22 -19.94
N TYR A 155 13.86 68.94 -19.72
CA TYR A 155 14.36 68.52 -18.42
C TYR A 155 15.73 69.12 -18.15
N ASP A 156 16.59 69.14 -19.16
CA ASP A 156 17.93 69.68 -19.06
C ASP A 156 18.27 70.42 -20.35
N GLN A 157 19.32 71.24 -20.29
CA GLN A 157 19.71 72.00 -21.47
C GLN A 157 20.09 71.11 -22.64
N LYS A 158 20.46 69.85 -22.38
CA LYS A 158 20.89 68.95 -23.43
C LYS A 158 19.74 68.13 -24.01
N ARG A 159 18.82 67.68 -23.17
CA ARG A 159 17.73 66.80 -23.60
C ARG A 159 16.43 67.25 -22.96
N LYS A 160 15.32 66.87 -23.59
CA LYS A 160 13.99 67.23 -23.15
C LYS A 160 13.17 65.98 -22.87
N THR A 161 12.19 66.14 -21.98
CA THR A 161 11.32 65.03 -21.58
C THR A 161 9.90 65.55 -21.42
N CYS A 162 8.95 64.61 -21.40
CA CYS A 162 7.55 64.96 -21.28
C CYS A 162 7.26 65.51 -19.88
N GLU A 163 6.13 66.21 -19.77
CA GLU A 163 5.73 66.83 -18.53
C GLU A 163 4.68 65.96 -17.84
N ILE A 164 4.93 65.63 -16.57
CA ILE A 164 4.06 64.75 -15.81
C ILE A 164 3.64 65.47 -14.53
N PHE A 165 2.35 65.41 -14.24
CA PHE A 165 1.85 65.90 -12.95
C PHE A 165 2.06 64.79 -11.94
N ALA A 166 3.19 64.84 -11.25
CA ALA A 166 3.54 63.82 -10.28
C ALA A 166 4.37 64.47 -9.18
N TRP A 167 5.01 63.64 -8.35
CA TRP A 167 5.91 64.16 -7.34
C TRP A 167 7.16 64.71 -8.00
N CYS A 168 7.59 65.88 -7.56
CA CYS A 168 8.75 66.53 -8.15
C CYS A 168 9.66 67.07 -7.06
N PRO A 169 10.99 67.01 -7.24
CA PRO A 169 11.69 66.54 -8.44
C PRO A 169 11.64 65.03 -8.61
N ALA A 170 11.69 64.58 -9.86
CA ALA A 170 11.58 63.16 -10.19
C ALA A 170 12.96 62.57 -10.41
N GLU A 171 13.11 61.30 -10.05
CA GLU A 171 14.38 60.59 -10.24
C GLU A 171 14.16 59.16 -10.71
N GLU A 172 13.04 58.87 -11.34
CA GLU A 172 12.77 57.52 -11.82
C GLU A 172 13.73 57.13 -12.93
N GLY A 173 14.05 55.84 -12.99
CA GLY A 173 14.92 55.31 -14.01
C GLY A 173 16.39 55.52 -13.77
N LYS A 174 16.76 56.22 -12.70
CA LYS A 174 18.16 56.36 -12.35
C LYS A 174 18.72 55.04 -11.85
N GLU A 175 19.89 54.67 -12.36
CA GLU A 175 20.49 53.40 -11.98
C GLU A 175 20.98 53.46 -10.54
N ALA A 176 20.96 52.31 -9.88
CA ALA A 176 21.50 52.23 -8.54
C ALA A 176 22.98 52.56 -8.56
N PRO A 177 23.47 53.32 -7.60
CA PRO A 177 24.90 53.67 -7.61
C PRO A 177 25.77 52.44 -7.54
N ARG A 178 26.88 52.48 -8.28
CA ARG A 178 27.85 51.41 -8.30
C ARG A 178 29.22 52.01 -7.97
N PRO A 179 29.93 51.49 -6.98
CA PRO A 179 29.62 50.33 -6.15
C PRO A 179 28.53 50.61 -5.13
N ALA A 180 27.95 49.55 -4.57
CA ALA A 180 26.87 49.69 -3.62
C ALA A 180 27.34 50.44 -2.39
N LEU A 181 26.52 51.38 -1.94
CA LEU A 181 26.88 52.19 -0.78
C LEU A 181 26.97 51.36 0.48
N LEU A 182 26.01 50.47 0.70
CA LEU A 182 26.04 49.56 1.85
C LEU A 182 26.59 48.21 1.44
N ARG A 183 27.84 48.21 1.00
CA ARG A 183 28.55 46.96 0.77
C ARG A 183 28.82 46.23 2.07
N SER A 184 29.06 46.99 3.15
CA SER A 184 29.41 46.41 4.44
C SER A 184 28.34 45.47 4.97
N ALA A 185 27.20 45.38 4.30
CA ALA A 185 26.16 44.46 4.75
C ALA A 185 26.63 43.01 4.69
N GLU A 186 27.66 42.72 3.91
CA GLU A 186 28.17 41.36 3.84
C GLU A 186 28.76 40.91 5.17
N ASN A 187 29.15 41.85 6.03
CA ASN A 187 29.72 41.53 7.33
C ASN A 187 28.68 41.44 8.43
N PHE A 188 27.43 41.73 8.10
CA PHE A 188 26.35 41.70 9.08
C PHE A 188 25.94 40.28 9.39
N THR A 189 25.48 40.07 10.61
CA THR A 189 25.15 38.75 11.10
C THR A 189 23.67 38.70 11.46
N VAL A 190 23.00 37.64 11.04
CA VAL A 190 21.60 37.41 11.35
C VAL A 190 21.50 36.16 12.20
N LEU A 191 20.78 36.26 13.30
CA LEU A 191 20.49 35.13 14.16
C LEU A 191 19.07 34.65 13.88
N ILE A 192 18.94 33.37 13.55
CA ILE A 192 17.66 32.77 13.20
C ILE A 192 17.27 31.80 14.29
N LYS A 193 16.11 32.02 14.88
CA LYS A 193 15.52 31.13 15.86
C LYS A 193 14.32 30.46 15.20
N ASN A 194 14.39 29.15 15.06
CA ASN A 194 13.37 28.37 14.37
C ASN A 194 12.71 27.43 15.38
N ASN A 195 11.40 27.57 15.52
CA ASN A 195 10.60 26.69 16.35
C ASN A 195 9.69 25.87 15.44
N ILE A 196 9.76 24.55 15.57
CA ILE A 196 8.94 23.66 14.78
C ILE A 196 8.12 22.79 15.73
N ASP A 197 7.05 22.24 15.19
CA ASP A 197 6.15 21.37 15.95
C ASP A 197 5.54 20.36 14.99
N PHE A 198 5.29 19.17 15.51
CA PHE A 198 4.51 18.16 14.82
C PHE A 198 3.28 17.89 15.66
N PRO A 199 2.20 18.64 15.47
CA PRO A 199 1.06 18.53 16.39
C PRO A 199 0.45 17.15 16.44
N GLY A 200 0.44 16.42 15.33
CA GLY A 200 -0.04 15.05 15.36
C GLY A 200 0.80 14.16 16.24
N HIS A 201 2.12 14.30 16.16
CA HIS A 201 3.03 13.57 17.01
C HIS A 201 3.29 14.26 18.33
N ASN A 202 2.76 15.46 18.52
CA ASN A 202 2.91 16.21 19.76
C ASN A 202 4.39 16.34 20.13
N TYR A 203 5.18 16.79 19.18
CA TYR A 203 6.60 17.03 19.39
C TYR A 203 6.95 18.43 18.94
N THR A 204 7.72 19.11 19.79
CA THR A 204 8.20 20.45 19.50
C THR A 204 9.67 20.52 19.83
N THR A 205 10.41 21.28 19.03
CA THR A 205 11.82 21.49 19.26
C THR A 205 12.22 22.81 18.62
N ARG A 206 13.47 23.18 18.84
CA ARG A 206 13.99 24.44 18.36
C ARG A 206 15.45 24.26 17.95
N ASN A 207 15.93 25.18 17.13
CA ASN A 207 17.25 25.06 16.54
C ASN A 207 18.35 25.51 17.48
N ILE A 208 18.02 26.16 18.59
CA ILE A 208 18.99 26.55 19.60
C ILE A 208 18.67 25.81 20.88
N LEU A 209 19.58 24.92 21.26
CA LEU A 209 19.43 24.11 22.44
C LEU A 209 20.38 24.56 23.54
N PRO A 210 20.08 24.27 24.79
CA PRO A 210 21.01 24.65 25.87
C PRO A 210 22.36 24.00 25.68
N GLY A 211 23.41 24.75 26.02
CA GLY A 211 24.76 24.25 25.88
C GLY A 211 25.40 24.50 24.52
N MET A 212 24.88 25.46 23.76
CA MET A 212 25.40 25.77 22.44
C MET A 212 26.10 27.13 22.50
N ASN A 213 27.25 27.23 21.86
CA ASN A 213 28.05 28.45 21.95
C ASN A 213 27.39 29.58 21.17
N ILE A 214 27.71 30.80 21.59
CA ILE A 214 27.10 31.99 21.01
C ILE A 214 28.07 32.81 20.16
N SER A 215 29.38 32.64 20.35
CA SER A 215 30.37 33.37 19.58
C SER A 215 30.68 32.69 18.26
N CYS A 216 29.78 31.85 17.77
CA CYS A 216 29.95 31.06 16.57
C CYS A 216 29.24 31.68 15.37
N THR A 217 29.76 31.35 14.19
CA THR A 217 29.12 31.64 12.92
C THR A 217 29.03 30.35 12.12
N PHE A 218 27.99 30.27 11.31
CA PHE A 218 27.69 29.03 10.62
C PHE A 218 28.77 28.67 9.62
N HIS A 219 29.12 27.39 9.59
CA HIS A 219 29.92 26.82 8.52
C HIS A 219 29.41 25.41 8.25
N LYS A 220 29.55 24.97 7.00
CA LYS A 220 29.03 23.66 6.62
C LYS A 220 29.61 22.56 7.48
N THR A 221 30.92 22.64 7.76
CA THR A 221 31.63 21.59 8.48
C THR A 221 31.93 21.96 9.92
N TRP A 222 32.53 23.12 10.16
CA TRP A 222 32.98 23.46 11.51
C TRP A 222 31.81 23.75 12.44
N ASN A 223 30.85 24.57 11.99
CA ASN A 223 29.71 24.99 12.81
C ASN A 223 28.44 24.84 11.98
N PRO A 224 28.02 23.61 11.70
CA PRO A 224 26.80 23.41 10.92
C PRO A 224 25.52 23.70 11.69
N GLN A 225 25.58 23.79 13.02
CA GLN A 225 24.39 24.01 13.83
C GLN A 225 24.34 25.40 14.43
N CYS A 226 25.20 26.30 13.98
CA CYS A 226 25.19 27.66 14.48
C CYS A 226 24.12 28.46 13.74
N PRO A 227 23.13 29.01 14.43
CA PRO A 227 22.07 29.74 13.71
C PRO A 227 22.42 31.19 13.46
N ILE A 228 23.69 31.54 13.60
CA ILE A 228 24.18 32.88 13.31
C ILE A 228 24.89 32.84 11.97
N PHE A 229 24.40 33.64 11.02
CA PHE A 229 24.86 33.61 9.66
C PHE A 229 25.41 34.96 9.24
N ARG A 230 26.56 34.93 8.58
CA ARG A 230 27.12 36.10 7.92
C ARG A 230 26.67 36.09 6.46
N LEU A 231 26.10 37.22 6.03
CA LEU A 231 25.46 37.27 4.72
C LEU A 231 26.45 36.98 3.60
N GLY A 232 27.66 37.53 3.69
CA GLY A 232 28.67 37.23 2.71
C GLY A 232 28.98 35.75 2.63
N ASP A 233 29.02 35.09 3.79
CA ASP A 233 29.25 33.65 3.80
C ASP A 233 28.09 32.92 3.12
N ILE A 234 26.87 33.37 3.37
CA ILE A 234 25.70 32.80 2.68
C ILE A 234 25.90 32.88 1.19
N PHE A 235 26.30 34.04 0.70
CA PHE A 235 26.44 34.23 -0.73
C PHE A 235 27.58 33.41 -1.31
N GLN A 236 28.72 33.36 -0.60
CA GLN A 236 29.89 32.68 -1.14
C GLN A 236 29.81 31.17 -0.99
N GLU A 237 28.90 30.66 -0.16
CA GLU A 237 28.70 29.22 -0.09
C GLU A 237 28.02 28.68 -1.33
N ILE A 238 27.42 29.56 -2.14
CA ILE A 238 26.69 29.16 -3.33
C ILE A 238 27.18 29.91 -4.56
N GLY A 239 28.37 30.48 -4.49
CA GLY A 239 28.96 31.14 -5.65
C GLY A 239 28.23 32.38 -6.10
N GLU A 240 27.85 33.23 -5.16
CA GLU A 240 27.20 34.50 -5.47
C GLU A 240 28.05 35.64 -4.97
N ASN A 241 28.11 36.71 -5.76
CA ASN A 241 28.97 37.85 -5.47
C ASN A 241 28.12 38.92 -4.79
N PHE A 242 28.26 39.04 -3.48
CA PHE A 242 27.44 39.98 -2.72
C PHE A 242 27.63 41.41 -3.19
N THR A 243 28.85 41.75 -3.60
CA THR A 243 29.11 43.12 -4.03
C THR A 243 28.29 43.47 -5.27
N GLU A 244 28.15 42.52 -6.20
CA GLU A 244 27.36 42.77 -7.40
C GLU A 244 25.88 42.79 -7.09
N VAL A 245 25.40 41.84 -6.27
CA VAL A 245 23.99 41.78 -5.94
C VAL A 245 23.56 43.00 -5.14
N ALA A 246 24.48 43.58 -4.38
CA ALA A 246 24.16 44.73 -3.55
C ALA A 246 23.70 45.93 -4.35
N VAL A 247 24.08 46.00 -5.62
CA VAL A 247 23.75 47.17 -6.43
C VAL A 247 22.26 47.23 -6.71
N GLN A 248 21.74 46.23 -7.41
CA GLN A 248 20.34 46.15 -7.74
C GLN A 248 19.53 45.33 -6.73
N GLY A 249 20.20 44.52 -5.94
CA GLY A 249 19.53 43.69 -4.97
C GLY A 249 19.23 42.31 -5.47
N GLY A 250 18.56 41.55 -4.62
CA GLY A 250 18.18 40.20 -4.96
C GLY A 250 17.36 39.58 -3.86
N ILE A 251 17.09 38.29 -4.02
CA ILE A 251 16.37 37.50 -3.04
C ILE A 251 17.19 36.24 -2.79
N MET A 252 17.46 35.97 -1.52
CA MET A 252 18.19 34.78 -1.11
C MET A 252 17.34 33.96 -0.17
N GLY A 253 17.54 32.65 -0.24
CA GLY A 253 16.77 31.73 0.56
C GLY A 253 17.63 30.95 1.53
N ILE A 254 17.20 30.92 2.78
CA ILE A 254 17.86 30.14 3.81
C ILE A 254 16.95 28.97 4.11
N GLU A 255 17.20 27.84 3.44
CA GLU A 255 16.40 26.65 3.66
C GLU A 255 16.81 25.99 4.98
N ILE A 256 15.82 25.64 5.78
CA ILE A 256 16.02 24.92 7.02
C ILE A 256 15.23 23.63 6.91
N TYR A 257 15.94 22.52 6.74
CA TYR A 257 15.33 21.22 6.53
C TYR A 257 15.37 20.43 7.83
N TRP A 258 14.24 19.84 8.18
CA TRP A 258 14.09 19.04 9.39
C TRP A 258 13.72 17.63 8.99
N ASP A 259 14.72 16.77 8.82
CA ASP A 259 14.50 15.33 8.68
C ASP A 259 14.57 14.76 10.08
N CYS A 260 13.41 14.66 10.72
CA CYS A 260 13.31 14.42 12.14
C CYS A 260 12.70 13.05 12.39
N ASN A 261 13.39 12.25 13.20
CA ASN A 261 12.91 10.96 13.65
C ASN A 261 12.54 11.07 15.11
N LEU A 262 11.27 10.83 15.41
CA LEU A 262 10.74 10.99 16.76
C LEU A 262 10.71 9.69 17.53
N ASP A 263 11.21 8.62 16.96
CA ASP A 263 11.32 7.36 17.68
C ASP A 263 12.43 7.45 18.71
N SER A 264 12.16 6.92 19.90
CA SER A 264 13.10 7.05 21.01
C SER A 264 14.43 6.40 20.68
N TRP A 265 14.41 5.22 20.06
CA TRP A 265 15.63 4.49 19.78
C TRP A 265 16.41 5.06 18.61
N SER A 266 15.81 5.96 17.83
CA SER A 266 16.48 6.55 16.68
C SER A 266 16.19 8.03 16.62
N HIS A 267 16.20 8.70 17.77
CA HIS A 267 15.77 10.09 17.88
C HIS A 267 16.91 11.00 17.43
N ARG A 268 16.68 11.73 16.34
CA ARG A 268 17.53 12.85 15.98
C ARG A 268 16.68 13.82 15.18
N CYS A 269 16.48 15.02 15.73
CA CYS A 269 15.71 16.08 15.10
C CYS A 269 16.63 17.29 15.07
N GLN A 270 17.43 17.40 14.00
CA GLN A 270 18.37 18.47 13.83
C GLN A 270 18.10 19.18 12.51
N PRO A 271 18.34 20.49 12.45
CA PRO A 271 18.17 21.20 11.18
C PRO A 271 19.39 21.13 10.29
N LYS A 272 19.13 21.17 8.99
CA LYS A 272 20.15 21.26 7.97
C LYS A 272 19.95 22.57 7.24
N TYR A 273 20.97 23.43 7.27
CA TYR A 273 20.89 24.75 6.67
C TYR A 273 21.49 24.73 5.28
N SER A 274 20.74 25.26 4.32
CA SER A 274 21.21 25.36 2.95
C SER A 274 20.71 26.69 2.39
N PHE A 275 21.38 27.15 1.35
CA PHE A 275 21.12 28.46 0.78
C PHE A 275 20.84 28.34 -0.71
N ARG A 276 20.04 29.28 -1.20
CA ARG A 276 19.56 29.23 -2.58
C ARG A 276 19.13 30.62 -2.99
N ARG A 277 19.67 31.11 -4.10
CA ARG A 277 19.23 32.36 -4.66
C ARG A 277 17.87 32.18 -5.33
N LEU A 278 16.93 33.06 -4.98
CA LEU A 278 15.55 32.92 -5.42
C LEU A 278 15.16 33.92 -6.50
N ASP A 279 16.06 34.81 -6.90
CA ASP A 279 15.81 35.75 -7.97
C ASP A 279 16.70 35.40 -9.15
N ASP A 280 16.13 35.43 -10.35
CA ASP A 280 16.88 35.08 -11.53
C ASP A 280 17.97 36.11 -11.80
N LYS A 281 19.20 35.63 -11.96
CA LYS A 281 20.31 36.52 -12.24
C LYS A 281 20.12 37.25 -13.56
N TYR A 282 19.59 36.55 -14.57
CA TYR A 282 19.44 37.07 -15.91
C TYR A 282 18.03 37.54 -16.20
N THR A 283 17.36 38.11 -15.21
CA THR A 283 16.05 38.70 -15.44
C THR A 283 16.15 39.82 -16.45
N ASN A 284 15.18 39.89 -17.35
CA ASN A 284 15.18 40.93 -18.37
C ASN A 284 15.02 42.30 -17.72
N GLU A 285 15.70 43.30 -18.29
CA GLU A 285 15.69 44.63 -17.70
C GLU A 285 14.28 45.19 -17.62
N SER A 286 13.37 44.67 -18.45
CA SER A 286 11.98 45.11 -18.43
C SER A 286 11.15 44.40 -17.39
N LEU A 287 11.72 43.42 -16.68
CA LEU A 287 11.01 42.67 -15.65
C LEU A 287 11.42 43.11 -14.25
N PHE A 288 12.04 44.27 -14.11
CA PHE A 288 12.41 44.79 -12.81
C PHE A 288 13.38 43.85 -12.11
N PRO A 289 14.62 43.76 -12.58
CA PRO A 289 15.59 42.87 -11.96
C PRO A 289 15.92 43.30 -10.53
N GLY A 290 16.35 42.33 -9.76
CA GLY A 290 16.75 42.60 -8.40
C GLY A 290 15.57 42.73 -7.46
N TYR A 291 15.82 43.39 -6.34
CA TYR A 291 14.83 43.65 -5.33
C TYR A 291 14.96 45.08 -4.86
N ASN A 292 13.87 45.83 -4.94
CA ASN A 292 13.86 47.20 -4.47
C ASN A 292 12.43 47.57 -4.09
N PHE A 293 12.32 48.59 -3.26
CA PHE A 293 11.02 49.14 -2.90
C PHE A 293 11.19 50.61 -2.60
N ARG A 294 10.15 51.38 -2.92
CA ARG A 294 10.15 52.82 -2.76
C ARG A 294 9.28 53.16 -1.56
N TYR A 295 9.91 53.68 -0.51
CA TYR A 295 9.23 54.02 0.72
C TYR A 295 9.44 55.48 1.02
N ALA A 296 8.37 56.15 1.45
CA ALA A 296 8.33 57.59 1.53
C ALA A 296 8.06 58.05 2.95
N LYS A 297 8.77 59.09 3.37
CA LYS A 297 8.53 59.76 4.64
C LYS A 297 7.82 61.08 4.35
N TYR A 298 6.66 61.27 4.98
CA TYR A 298 5.83 62.44 4.76
C TYR A 298 6.04 63.45 5.88
N TYR A 299 5.89 64.72 5.54
CA TYR A 299 6.09 65.80 6.50
C TYR A 299 5.44 67.06 5.95
N LYS A 300 5.40 68.10 6.79
CA LYS A 300 4.83 69.40 6.42
C LYS A 300 5.96 70.41 6.43
N GLU A 301 6.03 71.22 5.37
CA GLU A 301 7.07 72.23 5.22
C GLU A 301 6.44 73.56 4.83
N ASN A 302 6.43 74.51 5.76
CA ASN A 302 6.00 75.87 5.50
C ASN A 302 4.50 75.98 5.26
N GLY A 303 3.79 74.86 5.29
CA GLY A 303 2.35 74.87 5.11
C GLY A 303 1.87 73.93 4.03
N MET A 304 2.80 73.23 3.39
CA MET A 304 2.47 72.29 2.31
C MET A 304 2.99 70.91 2.67
N GLU A 305 2.27 69.90 2.23
CA GLU A 305 2.62 68.51 2.55
C GLU A 305 3.68 68.03 1.56
N LYS A 306 4.86 67.72 2.07
CA LYS A 306 5.99 67.31 1.25
C LYS A 306 6.33 65.85 1.55
N ARG A 307 7.11 65.26 0.65
CA ARG A 307 7.46 63.85 0.71
C ARG A 307 8.94 63.66 0.39
N THR A 308 9.56 62.72 1.09
CA THR A 308 10.93 62.31 0.83
C THR A 308 10.92 60.86 0.40
N LEU A 309 11.44 60.59 -0.79
CA LEU A 309 11.38 59.28 -1.39
C LEU A 309 12.74 58.60 -1.36
N ILE A 310 12.76 57.35 -0.90
CA ILE A 310 13.96 56.54 -0.86
C ILE A 310 13.67 55.26 -1.63
N LYS A 311 14.45 55.00 -2.67
CA LYS A 311 14.39 53.75 -3.42
C LYS A 311 15.49 52.86 -2.88
N ALA A 312 15.09 51.87 -2.10
CA ALA A 312 16.04 51.03 -1.38
C ALA A 312 16.25 49.74 -2.15
N PHE A 313 17.50 49.47 -2.50
CA PHE A 313 17.90 48.21 -3.08
C PHE A 313 18.52 47.35 -1.99
N GLY A 314 18.18 46.08 -1.98
CA GLY A 314 18.71 45.21 -0.95
C GLY A 314 18.45 43.76 -1.29
N VAL A 315 18.78 42.92 -0.32
CA VAL A 315 18.60 41.48 -0.42
C VAL A 315 17.51 41.09 0.56
N ARG A 316 16.44 40.48 0.05
CA ARG A 316 15.39 39.94 0.88
C ARG A 316 15.71 38.48 1.14
N PHE A 317 15.91 38.14 2.41
CA PHE A 317 16.23 36.79 2.80
C PHE A 317 14.95 36.08 3.22
N ASP A 318 14.60 35.05 2.49
CA ASP A 318 13.39 34.28 2.75
C ASP A 318 13.80 32.99 3.44
N ILE A 319 13.41 32.84 4.70
CA ILE A 319 13.71 31.63 5.46
C ILE A 319 12.63 30.60 5.13
N LEU A 320 13.04 29.53 4.46
CA LEU A 320 12.13 28.49 4.02
C LEU A 320 12.35 27.27 4.89
N VAL A 321 11.37 26.98 5.74
CA VAL A 321 11.44 25.88 6.69
C VAL A 321 10.50 24.78 6.23
N PHE A 322 11.04 23.57 6.10
CA PHE A 322 10.29 22.43 5.62
C PHE A 322 10.88 21.19 6.25
N GLY A 323 10.09 20.14 6.26
CA GLY A 323 10.54 18.87 6.81
C GLY A 323 9.38 18.02 7.24
N THR A 324 9.72 16.82 7.69
CA THR A 324 8.76 15.82 8.09
C THR A 324 9.23 15.16 9.37
N GLY A 325 8.28 14.77 10.21
CA GLY A 325 8.58 14.06 11.42
C GLY A 325 7.93 12.70 11.45
N GLY A 326 8.76 11.66 11.53
CA GLY A 326 8.29 10.29 11.50
C GLY A 326 8.26 9.68 12.89
N LYS A 327 7.18 8.96 13.16
CA LYS A 327 7.02 8.18 14.37
C LYS A 327 6.40 6.85 13.99
N PHE A 328 6.80 5.80 14.71
CA PHE A 328 6.32 4.47 14.41
C PHE A 328 4.80 4.42 14.46
N ASP A 329 4.19 3.84 13.43
CA ASP A 329 2.77 3.59 13.38
C ASP A 329 2.54 2.14 12.98
N ILE A 330 1.75 1.43 13.77
CA ILE A 330 1.52 0.02 13.51
C ILE A 330 0.72 -0.16 12.23
N ILE A 331 -0.22 0.73 11.96
CA ILE A 331 -1.06 0.61 10.78
C ILE A 331 -0.23 0.69 9.51
N GLN A 332 0.71 1.64 9.47
CA GLN A 332 1.54 1.79 8.29
C GLN A 332 2.40 0.57 8.05
N LEU A 333 2.99 0.02 9.12
CA LEU A 333 3.79 -1.19 8.99
C LEU A 333 2.95 -2.37 8.52
N VAL A 334 1.75 -2.50 9.06
CA VAL A 334 0.86 -3.58 8.65
C VAL A 334 0.53 -3.44 7.17
N VAL A 335 0.22 -2.23 6.73
CA VAL A 335 -0.12 -2.01 5.33
C VAL A 335 1.06 -2.34 4.43
N TYR A 336 2.26 -1.92 4.82
CA TYR A 336 3.44 -2.21 4.00
C TYR A 336 3.70 -3.70 3.92
N ILE A 337 3.58 -4.40 5.05
CA ILE A 337 3.82 -5.83 5.06
C ILE A 337 2.78 -6.54 4.21
N GLY A 338 1.52 -6.13 4.30
CA GLY A 338 0.50 -6.72 3.47
C GLY A 338 0.74 -6.46 2.00
N SER A 339 1.28 -5.29 1.67
CA SER A 339 1.63 -4.98 0.29
C SER A 339 2.73 -5.91 -0.20
N THR A 340 3.73 -6.17 0.63
CA THR A 340 4.90 -6.92 0.21
C THR A 340 4.76 -8.43 0.38
N LEU A 341 3.68 -8.90 1.03
CA LEU A 341 3.54 -10.33 1.28
C LEU A 341 3.46 -11.12 -0.01
N SER A 342 2.72 -10.61 -1.00
CA SER A 342 2.52 -11.34 -2.24
C SER A 342 3.81 -11.50 -3.02
N TYR A 343 4.86 -10.76 -2.68
CA TYR A 343 6.12 -10.91 -3.37
C TYR A 343 6.86 -12.17 -2.95
N PHE A 344 6.41 -12.81 -1.88
CA PHE A 344 7.03 -14.05 -1.43
C PHE A 344 6.56 -15.26 -2.23
N GLY A 345 5.60 -15.08 -3.12
CA GLY A 345 5.21 -16.11 -4.07
C GLY A 345 6.02 -16.13 -5.33
N LEU A 346 7.06 -15.30 -5.40
CA LEU A 346 7.91 -15.26 -6.59
C LEU A 346 8.61 -16.58 -6.81
N ALA A 347 9.10 -17.20 -5.75
CA ALA A 347 9.77 -18.49 -5.88
C ALA A 347 8.82 -19.53 -6.46
N THR A 348 7.62 -19.59 -5.91
CA THR A 348 6.62 -20.53 -6.42
C THR A 348 6.32 -20.27 -7.87
N VAL A 349 6.13 -19.00 -8.23
CA VAL A 349 5.80 -18.66 -9.62
C VAL A 349 6.92 -19.10 -10.56
N CYS A 350 8.16 -18.76 -10.22
CA CYS A 350 9.28 -19.07 -11.09
C CYS A 350 9.49 -20.56 -11.22
N ILE A 351 9.44 -21.29 -10.11
CA ILE A 351 9.71 -22.73 -10.16
C ILE A 351 8.58 -23.45 -10.89
N ASP A 352 7.34 -23.04 -10.66
CA ASP A 352 6.23 -23.64 -11.40
C ASP A 352 6.33 -23.34 -12.88
N LEU A 353 6.80 -22.14 -13.22
CA LEU A 353 7.02 -21.81 -14.62
C LEU A 353 8.08 -22.71 -15.24
N ILE A 354 9.17 -22.95 -14.50
CA ILE A 354 10.22 -23.84 -14.98
C ILE A 354 9.65 -25.24 -15.21
N ILE A 355 8.89 -25.74 -14.23
CA ILE A 355 8.30 -27.06 -14.34
C ILE A 355 7.39 -27.14 -15.57
N ASN A 356 6.54 -26.14 -15.74
CA ASN A 356 5.59 -26.16 -16.86
C ASN A 356 6.32 -26.11 -18.19
N THR A 357 7.36 -25.28 -18.29
CA THR A 357 8.05 -25.09 -19.56
C THR A 357 8.86 -26.34 -19.93
N TYR A 358 9.62 -26.86 -18.98
CA TYR A 358 10.45 -28.03 -19.26
C TYR A 358 9.65 -29.32 -19.32
N ALA A 359 8.36 -29.27 -19.02
CA ALA A 359 7.50 -30.43 -19.14
C ALA A 359 6.91 -30.51 -20.53
N SER A 360 7.17 -29.50 -21.34
CA SER A 360 6.68 -29.46 -22.71
C SER A 360 7.45 -30.53 -23.59
N THR A 361 6.76 -31.15 -24.53
CA THR A 361 7.37 -32.17 -25.37
C THR A 361 8.07 -31.54 -26.56
N CYS A 362 8.55 -30.31 -26.36
CA CYS A 362 9.23 -29.57 -27.37
C CYS A 362 10.73 -29.46 -27.15
N CYS A 363 11.11 -29.51 -25.88
CA CYS A 363 12.48 -29.38 -25.49
C CYS A 363 13.32 -30.59 -25.86
N ARG A 364 12.72 -31.75 -25.66
CA ARG A 364 13.36 -33.02 -26.01
C ARG A 364 13.64 -33.07 -27.51
N SER A 365 12.72 -32.52 -28.29
CA SER A 365 12.85 -32.59 -29.75
C SER A 365 14.04 -31.77 -30.23
N ARG A 366 14.13 -30.51 -29.81
CA ARG A 366 15.10 -29.58 -30.36
C ARG A 366 16.08 -29.05 -29.32
N VAL A 367 15.60 -28.54 -28.19
CA VAL A 367 16.46 -27.84 -27.25
C VAL A 367 17.53 -28.79 -26.70
N TYR A 368 17.12 -29.96 -26.22
CA TYR A 368 18.08 -30.87 -25.61
C TYR A 368 19.16 -31.33 -26.60
N PRO A 369 18.83 -31.84 -27.78
CA PRO A 369 19.89 -32.19 -28.72
C PRO A 369 20.76 -31.01 -29.13
N SER A 370 20.15 -29.84 -29.30
CA SER A 370 20.94 -28.65 -29.62
C SER A 370 21.80 -28.23 -28.45
N CYS A 371 21.24 -28.20 -27.25
CA CYS A 371 21.96 -27.83 -26.03
C CYS A 371 21.88 -29.00 -25.07
N LYS A 372 23.01 -29.65 -24.85
CA LYS A 372 23.10 -30.85 -24.02
C LYS A 372 23.25 -30.53 -22.54
N CYS A 373 23.33 -29.26 -22.16
CA CYS A 373 23.48 -28.88 -20.77
C CYS A 373 22.13 -28.93 -20.06
N CYS A 374 21.06 -28.84 -20.86
CA CYS A 374 19.72 -28.86 -20.34
C CYS A 374 19.08 -30.25 -20.36
N GLU A 375 19.96 -31.24 -20.36
CA GLU A 375 19.56 -32.63 -20.42
C GLU A 375 18.91 -33.10 -19.11
N PRO A 376 19.50 -32.74 -17.96
CA PRO A 376 18.94 -33.21 -16.69
C PRO A 376 17.73 -32.43 -16.23
N CYS A 377 17.20 -31.59 -17.10
CA CYS A 377 16.03 -30.81 -16.80
C CYS A 377 14.75 -31.43 -17.37
N ALA A 378 14.91 -32.68 -17.78
CA ALA A 378 13.81 -33.47 -18.30
C ALA A 378 13.00 -34.09 -17.18
N VAL A 379 13.56 -34.01 -15.96
CA VAL A 379 12.87 -34.54 -14.80
C VAL A 379 11.61 -33.76 -14.50
N ASN A 380 11.45 -32.58 -15.10
CA ASN A 380 10.28 -31.76 -14.84
C ASN A 380 9.01 -32.34 -15.44
N GLU A 381 9.13 -33.28 -16.38
CA GLU A 381 7.95 -33.98 -16.86
C GLU A 381 7.34 -34.82 -15.75
N TYR A 382 8.19 -35.49 -14.97
CA TYR A 382 7.71 -36.23 -13.81
C TYR A 382 7.02 -35.32 -12.81
N TYR A 383 7.62 -34.16 -12.54
CA TYR A 383 7.02 -33.21 -11.61
C TYR A 383 5.67 -32.72 -12.12
N TYR A 384 5.60 -32.40 -13.42
CA TYR A 384 4.34 -31.95 -13.99
C TYR A 384 3.26 -33.01 -13.87
N ARG A 385 3.59 -34.26 -14.21
CA ARG A 385 2.57 -35.30 -14.15
C ARG A 385 2.21 -35.66 -12.72
N LYS A 386 3.07 -35.36 -11.75
CA LYS A 386 2.71 -35.53 -10.35
C LYS A 386 2.10 -34.28 -9.76
N LYS A 387 2.00 -33.20 -10.52
CA LYS A 387 1.45 -31.93 -10.06
C LYS A 387 0.13 -31.57 -10.73
N CYS A 388 -0.09 -31.97 -11.97
CA CYS A 388 -1.26 -31.59 -12.73
C CYS A 388 -2.04 -32.83 -13.15
N GLU A 389 -3.37 -32.74 -13.05
CA GLU A 389 -4.28 -33.79 -13.49
C GLU A 389 -5.21 -33.17 -14.53
N PRO A 390 -4.85 -33.23 -15.81
CA PRO A 390 -5.71 -32.66 -16.83
C PRO A 390 -7.05 -33.35 -16.90
N ILE A 391 -8.09 -32.56 -17.18
CA ILE A 391 -9.44 -33.06 -17.35
C ILE A 391 -10.12 -32.20 -18.40
N VAL A 392 -11.08 -32.77 -19.10
CA VAL A 392 -11.81 -32.09 -20.16
C VAL A 392 -13.23 -31.85 -19.69
N GLU A 393 -13.85 -30.84 -20.27
CA GLU A 393 -15.22 -30.52 -19.95
C GLU A 393 -16.13 -31.63 -20.48
N PRO A 394 -16.90 -32.31 -19.64
CA PRO A 394 -17.82 -33.31 -20.15
C PRO A 394 -19.02 -32.70 -20.86
N LYS A 395 -19.06 -32.85 -22.17
CA LYS A 395 -20.11 -32.31 -23.01
C LYS A 395 -20.69 -33.42 -23.86
N PRO A 396 -21.94 -33.27 -24.31
CA PRO A 396 -22.58 -34.36 -25.05
C PRO A 396 -21.78 -34.83 -26.25
N THR A 397 -21.15 -33.92 -26.96
CA THR A 397 -20.33 -34.28 -28.11
C THR A 397 -19.05 -35.02 -27.73
N LEU A 398 -18.73 -35.09 -26.44
CA LEU A 398 -17.48 -35.69 -26.02
C LEU A 398 -17.54 -37.20 -26.22
N LYS A 399 -16.55 -37.73 -26.93
CA LYS A 399 -16.46 -39.14 -27.21
C LYS A 399 -15.00 -39.54 -27.27
N TYR A 400 -14.73 -40.76 -26.84
CA TYR A 400 -13.41 -41.35 -26.91
C TYR A 400 -13.49 -42.66 -27.68
N VAL A 401 -12.52 -42.89 -28.54
CA VAL A 401 -12.45 -44.12 -29.31
C VAL A 401 -11.02 -44.64 -29.27
N SER A 402 -10.89 -45.96 -29.26
CA SER A 402 -9.61 -46.63 -29.26
C SER A 402 -9.61 -47.66 -30.37
N PHE A 403 -8.50 -47.72 -31.10
CA PHE A 403 -8.31 -48.69 -32.17
C PHE A 403 -7.17 -49.61 -31.77
N VAL A 404 -7.43 -50.92 -31.81
CA VAL A 404 -6.47 -51.91 -31.34
C VAL A 404 -5.23 -51.92 -32.24
N ASP A 405 -5.31 -51.33 -33.42
CA ASP A 405 -4.13 -51.18 -34.26
C ASP A 405 -3.34 -49.93 -33.93
N GLU A 406 -3.77 -49.17 -32.93
CA GLU A 406 -3.08 -47.95 -32.53
C GLU A 406 -2.79 -47.96 -31.04
N PRO A 407 -1.74 -47.26 -30.62
CA PRO A 407 -1.36 -47.22 -29.19
C PRO A 407 -1.88 -46.01 -28.44
N HIS A 408 -2.92 -45.36 -28.96
CA HIS A 408 -3.47 -44.17 -28.32
C HIS A 408 -4.98 -44.14 -28.40
N ILE A 409 -5.61 -43.23 -27.66
CA ILE A 409 -7.05 -43.08 -27.72
C ILE A 409 -7.34 -41.79 -28.46
N TRP A 410 -8.43 -41.76 -29.22
CA TRP A 410 -8.78 -40.57 -29.98
C TRP A 410 -10.00 -39.90 -29.38
N MET A 411 -9.93 -38.60 -29.14
CA MET A 411 -11.04 -37.89 -28.54
C MET A 411 -11.74 -37.06 -29.59
N VAL A 412 -13.07 -37.22 -29.67
CA VAL A 412 -13.90 -36.50 -30.62
C VAL A 412 -14.85 -35.62 -29.84
N ASP A 413 -14.78 -34.32 -30.08
CA ASP A 413 -15.55 -33.32 -29.33
C ASP A 413 -16.39 -32.48 -30.28
N GLN A 414 -16.83 -33.08 -31.38
CA GLN A 414 -17.61 -32.38 -32.38
C GLN A 414 -18.83 -33.23 -32.75
N GLN A 415 -19.84 -32.57 -33.29
CA GLN A 415 -21.06 -33.26 -33.66
C GLN A 415 -20.82 -34.20 -34.82
N LEU A 416 -21.61 -35.26 -34.89
CA LEU A 416 -21.56 -36.20 -36.00
C LEU A 416 -22.64 -35.81 -36.99
N LEU A 417 -22.25 -35.13 -38.06
CA LEU A 417 -23.21 -34.64 -39.05
C LEU A 417 -23.62 -35.73 -40.01
N GLY A 418 -24.08 -36.85 -39.45
CA GLY A 418 -24.51 -37.98 -40.23
C GLY A 418 -23.39 -38.84 -40.78
N LYS A 419 -22.14 -38.51 -40.51
CA LYS A 419 -21.01 -39.27 -41.01
C LYS A 419 -20.47 -40.17 -39.91
N SER A 420 -20.01 -41.35 -40.30
CA SER A 420 -19.61 -42.35 -39.34
C SER A 420 -18.50 -41.84 -38.42
N LEU A 421 -18.61 -42.19 -37.14
CA LEU A 421 -17.60 -41.81 -36.17
C LEU A 421 -16.24 -42.42 -36.48
N GLN A 422 -16.22 -43.53 -37.21
CA GLN A 422 -14.95 -44.12 -37.60
C GLN A 422 -14.18 -43.18 -38.50
N ASP A 423 -14.85 -42.54 -39.44
CA ASP A 423 -14.21 -41.63 -40.37
C ASP A 423 -14.03 -40.23 -39.79
N VAL A 424 -14.71 -39.91 -38.70
CA VAL A 424 -14.53 -38.62 -38.06
C VAL A 424 -13.17 -38.58 -37.37
N LYS A 425 -12.52 -37.43 -37.45
CA LYS A 425 -11.17 -37.25 -36.93
C LYS A 425 -11.21 -36.35 -35.70
N GLY A 426 -10.53 -36.78 -34.64
CA GLY A 426 -10.41 -35.98 -33.45
C GLY A 426 -8.97 -35.63 -33.19
N GLN A 427 -8.53 -35.74 -31.94
CA GLN A 427 -7.14 -35.51 -31.59
C GLN A 427 -6.65 -36.62 -30.68
N GLU A 428 -5.38 -36.93 -30.83
CA GLU A 428 -4.78 -38.07 -30.14
C GLU A 428 -4.44 -37.72 -28.70
N VAL A 429 -4.72 -38.66 -27.80
CA VAL A 429 -4.37 -38.50 -26.39
C VAL A 429 -3.78 -39.80 -25.88
N PRO A 430 -2.89 -39.73 -24.89
CA PRO A 430 -2.22 -40.96 -24.45
C PRO A 430 -3.10 -41.78 -23.51
N ARG A 431 -3.28 -43.05 -23.82
CA ARG A 431 -4.05 -43.92 -22.95
C ARG A 431 -3.34 -43.99 -21.61
N PRO A 432 -4.09 -43.89 -20.51
CA PRO A 432 -3.43 -43.85 -19.21
C PRO A 432 -2.79 -45.18 -18.86
N GLN A 433 -1.74 -45.13 -18.04
CA GLN A 433 -1.08 -46.36 -17.63
C GLN A 433 -1.99 -47.13 -16.69
N THR A 434 -2.12 -48.43 -16.93
CA THR A 434 -2.96 -49.26 -16.07
C THR A 434 -2.29 -49.47 -14.72
N ASP A 435 -3.06 -49.83 -13.71
CA ASP A 435 -2.50 -50.06 -12.39
C ASP A 435 -1.76 -51.37 -12.41
N PHE A 436 -0.43 -51.30 -12.53
CA PHE A 436 0.36 -52.52 -12.61
C PHE A 436 0.24 -53.30 -11.31
N LEU A 437 0.20 -52.58 -10.19
CA LEU A 437 0.09 -53.24 -8.90
C LEU A 437 -1.16 -54.10 -8.88
N GLU A 438 -2.24 -53.59 -9.49
CA GLU A 438 -3.50 -54.31 -9.50
C GLU A 438 -3.58 -55.30 -10.65
N LEU A 439 -2.89 -55.02 -11.74
CA LEU A 439 -2.94 -55.89 -12.91
C LEU A 439 -2.00 -57.06 -12.72
N SER A 440 -1.00 -56.89 -11.85
CA SER A 440 -0.01 -57.94 -11.62
C SER A 440 -0.63 -59.22 -11.11
N ARG A 441 -1.86 -59.15 -10.63
CA ARG A 441 -2.54 -60.33 -10.09
C ARG A 441 -2.66 -61.43 -11.12
N LEU A 442 -3.18 -62.59 -10.71
CA LEU A 442 -3.36 -63.71 -11.64
C LEU A 442 -4.13 -63.30 -12.89
N ASP A 472 -21.74 -59.12 -46.71
CA ASP A 472 -21.91 -57.70 -46.97
C ASP A 472 -21.70 -56.90 -45.70
N SER A 473 -20.46 -56.90 -45.20
CA SER A 473 -20.15 -56.18 -43.97
C SER A 473 -20.13 -54.67 -44.23
N PRO A 474 -20.32 -53.86 -43.19
CA PRO A 474 -20.33 -52.42 -43.37
C PRO A 474 -19.03 -51.90 -43.95
N ASP A 475 -19.12 -50.84 -44.76
CA ASP A 475 -17.94 -50.28 -45.39
C ASP A 475 -16.95 -49.76 -44.36
N TRP A 476 -17.46 -49.08 -43.34
CA TRP A 476 -16.60 -48.54 -42.30
C TRP A 476 -15.97 -49.62 -41.43
N CYS A 477 -16.40 -50.87 -41.56
CA CYS A 477 -15.85 -51.94 -40.75
C CYS A 477 -14.60 -52.51 -41.42
N GLN A 478 -13.52 -52.59 -40.65
CA GLN A 478 -12.27 -53.15 -41.10
C GLN A 478 -11.94 -54.46 -40.38
N CYS A 479 -12.93 -55.11 -39.81
CA CYS A 479 -12.73 -56.35 -39.07
C CYS A 479 -13.71 -57.46 -39.46
N GLY A 480 -14.83 -57.14 -40.09
CA GLY A 480 -15.76 -58.14 -40.54
C GLY A 480 -16.83 -58.54 -39.54
N ASN A 481 -16.68 -58.17 -38.28
CA ASN A 481 -17.61 -58.56 -37.24
C ASN A 481 -18.59 -57.46 -36.86
N CYS A 482 -18.42 -56.26 -37.38
CA CYS A 482 -19.30 -55.16 -37.03
C CYS A 482 -20.60 -55.26 -37.81
N LEU A 483 -21.65 -54.67 -37.25
CA LEU A 483 -22.99 -54.74 -37.78
C LEU A 483 -23.60 -53.34 -37.84
N PRO A 484 -24.61 -53.14 -38.68
CA PRO A 484 -25.26 -51.84 -38.74
C PRO A 484 -25.94 -51.48 -37.43
N SER A 485 -26.04 -50.19 -37.18
CA SER A 485 -26.70 -49.72 -35.96
C SER A 485 -28.20 -49.79 -36.10
N GLN A 486 -28.88 -50.15 -35.01
CA GLN A 486 -30.33 -50.17 -34.94
C GLN A 486 -30.90 -48.88 -34.36
N LEU A 487 -30.06 -47.90 -34.08
CA LEU A 487 -30.52 -46.63 -33.53
C LEU A 487 -31.23 -45.82 -34.61
N PRO A 488 -31.99 -44.81 -34.20
CA PRO A 488 -32.61 -43.91 -35.19
C PRO A 488 -31.59 -43.36 -36.18
N GLU A 489 -32.06 -42.98 -37.36
CA GLU A 489 -31.15 -42.62 -38.44
C GLU A 489 -30.21 -41.49 -38.03
N ASN A 490 -30.72 -40.50 -37.31
CA ASN A 490 -29.91 -39.35 -36.94
C ASN A 490 -28.82 -39.70 -35.94
N ARG A 491 -28.93 -40.85 -35.27
CA ARG A 491 -27.98 -41.23 -34.23
C ARG A 491 -27.24 -42.54 -34.54
N ARG A 492 -27.27 -43.00 -35.79
CA ARG A 492 -26.54 -44.20 -36.15
C ARG A 492 -25.05 -43.97 -36.24
N ALA A 493 -24.63 -42.73 -36.47
CA ALA A 493 -23.20 -42.45 -36.67
C ALA A 493 -22.39 -42.76 -35.42
N LEU A 494 -22.97 -42.56 -34.24
CA LEU A 494 -22.24 -42.80 -33.01
C LEU A 494 -21.80 -44.24 -32.91
N GLU A 495 -22.68 -45.17 -33.26
CA GLU A 495 -22.39 -46.59 -33.19
C GLU A 495 -21.71 -47.12 -34.43
N GLU A 496 -21.45 -46.26 -35.42
CA GLU A 496 -20.77 -46.67 -36.65
C GLU A 496 -19.26 -46.55 -36.44
N LEU A 497 -18.73 -47.48 -35.65
CA LEU A 497 -17.34 -47.49 -35.27
C LEU A 497 -16.82 -48.91 -35.24
N CYS A 498 -15.59 -49.09 -35.71
CA CYS A 498 -14.96 -50.40 -35.76
C CYS A 498 -13.88 -50.51 -34.69
N CYS A 499 -13.47 -51.75 -34.43
CA CYS A 499 -12.42 -52.00 -33.45
C CYS A 499 -11.06 -51.55 -33.93
N ARG A 500 -10.83 -51.51 -35.24
CA ARG A 500 -9.54 -51.15 -35.78
C ARG A 500 -9.73 -50.20 -36.96
N ARG A 501 -8.70 -49.39 -37.21
CA ARG A 501 -8.75 -48.45 -38.31
C ARG A 501 -8.32 -49.09 -39.62
N LYS A 502 -7.37 -50.02 -39.57
CA LYS A 502 -6.88 -50.72 -40.73
C LYS A 502 -7.35 -52.17 -40.72
N PRO A 503 -7.43 -52.81 -41.88
CA PRO A 503 -7.94 -54.18 -41.93
C PRO A 503 -7.10 -55.12 -41.08
N GLY A 504 -7.78 -56.09 -40.46
CA GLY A 504 -7.10 -57.01 -39.58
C GLY A 504 -8.10 -57.85 -38.81
N GLN A 505 -7.61 -58.47 -37.75
CA GLN A 505 -8.46 -59.32 -36.94
C GLN A 505 -9.20 -58.50 -35.89
N CYS A 506 -10.43 -58.91 -35.60
CA CYS A 506 -11.24 -58.21 -34.61
C CYS A 506 -10.69 -58.44 -33.21
N ILE A 507 -10.84 -57.43 -32.37
CA ILE A 507 -10.42 -57.52 -30.97
C ILE A 507 -11.22 -58.60 -30.26
N THR A 508 -12.41 -58.91 -30.75
CA THR A 508 -13.22 -59.97 -30.16
C THR A 508 -12.55 -61.33 -30.24
N THR A 509 -11.59 -61.50 -31.17
CA THR A 509 -10.89 -62.76 -31.28
C THR A 509 -9.90 -62.97 -30.14
N SER A 510 -9.50 -61.90 -29.47
CA SER A 510 -8.61 -62.02 -28.33
C SER A 510 -9.30 -62.78 -27.20
N GLU A 511 -8.50 -63.52 -26.45
CA GLU A 511 -9.06 -64.29 -25.34
C GLU A 511 -9.44 -63.39 -24.17
N LEU A 512 -8.75 -62.26 -24.01
CA LEU A 512 -9.11 -61.34 -22.95
C LEU A 512 -10.51 -60.77 -23.13
N PHE A 513 -10.98 -60.67 -24.38
CA PHE A 513 -12.34 -60.20 -24.59
C PHE A 513 -13.34 -61.13 -23.92
N SER A 514 -13.12 -62.44 -24.05
CA SER A 514 -14.02 -63.39 -23.43
C SER A 514 -13.81 -63.47 -21.94
N LYS A 515 -12.55 -63.34 -21.49
CA LYS A 515 -12.27 -63.44 -20.06
C LYS A 515 -12.85 -62.26 -19.29
N ILE A 516 -12.76 -61.06 -19.85
CA ILE A 516 -13.14 -59.84 -19.16
C ILE A 516 -14.55 -59.39 -19.51
N VAL A 517 -14.88 -59.38 -20.80
CA VAL A 517 -16.11 -58.74 -21.25
C VAL A 517 -17.27 -59.71 -21.32
N LEU A 518 -17.04 -60.93 -21.81
CA LEU A 518 -18.12 -61.88 -22.03
C LEU A 518 -18.26 -62.93 -20.95
N SER A 519 -17.23 -63.15 -20.13
CA SER A 519 -17.29 -64.17 -19.10
C SER A 519 -18.39 -63.83 -18.09
N ARG A 520 -19.45 -64.63 -18.08
CA ARG A 520 -20.55 -64.38 -17.15
C ARG A 520 -20.12 -64.51 -15.70
N GLU A 521 -19.18 -65.41 -15.42
CA GLU A 521 -18.72 -65.58 -14.04
C GLU A 521 -18.09 -64.30 -13.51
N ALA A 522 -17.21 -63.68 -14.30
CA ALA A 522 -16.52 -62.47 -13.84
C ALA A 522 -17.50 -61.32 -13.64
N LEU A 523 -18.43 -61.15 -14.57
CA LEU A 523 -19.40 -60.07 -14.44
C LEU A 523 -20.31 -60.30 -13.25
N GLN A 524 -20.69 -61.56 -13.01
CA GLN A 524 -21.48 -61.87 -11.83
C GLN A 524 -20.70 -61.55 -10.55
N LEU A 525 -19.41 -61.87 -10.53
CA LEU A 525 -18.60 -61.54 -9.37
C LEU A 525 -18.54 -60.05 -9.14
N LEU A 526 -18.38 -59.27 -10.21
CA LEU A 526 -18.36 -57.81 -10.07
C LEU A 526 -19.69 -57.30 -9.51
N LEU A 527 -20.80 -57.80 -10.06
CA LEU A 527 -22.11 -57.36 -9.61
C LEU A 527 -22.31 -57.70 -8.14
N LEU A 528 -21.90 -58.91 -7.74
CA LEU A 528 -22.02 -59.30 -6.33
C LEU A 528 -21.13 -58.43 -5.45
N TYR A 529 -19.92 -58.14 -5.92
CA TYR A 529 -19.05 -57.22 -5.20
C TYR A 529 -19.76 -55.91 -4.92
N GLN A 530 -20.45 -55.37 -5.93
CA GLN A 530 -21.25 -54.18 -5.71
C GLN A 530 -22.48 -54.48 -4.85
N GLU A 531 -23.20 -55.55 -5.18
CA GLU A 531 -24.42 -55.95 -4.47
C GLU A 531 -24.34 -57.41 -4.09
N PRO A 532 -23.86 -57.73 -2.88
CA PRO A 532 -23.58 -59.13 -2.55
C PRO A 532 -24.78 -60.06 -2.63
N LEU A 533 -25.98 -59.56 -2.36
CA LEU A 533 -27.18 -60.38 -2.32
C LEU A 533 -28.03 -60.23 -3.58
N LEU A 534 -27.39 -60.02 -4.72
CA LEU A 534 -28.12 -59.82 -5.96
C LEU A 534 -28.78 -61.12 -6.40
N ALA A 535 -29.95 -60.99 -7.00
CA ALA A 535 -30.70 -62.12 -7.53
C ALA A 535 -30.31 -62.33 -8.99
N LEU A 536 -29.60 -63.41 -9.27
CA LEU A 536 -29.10 -63.70 -10.61
C LEU A 536 -30.18 -64.42 -11.42
N GLU A 537 -31.29 -63.71 -11.62
CA GLU A 537 -32.40 -64.24 -12.40
C GLU A 537 -33.19 -63.09 -12.97
N GLY A 538 -33.82 -63.33 -14.12
CA GLY A 538 -34.63 -62.34 -14.78
C GLY A 538 -33.86 -61.60 -15.88
N GLU A 539 -34.56 -60.67 -16.51
CA GLU A 539 -33.94 -59.80 -17.52
C GLU A 539 -33.10 -58.70 -16.89
N ALA A 540 -33.35 -58.38 -15.61
CA ALA A 540 -32.57 -57.35 -14.95
C ALA A 540 -31.10 -57.76 -14.85
N ILE A 541 -30.84 -59.03 -14.56
CA ILE A 541 -29.47 -59.49 -14.44
C ILE A 541 -28.78 -59.44 -15.79
N ASN A 542 -29.51 -59.77 -16.87
CA ASN A 542 -28.94 -59.70 -18.20
C ASN A 542 -28.57 -58.26 -18.54
N SER A 543 -29.45 -57.32 -18.22
CA SER A 543 -29.15 -55.91 -18.47
C SER A 543 -27.94 -55.46 -17.66
N LYS A 544 -27.88 -55.86 -16.39
CA LYS A 544 -26.75 -55.48 -15.55
C LYS A 544 -25.45 -56.06 -16.08
N LEU A 545 -25.49 -57.31 -16.54
CA LEU A 545 -24.31 -57.93 -17.14
C LEU A 545 -23.88 -57.20 -18.40
N ARG A 546 -24.85 -56.79 -19.22
CA ARG A 546 -24.53 -56.05 -20.43
C ARG A 546 -23.83 -54.75 -20.09
N HIS A 547 -24.37 -54.02 -19.11
CA HIS A 547 -23.74 -52.76 -18.72
C HIS A 547 -22.36 -52.98 -18.13
N CYS A 548 -22.20 -54.04 -17.33
CA CYS A 548 -20.90 -54.34 -16.77
C CYS A 548 -19.89 -54.72 -17.84
N ALA A 549 -20.35 -55.39 -18.90
CA ALA A 549 -19.46 -55.72 -20.00
C ALA A 549 -19.03 -54.49 -20.75
N TYR A 550 -19.97 -53.57 -21.00
CA TYR A 550 -19.59 -52.30 -21.61
C TYR A 550 -18.56 -51.59 -20.76
N ARG A 551 -18.81 -51.52 -19.45
CA ARG A 551 -17.87 -50.83 -18.55
C ARG A 551 -16.52 -51.54 -18.53
N SER A 552 -16.51 -52.86 -18.61
CA SER A 552 -15.27 -53.62 -18.58
C SER A 552 -14.44 -53.34 -19.81
N TYR A 553 -15.06 -53.40 -20.99
CA TYR A 553 -14.33 -53.04 -22.20
C TYR A 553 -13.81 -51.61 -22.13
N ALA A 554 -14.65 -50.69 -21.66
CA ALA A 554 -14.25 -49.30 -21.61
C ALA A 554 -13.08 -49.10 -20.66
N THR A 555 -13.09 -49.79 -19.53
CA THR A 555 -12.01 -49.64 -18.57
C THR A 555 -10.75 -50.32 -19.05
N TRP A 556 -10.90 -51.40 -19.81
CA TRP A 556 -9.74 -52.12 -20.33
C TRP A 556 -9.02 -51.32 -21.40
N ARG A 557 -9.77 -50.71 -22.32
CA ARG A 557 -9.16 -50.00 -23.44
C ARG A 557 -9.01 -48.50 -23.19
N PHE A 558 -9.70 -47.94 -22.19
CA PHE A 558 -9.59 -46.52 -21.82
C PHE A 558 -9.39 -46.59 -20.33
N VAL A 559 -8.16 -46.74 -19.87
CA VAL A 559 -7.90 -47.01 -18.47
C VAL A 559 -8.60 -46.01 -17.55
N SER A 560 -8.53 -44.73 -17.89
CA SER A 560 -9.12 -43.71 -17.04
C SER A 560 -10.64 -43.81 -17.05
N GLN A 561 -11.24 -43.69 -15.87
CA GLN A 561 -12.69 -43.68 -15.78
C GLN A 561 -13.28 -42.47 -16.47
N ASP A 562 -12.52 -41.38 -16.55
CA ASP A 562 -13.00 -40.19 -17.23
C ASP A 562 -13.25 -40.47 -18.71
N MET A 563 -12.32 -41.16 -19.37
CA MET A 563 -12.52 -41.55 -20.75
C MET A 563 -13.48 -42.72 -20.87
N ALA A 564 -13.45 -43.65 -19.91
CA ALA A 564 -14.32 -44.81 -19.98
C ALA A 564 -15.79 -44.40 -19.89
N ASP A 565 -16.09 -43.34 -19.15
CA ASP A 565 -17.47 -42.88 -19.04
C ASP A 565 -17.97 -42.36 -20.38
N PHE A 566 -17.11 -41.72 -21.15
CA PHE A 566 -17.46 -41.14 -22.43
C PHE A 566 -16.92 -41.95 -23.60
N ALA A 567 -16.43 -43.15 -23.35
CA ALA A 567 -15.97 -44.00 -24.42
C ALA A 567 -17.13 -44.44 -25.30
N ILE A 568 -16.78 -44.96 -26.47
CA ILE A 568 -17.74 -45.49 -27.42
C ILE A 568 -17.26 -46.87 -27.84
N LEU A 569 -18.10 -47.87 -27.63
CA LEU A 569 -17.73 -49.22 -27.97
C LEU A 569 -17.86 -49.45 -29.47
N PRO A 570 -16.99 -50.26 -30.04
CA PRO A 570 -17.18 -50.65 -31.44
C PRO A 570 -18.43 -51.47 -31.64
N SER A 571 -18.94 -51.46 -32.86
CA SER A 571 -20.13 -52.24 -33.16
C SER A 571 -19.89 -53.73 -32.97
N CYS A 572 -18.70 -54.20 -33.32
CA CYS A 572 -18.39 -55.62 -33.18
C CYS A 572 -18.46 -56.04 -31.72
N CYS A 573 -17.75 -55.34 -30.85
CA CYS A 573 -17.73 -55.68 -29.44
C CYS A 573 -19.11 -55.47 -28.80
N ARG A 574 -19.76 -54.37 -29.15
CA ARG A 574 -21.09 -54.08 -28.62
C ARG A 574 -22.05 -55.20 -28.94
N TRP A 575 -22.07 -55.63 -30.20
CA TRP A 575 -23.05 -56.62 -30.62
C TRP A 575 -22.67 -58.02 -30.15
N LYS A 576 -21.38 -58.32 -30.01
CA LYS A 576 -21.00 -59.56 -29.36
C LYS A 576 -21.50 -59.60 -27.92
N ILE A 577 -21.33 -58.49 -27.20
CA ILE A 577 -21.82 -58.40 -25.84
C ILE A 577 -23.33 -58.62 -25.80
N ARG A 578 -24.05 -57.91 -26.65
CA ARG A 578 -25.51 -58.02 -26.65
C ARG A 578 -25.91 -59.43 -26.98
N LYS A 579 -25.20 -60.06 -27.90
CA LYS A 579 -25.49 -61.44 -28.25
C LYS A 579 -25.34 -62.31 -27.02
N GLU A 580 -24.32 -62.02 -26.21
CA GLU A 580 -24.08 -62.79 -25.00
C GLU A 580 -25.10 -62.48 -23.92
N PHE A 581 -25.53 -61.23 -23.83
CA PHE A 581 -26.45 -60.81 -22.78
C PHE A 581 -27.58 -60.01 -23.41
N PRO A 582 -28.44 -60.68 -24.17
CA PRO A 582 -29.40 -59.96 -25.03
C PRO A 582 -30.63 -59.48 -24.28
N LYS A 583 -31.27 -58.47 -24.86
CA LYS A 583 -32.45 -57.89 -24.25
C LYS A 583 -33.68 -58.65 -24.72
N THR A 584 -34.82 -58.39 -24.08
CA THR A 584 -36.05 -59.06 -24.47
C THR A 584 -37.16 -58.05 -24.70
N GLN A 585 -37.86 -58.17 -25.82
CA GLN A 585 -38.99 -57.27 -26.09
C GLN A 585 -38.60 -55.82 -25.90
N GLY A 586 -37.43 -55.42 -26.41
CA GLY A 586 -37.01 -54.05 -26.28
C GLY A 586 -35.91 -53.67 -27.25
N GLN A 587 -35.81 -52.38 -27.56
CA GLN A 587 -34.74 -51.91 -28.44
C GLN A 587 -33.65 -51.25 -27.62
N TYR A 588 -32.41 -51.56 -27.94
CA TYR A 588 -31.29 -50.97 -27.22
C TYR A 588 -31.21 -49.47 -27.47
N SER A 589 -30.88 -48.73 -26.41
CA SER A 589 -30.79 -47.28 -26.49
C SER A 589 -29.38 -46.81 -26.85
N GLY A 590 -28.37 -47.42 -26.23
CA GLY A 590 -27.00 -47.08 -26.53
C GLY A 590 -26.35 -46.18 -25.50
N PHE A 591 -25.42 -45.35 -25.96
CA PHE A 591 -24.62 -44.53 -25.07
C PHE A 591 -25.42 -43.36 -24.55
N LYS A 592 -25.42 -43.19 -23.22
CA LYS A 592 -26.04 -42.05 -22.56
C LYS A 592 -25.00 -41.03 -22.17
N TYR A 593 -25.45 -39.79 -21.97
CA TYR A 593 -24.55 -38.74 -21.58
C TYR A 593 -24.46 -38.78 -20.08
N PRO A 594 -23.25 -38.98 -19.53
CA PRO A 594 -23.14 -39.13 -18.08
C PRO A 594 -23.63 -37.89 -17.35
N TYR A 595 -23.74 -36.76 -18.04
CA TYR A 595 -24.19 -35.52 -17.42
C TYR A 595 -25.51 -35.08 -18.04
N SER B 6 -3.32 -24.76 -29.35
CA SER B 6 -2.98 -23.34 -29.05
C SER B 6 -4.15 -22.68 -28.33
N TRP B 7 -5.29 -22.55 -29.03
CA TRP B 7 -6.48 -22.01 -28.39
C TRP B 7 -6.90 -22.87 -27.21
N ASN B 8 -6.77 -24.19 -27.35
CA ASN B 8 -7.00 -25.07 -26.20
C ASN B 8 -6.07 -24.71 -25.05
N ASP B 9 -4.86 -24.25 -25.36
CA ASP B 9 -3.95 -23.80 -24.31
C ASP B 9 -4.47 -22.54 -23.63
N VAL B 10 -5.05 -21.63 -24.41
CA VAL B 10 -5.66 -20.44 -23.83
C VAL B 10 -6.86 -20.82 -22.98
N PHE B 11 -7.70 -21.71 -23.49
CA PHE B 11 -8.93 -22.10 -22.81
C PHE B 11 -8.65 -23.19 -21.76
N GLN B 12 -7.85 -22.82 -20.77
CA GLN B 12 -7.55 -23.69 -19.66
C GLN B 12 -7.66 -22.91 -18.36
N TYR B 13 -8.19 -23.57 -17.34
CA TYR B 13 -8.25 -23.02 -15.99
C TYR B 13 -7.64 -24.02 -15.03
N GLU B 14 -6.63 -23.58 -14.29
CA GLU B 14 -5.97 -24.40 -13.29
C GLU B 14 -6.56 -24.11 -11.93
N THR B 15 -7.08 -25.14 -11.27
CA THR B 15 -7.60 -25.03 -9.93
C THR B 15 -6.83 -25.98 -9.02
N ASN B 16 -6.50 -25.49 -7.83
CA ASN B 16 -5.72 -26.27 -6.90
C ASN B 16 -6.55 -27.41 -6.31
N LYS B 17 -5.91 -28.56 -6.14
CA LYS B 17 -6.51 -29.66 -5.43
C LYS B 17 -6.46 -29.39 -3.94
N VAL B 18 -7.56 -29.64 -3.25
CA VAL B 18 -7.72 -29.29 -1.85
C VAL B 18 -8.18 -30.52 -1.08
N THR B 19 -8.16 -30.41 0.24
CA THR B 19 -8.60 -31.46 1.14
C THR B 19 -9.59 -30.85 2.12
N ARG B 20 -10.87 -31.18 1.93
CA ARG B 20 -11.93 -30.68 2.79
C ARG B 20 -11.91 -31.47 4.10
N ILE B 21 -11.45 -30.83 5.17
CA ILE B 21 -11.32 -31.46 6.47
C ILE B 21 -12.51 -31.06 7.32
N GLN B 22 -13.21 -32.06 7.84
CA GLN B 22 -14.33 -31.84 8.77
C GLN B 22 -13.78 -31.85 10.19
N SER B 23 -13.20 -30.72 10.59
CA SER B 23 -12.62 -30.56 11.92
C SER B 23 -13.25 -29.34 12.57
N VAL B 24 -13.73 -29.52 13.80
CA VAL B 24 -14.29 -28.40 14.54
C VAL B 24 -13.20 -27.43 14.94
N ASN B 25 -12.08 -27.95 15.45
CA ASN B 25 -11.01 -27.08 15.92
C ASN B 25 -10.48 -26.21 14.79
N TYR B 26 -10.20 -26.82 13.64
CA TYR B 26 -9.54 -26.09 12.56
C TYR B 26 -10.50 -25.10 11.91
N GLY B 27 -11.75 -25.48 11.74
CA GLY B 27 -12.73 -24.54 11.22
C GLY B 27 -12.95 -23.36 12.15
N THR B 28 -13.06 -23.63 13.45
CA THR B 28 -13.20 -22.56 14.42
C THR B 28 -11.98 -21.63 14.39
N ILE B 29 -10.79 -22.20 14.35
CA ILE B 29 -9.56 -21.39 14.30
C ILE B 29 -9.55 -20.54 13.04
N LYS B 30 -9.90 -21.14 11.90
CA LYS B 30 -9.90 -20.41 10.65
C LYS B 30 -10.86 -19.24 10.69
N TRP B 31 -12.06 -19.46 11.20
CA TRP B 31 -13.04 -18.38 11.24
C TRP B 31 -12.67 -17.33 12.25
N ILE B 32 -12.07 -17.73 13.37
CA ILE B 32 -11.62 -16.75 14.37
C ILE B 32 -10.55 -15.85 13.77
N LEU B 33 -9.57 -16.44 13.09
CA LEU B 33 -8.49 -15.66 12.51
C LEU B 33 -9.00 -14.77 11.37
N HIS B 34 -9.92 -15.30 10.56
CA HIS B 34 -10.52 -14.47 9.52
C HIS B 34 -11.25 -13.28 10.11
N MET B 35 -12.02 -13.50 11.16
CA MET B 35 -12.74 -12.42 11.81
C MET B 35 -11.79 -11.40 12.41
N THR B 36 -10.71 -11.87 13.04
CA THR B 36 -9.73 -10.97 13.62
C THR B 36 -9.09 -10.09 12.54
N VAL B 37 -8.68 -10.70 11.44
CA VAL B 37 -8.07 -9.95 10.36
C VAL B 37 -9.05 -8.93 9.78
N PHE B 38 -10.28 -9.37 9.54
CA PHE B 38 -11.30 -8.47 9.00
C PHE B 38 -11.54 -7.30 9.93
N SER B 39 -11.63 -7.59 11.23
CA SER B 39 -11.89 -6.53 12.21
C SER B 39 -10.75 -5.53 12.25
N TYR B 40 -9.51 -6.01 12.28
CA TYR B 40 -8.39 -5.06 12.31
C TYR B 40 -8.32 -4.24 11.03
N VAL B 41 -8.54 -4.88 9.88
CA VAL B 41 -8.50 -4.16 8.62
C VAL B 41 -9.56 -3.08 8.59
N SER B 42 -10.78 -3.41 9.01
CA SER B 42 -11.85 -2.42 9.05
C SER B 42 -11.53 -1.30 10.02
N PHE B 43 -11.01 -1.64 11.20
CA PHE B 43 -10.68 -0.63 12.19
C PHE B 43 -9.63 0.34 11.65
N ALA B 44 -8.60 -0.20 11.01
CA ALA B 44 -7.56 0.65 10.44
C ALA B 44 -8.12 1.51 9.31
N LEU B 45 -9.00 0.94 8.50
CA LEU B 45 -9.57 1.68 7.38
C LEU B 45 -10.41 2.85 7.85
N MET B 46 -11.23 2.63 8.88
CA MET B 46 -12.19 3.66 9.29
C MET B 46 -11.57 4.65 10.27
N SER B 47 -10.74 4.17 11.20
CA SER B 47 -10.12 5.07 12.16
C SER B 47 -9.15 6.02 11.47
N ASP B 48 -8.24 5.48 10.66
CA ASP B 48 -7.28 6.29 9.93
C ASP B 48 -7.83 6.82 8.62
N LYS B 49 -9.06 6.48 8.26
CA LYS B 49 -9.69 6.96 7.05
C LYS B 49 -8.81 6.69 5.84
N LEU B 50 -8.33 5.46 5.76
CA LEU B 50 -7.45 5.04 4.67
C LEU B 50 -8.18 4.89 3.36
N TYR B 51 -9.49 5.08 3.36
CA TYR B 51 -10.27 5.02 2.13
C TYR B 51 -10.38 6.40 1.51
N GLN B 52 -9.81 7.40 2.17
CA GLN B 52 -9.93 8.78 1.70
C GLN B 52 -8.66 9.39 1.16
N ARG B 53 -8.79 10.28 0.18
CA ARG B 53 -7.63 11.00 -0.33
C ARG B 53 -7.49 12.23 0.52
N LYS B 54 -6.32 12.46 1.09
CA LYS B 54 -6.11 13.58 1.99
C LYS B 54 -5.28 14.66 1.31
N GLU B 55 -5.72 15.90 1.43
CA GLU B 55 -5.06 17.04 0.82
C GLU B 55 -4.79 18.11 1.88
N PRO B 56 -3.59 18.67 1.94
CA PRO B 56 -3.37 19.79 2.84
C PRO B 56 -4.06 21.05 2.37
N LEU B 57 -4.34 21.94 3.32
CA LEU B 57 -5.10 23.14 3.04
C LEU B 57 -4.20 24.32 2.71
N ILE B 58 -4.78 25.31 2.07
CA ILE B 58 -4.18 26.62 1.87
C ILE B 58 -5.01 27.63 2.65
N SER B 59 -4.34 28.41 3.48
CA SER B 59 -5.02 29.26 4.44
C SER B 59 -4.80 30.73 4.13
N SER B 60 -5.82 31.52 4.45
CA SER B 60 -5.72 32.96 4.51
C SER B 60 -6.22 33.41 5.87
N VAL B 61 -5.43 34.24 6.54
CA VAL B 61 -5.75 34.73 7.87
C VAL B 61 -5.91 36.24 7.81
N HIS B 62 -6.93 36.74 8.49
CA HIS B 62 -7.19 38.17 8.59
C HIS B 62 -7.51 38.49 10.04
N THR B 63 -6.66 39.30 10.66
CA THR B 63 -6.76 39.62 12.08
C THR B 63 -7.19 41.07 12.28
N LYS B 64 -7.96 41.29 13.33
CA LYS B 64 -8.37 42.63 13.75
C LYS B 64 -8.25 42.69 15.27
N VAL B 65 -7.25 43.42 15.74
CA VAL B 65 -7.04 43.63 17.17
C VAL B 65 -7.77 44.90 17.58
N LYS B 66 -8.51 44.79 18.69
CA LYS B 66 -9.22 45.94 19.22
C LYS B 66 -8.88 46.08 20.69
N GLY B 67 -8.56 47.29 21.10
CA GLY B 67 -8.19 47.55 22.47
C GLY B 67 -7.34 48.80 22.59
N VAL B 68 -7.56 49.59 23.64
CA VAL B 68 -6.84 50.84 23.85
C VAL B 68 -6.29 50.83 25.26
N ALA B 69 -5.09 51.40 25.42
CA ALA B 69 -4.40 51.47 26.69
C ALA B 69 -4.04 52.92 27.02
N GLU B 70 -4.03 53.22 28.30
CA GLU B 70 -3.62 54.53 28.80
C GLU B 70 -2.34 54.38 29.60
N VAL B 71 -1.35 55.20 29.29
CA VAL B 71 -0.03 55.15 29.92
C VAL B 71 0.29 56.52 30.50
N THR B 72 0.68 56.54 31.77
CA THR B 72 1.12 57.74 32.46
C THR B 72 2.63 57.67 32.63
N GLU B 73 3.34 58.63 32.07
CA GLU B 73 4.80 58.64 32.14
C GLU B 73 5.32 60.07 32.24
N LYS B 82 7.68 66.70 32.92
CA LYS B 82 6.26 66.84 33.25
C LYS B 82 5.51 65.54 32.99
N LEU B 83 4.45 65.31 33.76
CA LEU B 83 3.65 64.11 33.57
C LEU B 83 3.00 64.12 32.19
N VAL B 84 3.09 62.99 31.50
CA VAL B 84 2.53 62.84 30.16
C VAL B 84 1.50 61.72 30.20
N HIS B 85 0.29 62.03 29.73
CA HIS B 85 -0.80 61.07 29.66
C HIS B 85 -1.03 60.71 28.20
N GLY B 86 -0.88 59.43 27.88
CA GLY B 86 -0.92 58.96 26.50
C GLY B 86 -2.04 57.97 26.27
N ILE B 87 -2.49 57.91 25.02
CA ILE B 87 -3.50 56.96 24.58
C ILE B 87 -2.90 56.13 23.45
N PHE B 88 -3.07 54.82 23.52
CA PHE B 88 -2.45 53.88 22.60
C PHE B 88 -3.54 53.07 21.90
N ASP B 89 -3.67 53.25 20.59
CA ASP B 89 -4.64 52.53 19.78
C ASP B 89 -3.92 51.72 18.69
N THR B 90 -4.73 51.12 17.80
CA THR B 90 -4.19 50.20 16.81
C THR B 90 -3.23 50.86 15.84
N ALA B 91 -3.34 52.18 15.70
CA ALA B 91 -2.40 52.90 14.87
C ALA B 91 -1.15 53.22 15.67
N ASP B 92 -1.13 52.79 16.94
CA ASP B 92 0.01 53.08 17.82
C ASP B 92 0.76 51.84 18.27
N TYR B 93 0.05 50.88 18.87
CA TYR B 93 0.72 49.69 19.42
C TYR B 93 0.72 48.49 18.47
N THR B 94 0.04 48.58 17.33
CA THR B 94 0.04 47.47 16.39
C THR B 94 0.63 47.85 15.04
N LEU B 95 1.12 46.86 14.31
CA LEU B 95 1.76 47.10 13.04
C LEU B 95 0.76 46.90 11.92
N PRO B 96 1.14 47.22 10.67
CA PRO B 96 0.27 46.89 9.55
C PRO B 96 0.07 45.39 9.37
N LEU B 97 0.70 44.59 10.22
CA LEU B 97 0.49 43.15 10.19
C LEU B 97 -0.94 42.77 10.47
N GLN B 98 -1.64 42.24 9.48
CA GLN B 98 -3.00 41.76 9.69
C GLN B 98 -3.23 40.38 9.07
N GLY B 99 -2.19 39.55 9.00
CA GLY B 99 -2.32 38.23 8.43
C GLY B 99 -1.94 37.12 9.39
N ASN B 100 -1.04 36.25 8.95
CA ASN B 100 -0.65 35.10 9.76
C ASN B 100 0.02 35.51 11.06
N SER B 101 0.52 36.73 11.14
CA SER B 101 1.17 37.23 12.34
C SER B 101 0.68 38.63 12.64
N PHE B 102 0.60 38.96 13.93
CA PHE B 102 0.32 40.31 14.36
C PHE B 102 1.07 40.57 15.66
N PHE B 103 1.40 41.83 15.88
CA PHE B 103 2.25 42.26 16.99
C PHE B 103 1.46 43.18 17.89
N VAL B 104 1.50 42.89 19.19
CA VAL B 104 0.86 43.70 20.21
C VAL B 104 1.93 44.21 21.16
N MET B 105 2.12 45.52 21.18
CA MET B 105 3.16 46.11 22.00
C MET B 105 2.74 46.12 23.46
N THR B 106 3.63 45.62 24.32
CA THR B 106 3.38 45.54 25.74
C THR B 106 4.31 46.41 26.57
N ASN B 107 5.33 47.00 25.95
CA ASN B 107 6.27 47.86 26.66
C ASN B 107 7.11 48.56 25.60
N TYR B 108 7.84 49.59 26.02
CA TYR B 108 8.63 50.34 25.06
C TYR B 108 9.67 51.18 25.80
N LEU B 109 10.68 51.59 25.05
CA LEU B 109 11.69 52.54 25.49
C LEU B 109 11.78 53.64 24.45
N LYS B 110 11.87 54.88 24.92
CA LYS B 110 11.87 56.04 24.03
C LYS B 110 13.20 56.77 24.07
N SER B 111 13.58 57.32 22.93
CA SER B 111 14.79 58.14 22.79
C SER B 111 14.48 59.20 21.73
N GLU B 112 14.15 60.41 22.18
CA GLU B 112 13.78 61.49 21.30
C GLU B 112 14.99 62.34 20.94
N GLY B 113 15.00 62.86 19.72
CA GLY B 113 16.05 63.76 19.29
C GLY B 113 17.38 63.08 19.10
N GLN B 114 17.48 62.22 18.10
CA GLN B 114 18.71 61.50 17.81
C GLN B 114 19.41 62.14 16.61
N GLU B 115 20.73 62.33 16.75
CA GLU B 115 21.52 62.90 15.68
C GLU B 115 22.79 62.08 15.53
N GLN B 116 23.29 61.97 14.31
CA GLN B 116 24.47 61.15 14.02
C GLN B 116 25.71 61.97 14.37
N LYS B 117 26.32 61.66 15.51
CA LYS B 117 27.46 62.40 16.01
C LYS B 117 28.21 61.51 17.00
N LEU B 118 29.26 62.05 17.59
CA LEU B 118 30.00 61.34 18.62
C LEU B 118 29.31 61.49 19.97
N CYS B 119 29.32 60.42 20.75
CA CYS B 119 28.68 60.42 22.06
C CYS B 119 29.19 59.22 22.84
N PRO B 120 29.03 59.23 24.16
CA PRO B 120 29.43 58.05 24.94
C PRO B 120 28.38 56.95 24.85
N GLU B 121 28.85 55.72 24.67
CA GLU B 121 27.95 54.59 24.62
C GLU B 121 27.33 54.32 25.98
N TYR B 122 26.13 53.78 25.97
CA TYR B 122 25.36 53.60 27.19
C TYR B 122 26.06 52.58 28.10
N PRO B 123 26.35 52.93 29.35
CA PRO B 123 26.97 51.95 30.26
C PRO B 123 25.98 50.92 30.76
N SER B 124 26.12 49.68 30.30
CA SER B 124 25.21 48.62 30.69
C SER B 124 25.93 47.28 30.62
N ARG B 125 25.47 46.32 31.41
CA ARG B 125 26.05 44.99 31.45
C ARG B 125 27.55 45.05 31.71
N GLY B 126 27.96 45.98 32.58
CA GLY B 126 29.36 46.13 32.89
C GLY B 126 30.21 46.52 31.71
N LYS B 127 29.70 47.40 30.85
CA LYS B 127 30.43 47.90 29.70
C LYS B 127 31.15 49.21 29.98
N GLN B 128 31.07 49.71 31.22
CA GLN B 128 31.72 50.97 31.56
C GLN B 128 33.21 50.87 31.30
N CYS B 129 33.76 51.88 30.64
CA CYS B 129 35.17 51.92 30.31
C CYS B 129 35.98 52.49 31.46
N HIS B 130 37.20 51.97 31.65
CA HIS B 130 38.10 52.45 32.68
C HIS B 130 39.41 53.01 32.14
N SER B 131 39.82 52.63 30.92
CA SER B 131 41.06 53.09 30.34
C SER B 131 40.82 53.49 28.89
N ASP B 132 41.52 54.54 28.46
CA ASP B 132 41.38 55.00 27.08
C ASP B 132 41.86 53.94 26.10
N GLN B 133 42.96 53.25 26.41
CA GLN B 133 43.50 52.25 25.49
C GLN B 133 42.52 51.12 25.24
N GLY B 134 41.60 50.86 26.18
CA GLY B 134 40.65 49.77 25.98
C GLY B 134 39.78 49.96 24.76
N CYS B 135 39.27 51.18 24.56
CA CYS B 135 38.43 51.46 23.41
C CYS B 135 39.25 51.39 22.13
N ILE B 136 38.65 50.81 21.09
CA ILE B 136 39.31 50.61 19.80
C ILE B 136 38.77 51.65 18.82
N LYS B 137 39.57 51.95 17.81
CA LYS B 137 39.22 52.92 16.79
C LYS B 137 38.77 52.20 15.54
N GLY B 138 37.63 52.61 14.99
CA GLY B 138 37.08 51.99 13.80
C GLY B 138 36.42 50.65 14.03
N TRP B 139 36.15 50.29 15.28
CA TRP B 139 35.60 48.98 15.62
C TRP B 139 34.08 49.05 15.59
N MET B 140 33.47 48.18 14.78
CA MET B 140 32.01 48.07 14.76
C MET B 140 31.54 47.45 16.07
N ASP B 141 30.53 48.06 16.68
CA ASP B 141 29.99 47.63 17.97
C ASP B 141 28.50 47.42 17.83
N PRO B 142 28.06 46.24 17.39
CA PRO B 142 26.62 45.99 17.28
C PRO B 142 25.88 46.17 18.60
N GLN B 143 26.53 45.87 19.73
CA GLN B 143 25.89 46.07 21.03
C GLN B 143 25.57 47.54 21.25
N SER B 144 26.50 48.43 20.91
CA SER B 144 26.29 49.86 21.05
C SER B 144 25.80 50.50 19.76
N LYS B 145 25.94 49.83 18.63
CA LYS B 145 25.48 50.33 17.34
C LYS B 145 26.17 51.64 16.97
N GLY B 146 27.49 51.56 16.91
CA GLY B 146 28.31 52.69 16.52
C GLY B 146 29.73 52.23 16.26
N ILE B 147 30.54 53.16 15.76
CA ILE B 147 31.95 52.93 15.49
C ILE B 147 32.75 53.63 16.58
N GLN B 148 33.47 52.85 17.37
CA GLN B 148 34.28 53.42 18.43
C GLN B 148 35.44 54.22 17.84
N THR B 149 35.71 55.38 18.43
CA THR B 149 36.81 56.24 18.01
C THR B 149 38.12 55.93 18.71
N GLY B 150 38.13 55.00 19.66
CA GLY B 150 39.33 54.63 20.36
C GLY B 150 39.64 55.44 21.60
N ARG B 151 38.86 56.48 21.89
CA ARG B 151 39.08 57.33 23.05
C ARG B 151 37.94 57.16 24.04
N CYS B 152 38.30 56.90 25.30
CA CYS B 152 37.32 56.76 26.37
C CYS B 152 36.88 58.12 26.86
N ILE B 153 35.58 58.26 27.14
CA ILE B 153 35.02 59.52 27.61
C ILE B 153 34.04 59.22 28.74
N PRO B 154 33.78 60.21 29.61
CA PRO B 154 32.87 59.99 30.74
C PRO B 154 31.42 60.12 30.32
N TYR B 155 30.71 59.00 30.29
CA TYR B 155 29.26 59.05 30.06
C TYR B 155 28.56 59.75 31.22
N ASP B 156 28.99 59.47 32.45
CA ASP B 156 28.42 60.06 33.64
C ASP B 156 29.55 60.34 34.63
N GLN B 157 29.25 61.17 35.62
CA GLN B 157 30.27 61.52 36.62
C GLN B 157 30.76 60.31 37.39
N LYS B 158 29.99 59.22 37.43
CA LYS B 158 30.37 58.04 38.18
C LYS B 158 31.15 57.03 37.32
N ARG B 159 30.76 56.85 36.07
CA ARG B 159 31.37 55.85 35.21
C ARG B 159 31.61 56.42 33.83
N LYS B 160 32.54 55.81 33.10
CA LYS B 160 32.93 56.27 31.78
C LYS B 160 32.72 55.15 30.76
N THR B 161 32.51 55.54 29.51
CA THR B 161 32.25 54.61 28.42
C THR B 161 32.96 55.09 27.17
N CYS B 162 33.12 54.17 26.21
CA CYS B 162 33.80 54.50 24.97
C CYS B 162 32.96 55.48 24.14
N GLU B 163 33.63 56.13 23.19
CA GLU B 163 32.99 57.11 22.33
C GLU B 163 32.67 56.47 20.99
N ILE B 164 31.41 56.59 20.57
CA ILE B 164 30.92 55.98 19.35
C ILE B 164 30.30 57.06 18.47
N PHE B 165 30.65 57.06 17.19
CA PHE B 165 29.99 57.92 16.22
C PHE B 165 28.71 57.22 15.80
N ALA B 166 27.62 57.55 16.47
CA ALA B 166 26.35 56.91 16.20
C ALA B 166 25.24 57.92 16.51
N TRP B 167 24.01 57.44 16.56
CA TRP B 167 22.89 58.30 16.94
C TRP B 167 22.99 58.63 18.42
N CYS B 168 22.80 59.90 18.75
CA CYS B 168 22.92 60.36 20.12
C CYS B 168 21.75 61.26 20.47
N PRO B 169 21.25 61.20 21.71
CA PRO B 169 21.74 60.38 22.83
C PRO B 169 21.44 58.90 22.67
N ALA B 170 22.31 58.06 23.23
CA ALA B 170 22.20 56.62 23.11
C ALA B 170 21.54 56.03 24.35
N GLU B 171 20.78 54.95 24.15
CA GLU B 171 20.11 54.28 25.25
C GLU B 171 20.16 52.77 25.10
N GLU B 172 21.13 52.23 24.37
CA GLU B 172 21.24 50.79 24.18
C GLU B 172 21.57 50.10 25.49
N GLY B 173 21.06 48.87 25.64
CA GLY B 173 21.32 48.07 26.80
C GLY B 173 20.48 48.40 28.00
N LYS B 174 19.64 49.42 27.91
CA LYS B 174 18.73 49.73 29.00
C LYS B 174 17.64 48.67 29.09
N GLU B 175 17.38 48.19 30.30
CA GLU B 175 16.39 47.14 30.48
C GLU B 175 14.99 47.69 30.25
N ALA B 176 14.11 46.82 29.79
CA ALA B 176 12.72 47.21 29.61
C ALA B 176 12.13 47.57 30.97
N PRO B 177 11.34 48.63 31.06
CA PRO B 177 10.77 49.01 32.35
C PRO B 177 9.91 47.89 32.92
N ARG B 178 9.99 47.73 34.24
CA ARG B 178 9.21 46.75 34.96
C ARG B 178 8.48 47.48 36.08
N PRO B 179 7.16 47.34 36.19
CA PRO B 179 6.26 46.50 35.37
C PRO B 179 6.04 47.07 33.97
N ALA B 180 5.54 46.23 33.08
CA ALA B 180 5.32 46.64 31.71
C ALA B 180 4.31 47.76 31.64
N LEU B 181 4.62 48.77 30.83
CA LEU B 181 3.75 49.93 30.71
C LEU B 181 2.41 49.57 30.09
N LEU B 182 2.43 48.77 29.04
CA LEU B 182 1.19 48.30 28.41
C LEU B 182 0.84 46.90 28.90
N ARG B 183 0.60 46.80 30.22
CA ARG B 183 0.06 45.56 30.78
C ARG B 183 -1.37 45.33 30.31
N SER B 184 -2.13 46.41 30.13
CA SER B 184 -3.52 46.30 29.76
C SER B 184 -3.74 45.56 28.45
N ALA B 185 -2.67 45.21 27.74
CA ALA B 185 -2.82 44.45 26.52
C ALA B 185 -3.44 43.08 26.76
N GLU B 186 -3.38 42.58 27.99
CA GLU B 186 -3.99 41.30 28.30
C GLU B 186 -5.50 41.34 28.14
N ASN B 187 -6.11 42.51 28.19
CA ASN B 187 -7.54 42.67 28.06
C ASN B 187 -7.98 42.89 26.62
N PHE B 188 -7.02 43.02 25.71
CA PHE B 188 -7.30 43.29 24.31
C PHE B 188 -7.80 42.02 23.63
N THR B 189 -8.64 42.21 22.61
CA THR B 189 -9.29 41.12 21.93
C THR B 189 -8.89 41.14 20.47
N VAL B 190 -8.55 39.97 19.93
CA VAL B 190 -8.21 39.82 18.54
C VAL B 190 -9.22 38.91 17.90
N LEU B 191 -9.76 39.33 16.76
CA LEU B 191 -10.67 38.54 15.96
C LEU B 191 -9.90 37.95 14.78
N ILE B 192 -9.96 36.63 14.66
CA ILE B 192 -9.24 35.91 13.63
C ILE B 192 -10.25 35.34 12.65
N LYS B 193 -10.10 35.70 11.39
CA LYS B 193 -10.89 35.15 10.30
C LYS B 193 -9.99 34.27 9.48
N ASN B 194 -10.30 32.98 9.43
CA ASN B 194 -9.49 31.98 8.76
C ASN B 194 -10.28 31.41 7.60
N ASN B 195 -9.73 31.53 6.40
CA ASN B 195 -10.29 30.94 5.20
C ASN B 195 -9.37 29.84 4.73
N ILE B 196 -9.91 28.65 4.55
CA ILE B 196 -9.13 27.51 4.08
C ILE B 196 -9.79 26.98 2.81
N ASP B 197 -8.99 26.24 2.05
CA ASP B 197 -9.44 25.64 0.81
C ASP B 197 -8.68 24.35 0.58
N PHE B 198 -9.36 23.39 -0.03
CA PHE B 198 -8.72 22.18 -0.52
C PHE B 198 -8.89 22.15 -2.03
N PRO B 199 -7.99 22.75 -2.80
CA PRO B 199 -8.24 22.92 -4.23
C PRO B 199 -8.40 21.62 -4.98
N GLY B 200 -7.71 20.56 -4.55
CA GLY B 200 -7.92 19.26 -5.17
C GLY B 200 -9.33 18.74 -4.96
N HIS B 201 -9.85 18.89 -3.74
CA HIS B 201 -11.22 18.51 -3.43
C HIS B 201 -12.21 19.62 -3.73
N ASN B 202 -11.74 20.79 -4.12
CA ASN B 202 -12.61 21.91 -4.47
C ASN B 202 -13.58 22.21 -3.34
N TYR B 203 -13.05 22.35 -2.14
CA TYR B 203 -13.82 22.70 -0.97
C TYR B 203 -13.20 23.88 -0.27
N THR B 204 -14.06 24.83 0.10
CA THR B 204 -13.63 26.01 0.83
C THR B 204 -14.59 26.25 1.97
N THR B 205 -14.05 26.73 3.09
CA THR B 205 -14.86 27.05 4.25
C THR B 205 -14.14 28.10 5.05
N ARG B 206 -14.79 28.56 6.11
CA ARG B 206 -14.26 29.62 6.94
C ARG B 206 -14.69 29.37 8.38
N ASN B 207 -13.96 29.97 9.30
CA ASN B 207 -14.16 29.72 10.72
C ASN B 207 -15.31 30.50 11.31
N ILE B 208 -15.87 31.46 10.59
CA ILE B 208 -17.04 32.20 11.02
C ILE B 208 -18.17 31.91 10.05
N LEU B 209 -19.19 31.23 10.54
CA LEU B 209 -20.34 30.85 9.76
C LEU B 209 -21.55 31.68 10.14
N PRO B 210 -22.54 31.80 9.26
CA PRO B 210 -23.74 32.55 9.62
C PRO B 210 -24.44 31.93 10.81
N GLY B 211 -25.00 32.78 11.66
CA GLY B 211 -25.68 32.31 12.85
C GLY B 211 -24.80 32.14 14.06
N MET B 212 -23.63 32.75 14.10
CA MET B 212 -22.70 32.64 15.20
C MET B 212 -22.67 33.97 15.96
N ASN B 213 -22.67 33.89 17.29
CA ASN B 213 -22.75 35.09 18.10
C ASN B 213 -21.45 35.88 18.03
N ILE B 214 -21.57 37.18 18.28
CA ILE B 214 -20.44 38.11 18.15
C ILE B 214 -19.96 38.62 19.51
N SER B 215 -20.79 38.57 20.55
CA SER B 215 -20.42 39.04 21.87
C SER B 215 -19.69 37.97 22.67
N CYS B 216 -19.11 37.00 21.99
CA CYS B 216 -18.45 35.85 22.60
C CYS B 216 -16.94 36.01 22.62
N THR B 217 -16.32 35.33 23.57
CA THR B 217 -14.88 35.17 23.64
C THR B 217 -14.57 33.68 23.77
N PHE B 218 -13.43 33.30 23.22
CA PHE B 218 -13.10 31.88 23.13
C PHE B 218 -12.91 31.26 24.50
N HIS B 219 -13.44 30.05 24.65
CA HIS B 219 -13.13 29.19 25.77
C HIS B 219 -13.09 27.75 25.28
N LYS B 220 -12.26 26.93 25.92
CA LYS B 220 -12.10 25.56 25.47
C LYS B 220 -13.42 24.82 25.44
N THR B 221 -14.26 25.04 26.46
CA THR B 221 -15.51 24.31 26.61
C THR B 221 -16.74 25.15 26.25
N TRP B 222 -16.87 26.35 26.82
CA TRP B 222 -18.08 27.13 26.63
C TRP B 222 -18.19 27.66 25.20
N ASN B 223 -17.11 28.25 24.69
CA ASN B 223 -17.11 28.86 23.36
C ASN B 223 -15.87 28.42 22.60
N PRO B 224 -15.81 27.14 22.22
CA PRO B 224 -14.64 26.66 21.48
C PRO B 224 -14.57 27.13 20.04
N GLN B 225 -15.65 27.66 19.49
CA GLN B 225 -15.69 28.08 18.10
C GLN B 225 -15.73 29.60 17.96
N CYS B 226 -15.49 30.33 19.04
CA CYS B 226 -15.48 31.78 18.97
C CYS B 226 -14.12 32.26 18.48
N PRO B 227 -14.03 32.95 17.36
CA PRO B 227 -12.72 33.37 16.86
C PRO B 227 -12.23 34.68 17.48
N ILE B 228 -12.85 35.09 18.57
CA ILE B 228 -12.45 36.28 19.30
C ILE B 228 -11.69 35.83 20.54
N PHE B 229 -10.44 36.26 20.65
CA PHE B 229 -9.54 35.78 21.69
C PHE B 229 -9.05 36.94 22.54
N ARG B 230 -9.07 36.74 23.85
CA ARG B 230 -8.44 37.64 24.80
C ARG B 230 -7.03 37.14 25.09
N LEU B 231 -6.05 38.03 24.94
CA LEU B 231 -4.66 37.62 24.99
C LEU B 231 -4.31 37.02 26.34
N GLY B 232 -4.79 37.62 27.41
CA GLY B 232 -4.56 37.04 28.72
C GLY B 232 -5.11 35.64 28.85
N ASP B 233 -6.28 35.40 28.26
CA ASP B 233 -6.83 34.05 28.26
C ASP B 233 -5.94 33.09 27.48
N ILE B 234 -5.42 33.56 26.34
CA ILE B 234 -4.48 32.75 25.58
C ILE B 234 -3.31 32.34 26.45
N PHE B 235 -2.75 33.30 27.18
CA PHE B 235 -1.57 33.00 27.99
C PHE B 235 -1.91 32.08 29.15
N GLN B 236 -3.05 32.30 29.81
CA GLN B 236 -3.38 31.53 30.99
C GLN B 236 -3.93 30.15 30.66
N GLU B 237 -4.33 29.91 29.41
CA GLU B 237 -4.74 28.57 29.03
C GLU B 237 -3.54 27.62 28.94
N ILE B 238 -2.33 28.16 28.89
CA ILE B 238 -1.12 27.36 28.76
C ILE B 238 -0.11 27.69 29.86
N GLY B 239 -0.58 28.29 30.95
CA GLY B 239 0.29 28.54 32.08
C GLY B 239 1.39 29.54 31.82
N GLU B 240 1.07 30.64 31.15
CA GLU B 240 2.02 31.71 30.89
C GLU B 240 1.55 32.99 31.56
N ASN B 241 2.50 33.74 32.11
CA ASN B 241 2.21 34.94 32.87
C ASN B 241 2.38 36.14 31.95
N PHE B 242 1.27 36.70 31.48
CA PHE B 242 1.33 37.80 30.53
C PHE B 242 2.06 38.99 31.11
N THR B 243 1.91 39.23 32.41
CA THR B 243 2.57 40.38 33.02
C THR B 243 4.08 40.28 32.91
N GLU B 244 4.63 39.07 33.10
CA GLU B 244 6.06 38.89 33.00
C GLU B 244 6.54 38.96 31.56
N VAL B 245 5.80 38.31 30.64
CA VAL B 245 6.19 38.30 29.24
C VAL B 245 6.11 39.71 28.65
N ALA B 246 5.23 40.54 29.18
CA ALA B 246 5.04 41.88 28.65
C ALA B 246 6.29 42.73 28.78
N VAL B 247 7.18 42.40 29.71
CA VAL B 247 8.36 43.22 29.96
C VAL B 247 9.33 43.13 28.79
N GLN B 248 9.84 41.94 28.53
CA GLN B 248 10.77 41.70 27.44
C GLN B 248 10.07 41.23 26.16
N GLY B 249 8.85 40.75 26.28
CA GLY B 249 8.12 40.27 25.13
C GLY B 249 8.25 38.78 24.92
N GLY B 250 7.64 38.33 23.83
CA GLY B 250 7.70 36.93 23.49
C GLY B 250 7.00 36.67 22.18
N ILE B 251 6.87 35.39 21.86
CA ILE B 251 6.15 34.95 20.68
C ILE B 251 5.17 33.88 21.11
N MET B 252 3.92 34.04 20.71
CA MET B 252 2.87 33.10 21.01
C MET B 252 2.26 32.59 19.73
N GLY B 253 1.82 31.34 19.76
CA GLY B 253 1.25 30.71 18.60
C GLY B 253 -0.20 30.33 18.80
N ILE B 254 -1.03 30.69 17.85
CA ILE B 254 -2.43 30.32 17.84
C ILE B 254 -2.60 29.28 16.74
N GLU B 255 -2.53 28.02 17.12
CA GLU B 255 -2.68 26.93 16.18
C GLU B 255 -4.16 26.77 15.83
N ILE B 256 -4.44 26.66 14.55
CA ILE B 256 -5.79 26.40 14.05
C ILE B 256 -5.72 25.11 13.25
N TYR B 257 -6.25 24.04 13.80
CA TYR B 257 -6.19 22.72 13.20
C TYR B 257 -7.51 22.41 12.53
N TRP B 258 -7.43 21.92 11.30
CA TRP B 258 -8.61 21.56 10.51
C TRP B 258 -8.52 20.08 10.18
N ASP B 259 -9.13 19.26 11.03
CA ASP B 259 -9.36 17.85 10.72
C ASP B 259 -10.71 17.77 10.04
N CYS B 260 -10.70 17.85 8.73
CA CYS B 260 -11.91 18.08 7.94
C CYS B 260 -12.23 16.85 7.12
N ASN B 261 -13.47 16.39 7.24
CA ASN B 261 -14.01 15.31 6.45
C ASN B 261 -15.00 15.89 5.45
N LEU B 262 -14.71 15.71 4.17
CA LEU B 262 -15.50 16.29 3.10
C LEU B 262 -16.53 15.32 2.55
N ASP B 263 -16.63 14.13 3.12
CA ASP B 263 -17.65 13.18 2.72
C ASP B 263 -19.00 13.65 3.22
N SER B 264 -20.02 13.53 2.36
CA SER B 264 -21.34 14.06 2.69
C SER B 264 -21.91 13.38 3.93
N TRP B 265 -21.76 12.07 4.03
CA TRP B 265 -22.33 11.33 5.14
C TRP B 265 -21.58 11.52 6.44
N SER B 266 -20.38 12.07 6.40
CA SER B 266 -19.57 12.28 7.59
C SER B 266 -18.91 13.65 7.56
N HIS B 267 -19.67 14.65 7.12
CA HIS B 267 -19.13 15.98 6.87
C HIS B 267 -19.02 16.74 8.18
N ARG B 268 -17.80 17.06 8.59
CA ARG B 268 -17.57 18.04 9.65
C ARG B 268 -16.20 18.65 9.41
N CYS B 269 -16.19 19.95 9.12
CA CYS B 269 -14.98 20.72 8.88
C CYS B 269 -15.02 21.89 9.86
N GLN B 270 -14.49 21.66 11.07
CA GLN B 270 -14.48 22.66 12.11
C GLN B 270 -13.05 22.87 12.58
N PRO B 271 -12.72 24.09 12.99
CA PRO B 271 -11.38 24.35 13.52
C PRO B 271 -11.26 24.02 15.00
N LYS B 272 -10.05 23.62 15.37
CA LYS B 272 -9.67 23.41 16.76
C LYS B 272 -8.57 24.40 17.09
N TYR B 273 -8.82 25.25 18.08
CA TYR B 273 -7.90 26.31 18.46
C TYR B 273 -7.05 25.85 19.63
N SER B 274 -5.74 25.99 19.50
CA SER B 274 -4.80 25.67 20.55
C SER B 274 -3.70 26.71 20.54
N PHE B 275 -3.02 26.82 21.67
CA PHE B 275 -2.03 27.85 21.89
C PHE B 275 -0.71 27.25 22.31
N ARG B 276 0.36 27.93 21.96
CA ARG B 276 1.72 27.42 22.18
C ARG B 276 2.69 28.59 22.17
N ARG B 277 3.48 28.69 23.22
CA ARG B 277 4.55 29.68 23.26
C ARG B 277 5.68 29.24 22.36
N LEU B 278 6.12 30.14 21.49
CA LEU B 278 7.11 29.82 20.47
C LEU B 278 8.49 30.38 20.75
N ASP B 279 8.66 31.12 21.84
CA ASP B 279 9.95 31.65 22.25
C ASP B 279 10.38 30.97 23.52
N ASP B 280 11.64 30.58 23.59
CA ASP B 280 12.14 29.88 24.75
C ASP B 280 12.16 30.81 25.96
N LYS B 281 11.55 30.34 27.06
CA LYS B 281 11.52 31.13 28.28
C LYS B 281 12.92 31.37 28.81
N TYR B 282 13.78 30.36 28.73
CA TYR B 282 15.12 30.41 29.29
C TYR B 282 16.19 30.70 28.24
N THR B 283 15.87 31.54 27.27
CA THR B 283 16.86 31.97 26.30
C THR B 283 17.99 32.71 27.01
N ASN B 284 19.22 32.43 26.59
CA ASN B 284 20.38 33.07 27.20
C ASN B 284 20.35 34.58 26.93
N GLU B 285 20.78 35.36 27.93
CA GLU B 285 20.72 36.81 27.81
C GLU B 285 21.50 37.31 26.61
N SER B 286 22.46 36.52 26.14
CA SER B 286 23.25 36.89 24.97
C SER B 286 22.57 36.53 23.65
N LEU B 287 21.42 35.85 23.71
CA LEU B 287 20.68 35.46 22.52
C LEU B 287 19.47 36.35 22.28
N PHE B 288 19.42 37.52 22.90
CA PHE B 288 18.32 38.45 22.69
C PHE B 288 17.00 37.83 23.09
N PRO B 289 16.76 37.64 24.38
CA PRO B 289 15.50 37.04 24.82
C PRO B 289 14.32 37.92 24.50
N GLY B 290 13.16 37.28 24.40
CA GLY B 290 11.94 38.00 24.15
C GLY B 290 11.79 38.39 22.69
N TYR B 291 10.94 39.39 22.48
CA TYR B 291 10.66 39.94 21.17
C TYR B 291 10.66 41.45 21.26
N ASN B 292 11.48 42.08 20.44
CA ASN B 292 11.52 43.54 20.38
C ASN B 292 12.00 43.95 19.01
N PHE B 293 11.69 45.19 18.65
CA PHE B 293 12.19 45.78 17.43
C PHE B 293 12.31 47.27 17.61
N ARG B 294 13.31 47.84 16.96
CA ARG B 294 13.62 49.26 17.06
C ARG B 294 13.16 49.95 15.80
N TYR B 295 12.15 50.81 15.92
CA TYR B 295 11.57 51.50 14.79
C TYR B 295 11.67 53.00 15.03
N ALA B 296 12.04 53.72 13.98
CA ALA B 296 12.43 55.12 14.09
C ALA B 296 11.54 56.00 13.26
N LYS B 297 11.17 57.15 13.81
CA LYS B 297 10.45 58.19 13.10
C LYS B 297 11.43 59.32 12.78
N TYR B 298 11.53 59.66 11.51
CA TYR B 298 12.47 60.66 11.03
C TYR B 298 11.76 61.99 10.82
N TYR B 299 12.49 63.08 11.01
CA TYR B 299 11.94 64.42 10.88
C TYR B 299 13.10 65.40 10.72
N LYS B 300 12.75 66.65 10.44
CA LYS B 300 13.71 67.73 10.28
C LYS B 300 13.49 68.75 11.39
N GLU B 301 14.56 69.16 12.05
CA GLU B 301 14.50 70.09 13.16
C GLU B 301 15.54 71.19 12.96
N ASN B 302 15.05 72.40 12.64
CA ASN B 302 15.90 73.58 12.57
C ASN B 302 16.86 73.55 11.38
N GLY B 303 16.81 72.48 10.59
CA GLY B 303 17.67 72.38 9.42
C GLY B 303 18.50 71.11 9.38
N MET B 304 18.37 70.26 10.40
CA MET B 304 19.12 69.03 10.50
C MET B 304 18.15 67.86 10.61
N GLU B 305 18.54 66.72 10.04
CA GLU B 305 17.70 65.54 10.03
C GLU B 305 17.85 64.80 11.35
N LYS B 306 16.76 64.72 12.12
CA LYS B 306 16.76 64.10 13.43
C LYS B 306 15.92 62.84 13.40
N ARG B 307 16.10 62.01 14.43
CA ARG B 307 15.44 60.72 14.52
C ARG B 307 14.94 60.49 15.93
N THR B 308 13.78 59.85 16.03
CA THR B 308 13.20 59.43 17.30
C THR B 308 13.12 57.92 17.31
N LEU B 309 13.76 57.30 18.29
CA LEU B 309 13.88 55.85 18.34
C LEU B 309 12.99 55.27 19.43
N ILE B 310 12.23 54.25 19.07
CA ILE B 310 11.37 53.53 19.99
C ILE B 310 11.74 52.07 19.94
N LYS B 311 12.14 51.51 21.08
CA LYS B 311 12.41 50.08 21.20
C LYS B 311 11.15 49.46 21.80
N ALA B 312 10.40 48.77 20.97
CA ALA B 312 9.10 48.24 21.34
C ALA B 312 9.23 46.78 21.73
N PHE B 313 8.85 46.46 22.95
CA PHE B 313 8.74 45.09 23.41
C PHE B 313 7.27 44.67 23.33
N GLY B 314 7.05 43.46 22.87
CA GLY B 314 5.69 42.99 22.73
C GLY B 314 5.63 41.51 22.48
N VAL B 315 4.42 41.04 22.20
CA VAL B 315 4.16 39.65 21.91
C VAL B 315 3.76 39.56 20.45
N ARG B 316 4.50 38.78 19.68
CA ARG B 316 4.16 38.51 18.30
C ARG B 316 3.34 37.23 18.26
N PHE B 317 2.11 37.34 17.82
CA PHE B 317 1.21 36.20 17.73
C PHE B 317 1.28 35.64 16.33
N ASP B 318 1.73 34.40 16.22
CA ASP B 318 1.86 33.72 14.94
C ASP B 318 0.70 32.74 14.81
N ILE B 319 -0.20 33.00 13.87
CA ILE B 319 -1.33 32.13 13.63
C ILE B 319 -0.87 31.00 12.71
N LEU B 320 -0.83 29.79 13.23
CA LEU B 320 -0.35 28.63 12.50
C LEU B 320 -1.55 27.77 12.13
N VAL B 321 -1.87 27.75 10.84
CA VAL B 321 -3.02 27.03 10.32
C VAL B 321 -2.52 25.80 9.57
N PHE B 322 -3.05 24.64 9.96
CA PHE B 322 -2.64 23.38 9.36
C PHE B 322 -3.82 22.44 9.43
N GLY B 323 -3.78 21.42 8.60
CA GLY B 323 -4.83 20.42 8.58
C GLY B 323 -4.89 19.72 7.25
N THR B 324 -5.78 18.75 7.19
CA THR B 324 -5.96 17.90 6.02
C THR B 324 -7.44 17.72 5.76
N GLY B 325 -7.78 17.60 4.48
CA GLY B 325 -9.15 17.34 4.08
C GLY B 325 -9.28 16.04 3.34
N GLY B 326 -10.06 15.11 3.88
CA GLY B 326 -10.22 13.79 3.32
C GLY B 326 -11.54 13.67 2.56
N LYS B 327 -11.46 13.05 1.39
CA LYS B 327 -12.62 12.72 0.60
C LYS B 327 -12.42 11.31 0.05
N PHE B 328 -13.52 10.57 -0.06
CA PHE B 328 -13.44 9.19 -0.53
C PHE B 328 -12.78 9.11 -1.88
N ASP B 329 -11.81 8.19 -2.00
CA ASP B 329 -11.16 7.90 -3.26
C ASP B 329 -11.17 6.39 -3.46
N ILE B 330 -11.66 5.95 -4.62
CA ILE B 330 -11.76 4.52 -4.88
C ILE B 330 -10.38 3.90 -5.01
N ILE B 331 -9.43 4.63 -5.59
CA ILE B 331 -8.10 4.09 -5.80
C ILE B 331 -7.43 3.78 -4.46
N GLN B 332 -7.56 4.69 -3.50
CA GLN B 332 -6.93 4.48 -2.19
C GLN B 332 -7.53 3.27 -1.49
N LEU B 333 -8.85 3.13 -1.55
CA LEU B 333 -9.51 1.98 -0.94
C LEU B 333 -9.08 0.68 -1.61
N VAL B 334 -9.00 0.68 -2.93
CA VAL B 334 -8.56 -0.50 -3.65
C VAL B 334 -7.14 -0.88 -3.25
N VAL B 335 -6.26 0.11 -3.15
CA VAL B 335 -4.88 -0.15 -2.77
C VAL B 335 -4.81 -0.72 -1.35
N TYR B 336 -5.57 -0.14 -0.43
CA TYR B 336 -5.56 -0.64 0.93
C TYR B 336 -6.08 -2.07 1.01
N ILE B 337 -7.17 -2.36 0.30
CA ILE B 337 -7.73 -3.70 0.31
C ILE B 337 -6.74 -4.69 -0.29
N GLY B 338 -6.08 -4.31 -1.38
CA GLY B 338 -5.09 -5.19 -1.97
C GLY B 338 -3.92 -5.42 -1.03
N SER B 339 -3.55 -4.41 -0.26
CA SER B 339 -2.49 -4.56 0.72
C SER B 339 -2.89 -5.54 1.80
N THR B 340 -4.15 -5.48 2.26
CA THR B 340 -4.59 -6.29 3.38
C THR B 340 -5.13 -7.66 2.97
N LEU B 341 -5.28 -7.93 1.68
CA LEU B 341 -5.87 -9.20 1.26
C LEU B 341 -5.00 -10.38 1.68
N SER B 342 -3.68 -10.24 1.55
CA SER B 342 -2.79 -11.35 1.87
C SER B 342 -2.82 -11.72 3.33
N TYR B 343 -3.37 -10.87 4.19
CA TYR B 343 -3.46 -11.19 5.60
C TYR B 343 -4.55 -12.21 5.89
N PHE B 344 -5.41 -12.49 4.92
CA PHE B 344 -6.46 -13.48 5.08
C PHE B 344 -5.95 -14.90 4.89
N GLY B 345 -4.69 -15.07 4.48
CA GLY B 345 -4.05 -16.35 4.46
C GLY B 345 -3.41 -16.77 5.76
N LEU B 346 -3.60 -15.97 6.80
CA LEU B 346 -3.01 -16.29 8.10
C LEU B 346 -3.57 -17.59 8.65
N ALA B 347 -4.88 -17.79 8.50
CA ALA B 347 -5.48 -19.03 8.98
C ALA B 347 -4.88 -20.24 8.29
N THR B 348 -4.76 -20.17 6.97
CA THR B 348 -4.16 -21.25 6.22
C THR B 348 -2.72 -21.50 6.67
N VAL B 349 -1.95 -20.43 6.82
CA VAL B 349 -0.55 -20.58 7.22
C VAL B 349 -0.46 -21.26 8.58
N CYS B 350 -1.22 -20.77 9.54
CA CYS B 350 -1.14 -21.32 10.90
C CYS B 350 -1.61 -22.76 10.96
N ILE B 351 -2.71 -23.09 10.30
CA ILE B 351 -3.24 -24.45 10.36
C ILE B 351 -2.32 -25.41 9.62
N ASP B 352 -1.77 -25.00 8.49
CA ASP B 352 -0.83 -25.84 7.77
C ASP B 352 0.43 -26.04 8.60
N LEU B 353 0.86 -25.02 9.32
CA LEU B 353 2.01 -25.16 10.22
C LEU B 353 1.72 -26.18 11.32
N ILE B 354 0.52 -26.11 11.89
CA ILE B 354 0.14 -27.07 12.92
C ILE B 354 0.17 -28.49 12.35
N ILE B 355 -0.42 -28.66 11.16
CA ILE B 355 -0.45 -29.97 10.53
C ILE B 355 0.97 -30.48 10.30
N ASN B 356 1.83 -29.63 9.75
CA ASN B 356 3.19 -30.05 9.44
C ASN B 356 3.95 -30.42 10.71
N THR B 357 3.79 -29.63 11.77
CA THR B 357 4.56 -29.85 12.99
C THR B 357 4.09 -31.11 13.71
N TYR B 358 2.78 -31.27 13.86
CA TYR B 358 2.26 -32.43 14.57
C TYR B 358 2.30 -33.69 13.73
N ALA B 359 2.68 -33.60 12.47
CA ALA B 359 2.84 -34.76 11.62
C ALA B 359 4.24 -35.32 11.74
N SER B 360 5.09 -34.62 12.47
CA SER B 360 6.47 -35.06 12.69
C SER B 360 6.49 -36.32 13.63
N THR B 361 7.41 -37.25 13.39
CA THR B 361 7.49 -38.47 14.18
C THR B 361 8.32 -38.24 15.42
N CYS B 362 8.30 -37.00 15.92
CA CYS B 362 9.04 -36.62 17.08
C CYS B 362 8.17 -36.38 18.31
N CYS B 363 6.92 -35.99 18.04
CA CYS B 363 5.98 -35.69 19.08
C CYS B 363 5.51 -36.92 19.83
N ARG B 364 5.28 -37.97 19.06
CA ARG B 364 4.88 -39.25 19.61
C ARG B 364 5.95 -39.79 20.56
N SER B 365 7.20 -39.56 20.18
CA SER B 365 8.31 -40.10 20.96
C SER B 365 8.40 -39.45 22.33
N ARG B 366 8.39 -38.12 22.38
CA ARG B 366 8.66 -37.38 23.61
C ARG B 366 7.49 -36.52 24.06
N VAL B 367 6.95 -35.68 23.17
CA VAL B 367 5.98 -34.68 23.58
C VAL B 367 4.72 -35.35 24.14
N TYR B 368 4.17 -36.30 23.40
CA TYR B 368 2.93 -36.93 23.85
C TYR B 368 3.08 -37.64 25.18
N PRO B 369 4.06 -38.53 25.38
CA PRO B 369 4.20 -39.15 26.71
C PRO B 369 4.47 -38.13 27.80
N SER B 370 5.27 -37.10 27.51
CA SER B 370 5.53 -36.06 28.50
C SER B 370 4.27 -35.24 28.77
N CYS B 371 3.57 -34.84 27.71
CA CYS B 371 2.34 -34.05 27.83
C CYS B 371 1.22 -34.84 27.16
N LYS B 372 0.29 -35.35 27.96
CA LYS B 372 -0.79 -36.19 27.49
C LYS B 372 -1.99 -35.41 26.98
N CYS B 373 -1.94 -34.08 27.04
CA CYS B 373 -3.04 -33.26 26.57
C CYS B 373 -2.98 -33.12 25.06
N CYS B 374 -1.79 -33.33 24.50
CA CYS B 374 -1.57 -33.24 23.08
C CYS B 374 -1.68 -34.57 22.36
N GLU B 375 -2.41 -35.47 23.00
CA GLU B 375 -2.59 -36.82 22.49
C GLU B 375 -3.49 -36.85 21.25
N PRO B 376 -4.62 -36.11 21.28
CA PRO B 376 -5.53 -36.16 20.14
C PRO B 376 -5.09 -35.32 18.97
N CYS B 377 -3.86 -34.82 19.02
CA CYS B 377 -3.30 -34.04 17.95
C CYS B 377 -2.42 -34.85 17.03
N ALA B 378 -2.53 -36.16 17.19
CA ALA B 378 -1.80 -37.12 16.37
C ALA B 378 -2.54 -37.35 15.06
N VAL B 379 -3.78 -36.87 14.99
CA VAL B 379 -4.57 -37.00 13.77
C VAL B 379 -3.96 -36.22 12.63
N ASN B 380 -3.03 -35.31 12.92
CA ASN B 380 -2.43 -34.49 11.89
C ASN B 380 -1.51 -35.29 10.97
N GLU B 381 -1.08 -36.47 11.40
CA GLU B 381 -0.33 -37.34 10.50
C GLU B 381 -1.21 -37.79 9.33
N TYR B 382 -2.46 -38.12 9.63
CA TYR B 382 -3.41 -38.46 8.58
C TYR B 382 -3.62 -37.29 7.63
N TYR B 383 -3.78 -36.09 8.17
CA TYR B 383 -3.96 -34.92 7.32
C TYR B 383 -2.74 -34.66 6.46
N TYR B 384 -1.54 -34.80 7.04
CA TYR B 384 -0.33 -34.61 6.27
C TYR B 384 -0.23 -35.61 5.12
N ARG B 385 -0.51 -36.89 5.41
CA ARG B 385 -0.38 -37.88 4.36
C ARG B 385 -1.48 -37.77 3.32
N LYS B 386 -2.60 -37.14 3.67
CA LYS B 386 -3.63 -36.84 2.68
C LYS B 386 -3.45 -35.48 2.03
N LYS B 387 -2.44 -34.72 2.44
CA LYS B 387 -2.16 -33.40 1.91
C LYS B 387 -0.87 -33.32 1.11
N CYS B 388 0.13 -34.13 1.44
CA CYS B 388 1.44 -34.05 0.81
C CYS B 388 1.79 -35.39 0.17
N GLU B 389 2.36 -35.32 -1.03
CA GLU B 389 2.84 -36.49 -1.75
C GLU B 389 4.33 -36.28 -2.00
N PRO B 390 5.18 -36.75 -1.10
CA PRO B 390 6.63 -36.58 -1.30
C PRO B 390 7.11 -37.31 -2.55
N ILE B 391 8.09 -36.69 -3.21
CA ILE B 391 8.73 -37.27 -4.38
C ILE B 391 10.18 -36.83 -4.39
N VAL B 392 11.04 -37.64 -4.97
CA VAL B 392 12.46 -37.37 -5.02
C VAL B 392 12.84 -37.05 -6.45
N GLU B 393 13.92 -36.31 -6.60
CA GLU B 393 14.41 -35.96 -7.91
C GLU B 393 14.95 -37.20 -8.60
N PRO B 394 14.42 -37.58 -9.75
CA PRO B 394 14.98 -38.74 -10.46
C PRO B 394 16.32 -38.43 -11.09
N LYS B 395 17.38 -39.02 -10.54
CA LYS B 395 18.74 -38.82 -10.99
C LYS B 395 19.38 -40.17 -11.25
N PRO B 396 20.39 -40.22 -12.12
CA PRO B 396 20.97 -41.52 -12.48
C PRO B 396 21.43 -42.33 -11.29
N THR B 397 21.99 -41.68 -10.27
CA THR B 397 22.42 -42.37 -9.07
C THR B 397 21.27 -42.90 -8.23
N LEU B 398 20.04 -42.53 -8.56
CA LEU B 398 18.90 -42.90 -7.74
C LEU B 398 18.63 -44.40 -7.89
N LYS B 399 18.58 -45.09 -6.76
CA LYS B 399 18.34 -46.52 -6.73
C LYS B 399 17.56 -46.86 -5.48
N TYR B 400 16.71 -47.86 -5.60
CA TYR B 400 15.94 -48.39 -4.48
C TYR B 400 16.22 -49.88 -4.37
N VAL B 401 16.37 -50.35 -3.15
CA VAL B 401 16.60 -51.76 -2.88
C VAL B 401 15.71 -52.18 -1.72
N SER B 402 15.25 -53.43 -1.78
CA SER B 402 14.43 -54.00 -0.75
C SER B 402 15.02 -55.35 -0.35
N PHE B 403 15.07 -55.60 0.95
CA PHE B 403 15.56 -56.86 1.47
C PHE B 403 14.40 -57.57 2.17
N VAL B 404 14.15 -58.82 1.79
CA VAL B 404 13.02 -59.55 2.30
C VAL B 404 13.14 -59.82 3.79
N ASP B 405 14.32 -59.66 4.36
CA ASP B 405 14.51 -59.75 5.80
C ASP B 405 14.22 -58.43 6.50
N GLU B 406 13.85 -57.40 5.75
CA GLU B 406 13.57 -56.09 6.33
C GLU B 406 12.20 -55.60 5.89
N PRO B 407 11.55 -54.76 6.70
CA PRO B 407 10.22 -54.25 6.37
C PRO B 407 10.22 -52.87 5.72
N HIS B 408 11.35 -52.46 5.14
CA HIS B 408 11.45 -51.16 4.51
C HIS B 408 12.26 -51.21 3.23
N ILE B 409 12.23 -50.13 2.46
CA ILE B 409 13.02 -50.06 1.24
C ILE B 409 14.16 -49.09 1.49
N TRP B 410 15.32 -49.36 0.91
CA TRP B 410 16.47 -48.50 1.10
C TRP B 410 16.78 -47.72 -0.17
N MET B 411 16.94 -46.42 -0.04
CA MET B 411 17.19 -45.58 -1.21
C MET B 411 18.66 -45.17 -1.22
N VAL B 412 19.31 -45.39 -2.36
CA VAL B 412 20.71 -45.07 -2.56
C VAL B 412 20.79 -44.01 -3.65
N ASP B 413 21.36 -42.86 -3.31
CA ASP B 413 21.42 -41.71 -4.19
C ASP B 413 22.87 -41.25 -4.37
N GLN B 414 23.79 -42.19 -4.33
CA GLN B 414 25.21 -41.90 -4.46
C GLN B 414 25.83 -42.86 -5.45
N GLN B 415 26.97 -42.45 -6.01
CA GLN B 415 27.64 -43.27 -7.01
C GLN B 415 28.20 -44.53 -6.37
N LEU B 416 28.31 -45.58 -7.16
CA LEU B 416 28.91 -46.83 -6.73
C LEU B 416 30.36 -46.84 -7.17
N LEU B 417 31.26 -46.54 -6.24
CA LEU B 417 32.69 -46.43 -6.54
C LEU B 417 33.35 -47.80 -6.60
N GLY B 418 32.76 -48.68 -7.41
CA GLY B 418 33.25 -50.03 -7.58
C GLY B 418 32.91 -50.98 -6.46
N LYS B 419 32.19 -50.52 -5.44
CA LYS B 419 31.82 -51.37 -4.32
C LYS B 419 30.38 -51.83 -4.47
N SER B 420 30.11 -53.05 -4.02
CA SER B 420 28.82 -53.67 -4.26
C SER B 420 27.70 -52.85 -3.65
N LEU B 421 26.60 -52.74 -4.39
CA LEU B 421 25.43 -52.03 -3.90
C LEU B 421 24.84 -52.66 -2.65
N GLN B 422 25.09 -53.95 -2.44
CA GLN B 422 24.62 -54.60 -1.22
C GLN B 422 25.26 -53.98 0.01
N ASP B 423 26.57 -53.70 -0.07
CA ASP B 423 27.29 -53.13 1.04
C ASP B 423 27.16 -51.62 1.11
N VAL B 424 26.69 -50.97 0.04
CA VAL B 424 26.47 -49.54 0.07
C VAL B 424 25.27 -49.22 0.95
N LYS B 425 25.37 -48.14 1.70
CA LYS B 425 24.35 -47.75 2.67
C LYS B 425 23.64 -46.50 2.18
N GLY B 426 22.31 -46.53 2.22
CA GLY B 426 21.51 -45.38 1.88
C GLY B 426 20.71 -44.91 3.07
N GLN B 427 19.44 -44.58 2.86
CA GLN B 427 18.57 -44.20 3.93
C GLN B 427 17.23 -44.92 3.80
N GLU B 428 16.64 -45.23 4.95
CA GLU B 428 15.45 -46.05 5.00
C GLU B 428 14.21 -45.24 4.67
N VAL B 429 13.32 -45.82 3.88
CA VAL B 429 12.04 -45.20 3.56
C VAL B 429 10.94 -46.24 3.66
N PRO B 430 9.72 -45.81 4.00
CA PRO B 430 8.66 -46.80 4.22
C PRO B 430 8.06 -47.30 2.91
N ARG B 431 8.00 -48.61 2.73
CA ARG B 431 7.39 -49.17 1.54
C ARG B 431 5.93 -48.75 1.53
N PRO B 432 5.43 -48.34 0.37
CA PRO B 432 4.06 -47.83 0.35
C PRO B 432 3.05 -48.95 0.58
N GLN B 433 1.88 -48.61 1.12
CA GLN B 433 0.85 -49.60 1.35
C GLN B 433 0.27 -50.06 0.02
N THR B 434 0.14 -51.36 -0.17
CA THR B 434 -0.41 -51.89 -1.40
C THR B 434 -1.90 -51.61 -1.46
N ASP B 435 -2.47 -51.64 -2.66
CA ASP B 435 -3.90 -51.41 -2.81
C ASP B 435 -4.65 -52.63 -2.32
N PHE B 436 -5.16 -52.55 -1.10
CA PHE B 436 -5.85 -53.69 -0.53
C PHE B 436 -7.10 -54.01 -1.33
N LEU B 437 -7.78 -52.96 -1.79
CA LEU B 437 -8.99 -53.16 -2.58
C LEU B 437 -8.66 -54.00 -3.79
N GLU B 438 -7.50 -53.77 -4.38
CA GLU B 438 -7.09 -54.50 -5.58
C GLU B 438 -6.42 -55.82 -5.24
N LEU B 439 -5.76 -55.88 -4.09
CA LEU B 439 -5.05 -57.10 -3.71
C LEU B 439 -6.02 -58.10 -3.11
N SER B 440 -7.16 -57.62 -2.63
CA SER B 440 -8.15 -58.49 -2.00
C SER B 440 -8.65 -59.56 -2.95
N ARG B 441 -8.44 -59.37 -4.25
CA ARG B 441 -8.92 -60.33 -5.24
C ARG B 441 -8.36 -61.73 -5.01
N LEU B 442 -8.79 -62.70 -5.80
CA LEU B 442 -8.29 -64.07 -5.68
C LEU B 442 -6.76 -64.12 -5.72
N ASP B 472 30.78 -72.00 -4.86
CA ASP B 472 31.50 -70.75 -4.70
C ASP B 472 30.60 -69.57 -5.01
N SER B 473 29.59 -69.36 -4.17
CA SER B 473 28.66 -68.27 -4.36
C SER B 473 29.32 -66.93 -4.03
N PRO B 474 28.80 -65.82 -4.57
CA PRO B 474 29.40 -64.52 -4.31
C PRO B 474 29.41 -64.18 -2.83
N ASP B 475 30.43 -63.45 -2.41
CA ASP B 475 30.56 -63.08 -1.00
C ASP B 475 29.40 -62.22 -0.55
N TRP B 476 29.02 -61.25 -1.39
CA TRP B 476 27.91 -60.37 -1.04
C TRP B 476 26.57 -61.08 -1.04
N CYS B 477 26.50 -62.32 -1.51
CA CYS B 477 25.24 -63.05 -1.54
C CYS B 477 25.01 -63.76 -0.22
N GLN B 478 23.84 -63.54 0.36
CA GLN B 478 23.44 -64.17 1.60
C GLN B 478 22.28 -65.15 1.38
N CYS B 479 22.09 -65.62 0.15
CA CYS B 479 21.01 -66.53 -0.17
C CYS B 479 21.44 -67.74 -0.99
N GLY B 480 22.61 -67.69 -1.63
CA GLY B 480 23.12 -68.82 -2.37
C GLY B 480 22.70 -68.90 -3.82
N ASN B 481 21.69 -68.13 -4.23
CA ASN B 481 21.18 -68.20 -5.58
C ASN B 481 21.67 -67.06 -6.48
N CYS B 482 22.38 -66.09 -5.93
CA CYS B 482 22.86 -64.98 -6.72
C CYS B 482 24.11 -65.37 -7.50
N LEU B 483 24.33 -64.66 -8.60
CA LEU B 483 25.39 -64.96 -9.54
C LEU B 483 26.15 -63.69 -9.87
N PRO B 484 27.39 -63.81 -10.33
CA PRO B 484 28.16 -62.62 -10.71
C PRO B 484 27.51 -61.88 -11.88
N SER B 485 27.75 -60.58 -11.92
CA SER B 485 27.21 -59.76 -12.99
C SER B 485 28.03 -59.93 -14.25
N GLN B 486 27.34 -59.92 -15.39
CA GLN B 486 27.99 -59.98 -16.70
C GLN B 486 28.17 -58.59 -17.30
N LEU B 487 27.84 -57.55 -16.57
CA LEU B 487 28.00 -56.19 -17.06
C LEU B 487 29.48 -55.81 -17.08
N PRO B 488 29.82 -54.74 -17.81
CA PRO B 488 31.20 -54.24 -17.77
C PRO B 488 31.68 -54.02 -16.35
N GLU B 489 33.01 -54.06 -16.17
CA GLU B 489 33.57 -54.05 -14.81
C GLU B 489 33.13 -52.81 -14.04
N ASN B 490 33.08 -51.66 -14.70
CA ASN B 490 32.73 -50.42 -14.01
C ASN B 490 31.28 -50.39 -13.57
N ARG B 491 30.44 -51.25 -14.12
CA ARG B 491 29.00 -51.24 -13.82
C ARG B 491 28.51 -52.53 -13.19
N ARG B 492 29.41 -53.39 -12.70
CA ARG B 492 28.97 -54.62 -12.05
C ARG B 492 28.40 -54.37 -10.67
N ALA B 493 28.77 -53.26 -10.03
CA ALA B 493 28.34 -53.02 -8.66
C ALA B 493 26.83 -52.86 -8.57
N LEU B 494 26.20 -52.30 -9.60
CA LEU B 494 24.76 -52.09 -9.57
C LEU B 494 24.02 -53.41 -9.41
N GLU B 495 24.46 -54.44 -10.14
CA GLU B 495 23.82 -55.74 -10.11
C GLU B 495 24.35 -56.62 -8.99
N GLU B 496 25.30 -56.14 -8.21
CA GLU B 496 25.85 -56.90 -7.08
C GLU B 496 25.00 -56.67 -5.85
N LEU B 497 23.81 -57.26 -5.87
CA LEU B 497 22.81 -57.07 -4.83
C LEU B 497 22.10 -58.39 -4.57
N CYS B 498 21.85 -58.69 -3.30
CA CYS B 498 21.18 -59.90 -2.89
C CYS B 498 19.75 -59.62 -2.45
N CYS B 499 18.96 -60.69 -2.37
CA CYS B 499 17.58 -60.57 -1.95
C CYS B 499 17.45 -60.24 -0.48
N ARG B 500 18.43 -60.64 0.34
CA ARG B 500 18.37 -60.42 1.76
C ARG B 500 19.71 -59.93 2.27
N ARG B 501 19.67 -59.21 3.38
CA ARG B 501 20.88 -58.68 3.99
C ARG B 501 21.56 -59.70 4.89
N LYS B 502 20.78 -60.53 5.58
CA LYS B 502 21.28 -61.56 6.46
C LYS B 502 21.05 -62.93 5.86
N PRO B 503 21.85 -63.92 6.24
CA PRO B 503 21.71 -65.25 5.63
C PRO B 503 20.32 -65.83 5.85
N GLY B 504 19.85 -66.56 4.86
CA GLY B 504 18.51 -67.12 4.91
C GLY B 504 18.11 -67.68 3.57
N GLN B 505 16.81 -67.90 3.43
CA GLN B 505 16.29 -68.47 2.19
C GLN B 505 16.04 -67.37 1.17
N CYS B 506 16.27 -67.71 -0.10
CA CYS B 506 16.05 -66.76 -1.17
C CYS B 506 14.58 -66.49 -1.38
N ILE B 507 14.27 -65.26 -1.77
CA ILE B 507 12.89 -64.89 -2.06
C ILE B 507 12.34 -65.69 -3.23
N THR B 508 13.23 -66.19 -4.09
CA THR B 508 12.81 -67.01 -5.20
C THR B 508 12.14 -68.30 -4.75
N THR B 509 12.39 -68.74 -3.51
CA THR B 509 11.76 -69.95 -3.00
C THR B 509 10.28 -69.72 -2.70
N SER B 510 9.87 -68.47 -2.52
CA SER B 510 8.47 -68.17 -2.28
C SER B 510 7.63 -68.54 -3.51
N GLU B 511 6.40 -68.97 -3.27
CA GLU B 511 5.52 -69.35 -4.36
C GLU B 511 5.03 -68.13 -5.13
N LEU B 512 4.91 -66.99 -4.45
CA LEU B 512 4.50 -65.77 -5.14
C LEU B 512 5.50 -65.36 -6.21
N PHE B 513 6.77 -65.69 -6.02
CA PHE B 513 7.74 -65.36 -7.06
C PHE B 513 7.40 -66.05 -8.36
N SER B 514 7.00 -67.32 -8.29
CA SER B 514 6.63 -68.06 -9.48
C SER B 514 5.27 -67.62 -10.00
N LYS B 515 4.34 -67.31 -9.09
CA LYS B 515 3.00 -66.92 -9.51
C LYS B 515 3.02 -65.58 -10.24
N ILE B 516 3.81 -64.63 -9.74
CA ILE B 516 3.79 -63.25 -10.24
C ILE B 516 4.89 -63.00 -11.26
N VAL B 517 6.11 -63.43 -10.94
CA VAL B 517 7.27 -63.02 -11.72
C VAL B 517 7.60 -64.01 -12.83
N LEU B 518 7.50 -65.31 -12.56
CA LEU B 518 7.92 -66.31 -13.53
C LEU B 518 6.77 -66.95 -14.29
N SER B 519 5.54 -66.85 -13.79
CA SER B 519 4.41 -67.47 -14.47
C SER B 519 4.22 -66.86 -15.85
N ARG B 520 4.46 -67.65 -16.89
CA ARG B 520 4.32 -67.15 -18.25
C ARG B 520 2.87 -66.77 -18.56
N GLU B 521 1.91 -67.49 -17.98
CA GLU B 521 0.51 -67.19 -18.24
C GLU B 521 0.16 -65.77 -17.77
N ALA B 522 0.58 -65.42 -16.56
CA ALA B 522 0.24 -64.11 -16.02
C ALA B 522 0.89 -62.99 -16.82
N LEU B 523 2.16 -63.16 -17.17
CA LEU B 523 2.85 -62.14 -17.95
C LEU B 523 2.23 -62.01 -19.33
N GLN B 524 1.84 -63.12 -19.93
CA GLN B 524 1.16 -63.06 -21.22
C GLN B 524 -0.16 -62.31 -21.09
N LEU B 525 -0.90 -62.55 -20.01
CA LEU B 525 -2.15 -61.83 -19.79
C LEU B 525 -1.91 -60.34 -19.65
N LEU B 526 -0.87 -59.95 -18.92
CA LEU B 526 -0.54 -58.54 -18.79
C LEU B 526 -0.21 -57.92 -20.14
N LEU B 527 0.63 -58.61 -20.91
CA LEU B 527 1.01 -58.10 -22.22
C LEU B 527 -0.20 -57.94 -23.12
N LEU B 528 -1.09 -58.92 -23.11
CA LEU B 528 -2.31 -58.83 -23.91
C LEU B 528 -3.20 -57.69 -23.43
N TYR B 529 -3.30 -57.53 -22.12
CA TYR B 529 -4.03 -56.39 -21.58
C TYR B 529 -3.51 -55.09 -22.15
N GLN B 530 -2.19 -54.94 -22.23
CA GLN B 530 -1.62 -53.77 -22.87
C GLN B 530 -1.82 -53.82 -24.39
N GLU B 531 -1.54 -54.96 -25.00
CA GLU B 531 -1.65 -55.14 -26.44
C GLU B 531 -2.46 -56.40 -26.75
N PRO B 532 -3.77 -56.29 -26.93
CA PRO B 532 -4.62 -57.49 -27.02
C PRO B 532 -4.25 -58.43 -28.15
N LEU B 533 -3.73 -57.91 -29.26
CA LEU B 533 -3.45 -58.72 -30.44
C LEU B 533 -1.96 -59.02 -30.58
N LEU B 534 -1.27 -59.18 -29.46
CA LEU B 534 0.16 -59.44 -29.49
C LEU B 534 0.44 -60.83 -30.03
N ALA B 535 1.54 -60.94 -30.77
CA ALA B 535 1.99 -62.21 -31.32
C ALA B 535 2.94 -62.87 -30.33
N LEU B 536 2.49 -63.96 -29.71
CA LEU B 536 3.26 -64.65 -28.69
C LEU B 536 4.23 -65.65 -29.35
N GLU B 537 5.14 -65.08 -30.14
CA GLU B 537 6.15 -65.88 -30.81
C GLU B 537 7.37 -65.00 -31.10
N GLY B 538 8.53 -65.65 -31.14
CA GLY B 538 9.77 -64.95 -31.41
C GLY B 538 10.53 -64.60 -30.14
N GLU B 539 11.68 -63.95 -30.34
CA GLU B 539 12.46 -63.43 -29.22
C GLU B 539 11.87 -62.17 -28.63
N ALA B 540 11.05 -61.45 -29.40
CA ALA B 540 10.43 -60.24 -28.89
C ALA B 540 9.53 -60.54 -27.71
N ILE B 541 8.77 -61.63 -27.78
CA ILE B 541 7.88 -61.97 -26.68
C ILE B 541 8.67 -62.35 -25.45
N ASN B 542 9.80 -63.04 -25.64
CA ASN B 542 10.65 -63.39 -24.50
C ASN B 542 11.19 -62.13 -23.83
N SER B 543 11.64 -61.17 -24.64
CA SER B 543 12.13 -59.91 -24.07
C SER B 543 11.01 -59.17 -23.33
N LYS B 544 9.83 -59.13 -23.92
CA LYS B 544 8.70 -58.45 -23.28
C LYS B 544 8.34 -59.12 -21.96
N LEU B 545 8.36 -60.46 -21.94
CA LEU B 545 8.08 -61.19 -20.72
C LEU B 545 9.14 -60.91 -19.66
N ARG B 546 10.41 -60.83 -20.07
CA ARG B 546 11.47 -60.52 -19.13
C ARG B 546 11.25 -59.15 -18.51
N HIS B 547 10.92 -58.16 -19.34
CA HIS B 547 10.70 -56.82 -18.82
C HIS B 547 9.48 -56.79 -17.91
N CYS B 548 8.43 -57.51 -18.27
CA CYS B 548 7.24 -57.56 -17.44
C CYS B 548 7.53 -58.23 -16.11
N ALA B 549 8.40 -59.24 -16.10
CA ALA B 549 8.79 -59.89 -14.85
C ALA B 549 9.57 -58.95 -13.96
N TYR B 550 10.51 -58.21 -14.55
CA TYR B 550 11.21 -57.20 -13.78
C TYR B 550 10.24 -56.20 -13.18
N ARG B 551 9.30 -55.70 -13.99
CA ARG B 551 8.32 -54.74 -13.50
C ARG B 551 7.44 -55.34 -12.42
N SER B 552 7.10 -56.62 -12.56
CA SER B 552 6.24 -57.27 -11.57
C SER B 552 6.93 -57.39 -10.23
N TYR B 553 8.19 -57.86 -10.24
CA TYR B 553 8.94 -57.90 -9.00
C TYR B 553 9.06 -56.51 -8.39
N ALA B 554 9.37 -55.51 -9.22
CA ALA B 554 9.57 -54.17 -8.71
C ALA B 554 8.28 -53.62 -8.11
N THR B 555 7.14 -53.89 -8.73
CA THR B 555 5.88 -53.40 -8.20
C THR B 555 5.46 -54.16 -6.96
N TRP B 556 5.82 -55.43 -6.88
CA TRP B 556 5.47 -56.24 -5.73
C TRP B 556 6.25 -55.81 -4.49
N ARG B 557 7.55 -55.56 -4.64
CA ARG B 557 8.39 -55.24 -3.51
C ARG B 557 8.57 -53.75 -3.28
N PHE B 558 8.26 -52.91 -4.28
CA PHE B 558 8.34 -51.45 -4.17
C PHE B 558 7.00 -51.01 -4.71
N VAL B 559 5.99 -50.95 -3.85
CA VAL B 559 4.63 -50.74 -4.33
C VAL B 559 4.51 -49.52 -5.22
N SER B 560 5.15 -48.42 -4.85
CA SER B 560 5.04 -47.21 -5.63
C SER B 560 5.76 -47.36 -6.96
N GLN B 561 5.11 -46.88 -8.02
CA GLN B 561 5.74 -46.89 -9.34
C GLN B 561 6.96 -45.99 -9.37
N ASP B 562 6.99 -44.97 -8.53
CA ASP B 562 8.15 -44.07 -8.47
C ASP B 562 9.40 -44.84 -8.04
N MET B 563 9.27 -45.68 -7.02
CA MET B 563 10.39 -46.51 -6.60
C MET B 563 10.60 -47.69 -7.53
N ALA B 564 9.51 -48.25 -8.07
CA ALA B 564 9.63 -49.40 -8.96
C ALA B 564 10.40 -49.03 -10.22
N ASP B 565 10.25 -47.80 -10.70
CA ASP B 565 10.97 -47.39 -11.90
C ASP B 565 12.47 -47.36 -11.65
N PHE B 566 12.88 -46.96 -10.45
CA PHE B 566 14.28 -46.86 -10.09
C PHE B 566 14.74 -47.99 -9.18
N ALA B 567 13.92 -49.02 -9.02
CA ALA B 567 14.32 -50.17 -8.22
C ALA B 567 15.46 -50.90 -8.89
N ILE B 568 16.09 -51.78 -8.10
CA ILE B 568 17.18 -52.63 -8.57
C ILE B 568 16.86 -54.04 -8.14
N LEU B 569 16.79 -54.94 -9.10
CA LEU B 569 16.48 -56.32 -8.78
C LEU B 569 17.71 -57.04 -8.23
N PRO B 570 17.51 -57.97 -7.31
CA PRO B 570 18.63 -58.80 -6.87
C PRO B 570 19.14 -59.68 -7.99
N SER B 571 20.39 -60.10 -7.86
CA SER B 571 20.99 -60.97 -8.87
C SER B 571 20.24 -62.30 -8.94
N CYS B 572 19.81 -62.82 -7.79
CA CYS B 572 19.12 -64.10 -7.78
C CYS B 572 17.82 -64.03 -8.57
N CYS B 573 16.98 -63.04 -8.25
CA CYS B 573 15.71 -62.90 -8.94
C CYS B 573 15.91 -62.54 -10.40
N ARG B 574 16.85 -61.64 -10.69
CA ARG B 574 17.14 -61.24 -12.06
C ARG B 574 17.54 -62.44 -12.90
N TRP B 575 18.44 -63.26 -12.39
CA TRP B 575 18.95 -64.37 -13.18
C TRP B 575 17.95 -65.52 -13.23
N LYS B 576 17.12 -65.70 -12.22
CA LYS B 576 16.03 -66.66 -12.35
C LYS B 576 15.08 -66.23 -13.45
N ILE B 577 14.75 -64.94 -13.50
CA ILE B 577 13.89 -64.42 -14.55
C ILE B 577 14.52 -64.67 -15.91
N ARG B 578 15.78 -64.31 -16.06
CA ARG B 578 16.44 -64.46 -17.35
C ARG B 578 16.48 -65.92 -17.74
N LYS B 579 16.70 -66.79 -16.76
CA LYS B 579 16.70 -68.21 -17.03
C LYS B 579 15.36 -68.63 -17.58
N GLU B 580 14.29 -68.06 -17.03
CA GLU B 580 12.94 -68.38 -17.48
C GLU B 580 12.64 -67.77 -18.83
N PHE B 581 13.16 -66.58 -19.10
CA PHE B 581 12.87 -65.85 -20.33
C PHE B 581 14.18 -65.36 -20.93
N PRO B 582 15.01 -66.26 -21.42
CA PRO B 582 16.38 -65.90 -21.76
C PRO B 582 16.53 -65.26 -23.13
N LYS B 583 17.62 -64.52 -23.29
CA LYS B 583 17.86 -63.81 -24.53
C LYS B 583 18.60 -64.72 -25.48
N THR B 584 18.71 -64.32 -26.74
CA THR B 584 19.42 -65.12 -27.73
C THR B 584 20.45 -64.28 -28.47
N GLN B 585 21.67 -64.78 -28.58
CA GLN B 585 22.71 -64.07 -29.31
C GLN B 585 22.81 -62.62 -28.88
N GLY B 586 22.79 -62.38 -27.57
CA GLY B 586 22.90 -61.02 -27.08
C GLY B 586 23.28 -60.95 -25.62
N GLN B 587 23.88 -59.83 -25.22
CA GLN B 587 24.23 -59.63 -23.82
C GLN B 587 23.23 -58.71 -23.16
N TYR B 588 22.81 -59.05 -21.95
CA TYR B 588 21.85 -58.22 -21.24
C TYR B 588 22.48 -56.89 -20.86
N SER B 589 21.68 -55.83 -20.96
CA SER B 589 22.15 -54.48 -20.66
C SER B 589 21.90 -54.10 -19.20
N GLY B 590 20.72 -54.43 -18.68
CA GLY B 590 20.42 -54.16 -17.30
C GLY B 590 19.53 -52.96 -17.09
N PHE B 591 19.72 -52.28 -15.96
CA PHE B 591 18.85 -51.19 -15.57
C PHE B 591 19.17 -49.94 -16.37
N LYS B 592 18.13 -49.35 -16.95
CA LYS B 592 18.25 -48.08 -17.66
C LYS B 592 17.72 -46.95 -16.80
N TYR B 593 18.16 -45.73 -17.12
CA TYR B 593 17.72 -44.58 -16.38
C TYR B 593 16.44 -44.11 -17.00
N PRO B 594 15.35 -44.08 -16.23
CA PRO B 594 14.06 -43.74 -16.82
C PRO B 594 14.07 -42.34 -17.43
N TYR B 595 15.03 -41.52 -17.05
CA TYR B 595 15.13 -40.16 -17.59
C TYR B 595 16.40 -39.99 -18.40
N SER C 6 18.19 -33.15 7.44
CA SER C 6 18.23 -31.71 7.77
C SER C 6 18.40 -30.89 6.51
N TRP C 7 19.54 -31.05 5.85
CA TRP C 7 19.76 -30.36 4.58
C TRP C 7 18.74 -30.80 3.55
N ASN C 8 18.38 -32.09 3.55
CA ASN C 8 17.28 -32.55 2.72
C ASN C 8 16.00 -31.78 3.04
N ASP C 9 15.81 -31.42 4.31
CA ASP C 9 14.65 -30.62 4.67
C ASP C 9 14.73 -29.23 4.06
N VAL C 10 15.93 -28.64 4.04
CA VAL C 10 16.11 -27.35 3.38
C VAL C 10 15.86 -27.47 1.88
N PHE C 11 16.42 -28.51 1.27
CA PHE C 11 16.32 -28.71 -0.17
C PHE C 11 15.00 -29.37 -0.55
N GLN C 12 13.91 -28.66 -0.26
CA GLN C 12 12.58 -29.10 -0.63
C GLN C 12 11.80 -27.95 -1.23
N TYR C 13 11.02 -28.25 -2.25
CA TYR C 13 10.12 -27.29 -2.85
C TYR C 13 8.72 -27.89 -2.89
N GLU C 14 7.76 -27.20 -2.30
CA GLU C 14 6.38 -27.62 -2.28
C GLU C 14 5.61 -26.91 -3.40
N THR C 15 5.02 -27.69 -4.28
CA THR C 15 4.19 -27.17 -5.36
C THR C 15 2.79 -27.73 -5.23
N ASN C 16 1.80 -26.86 -5.42
CA ASN C 16 0.42 -27.27 -5.27
C ASN C 16 -0.01 -28.17 -6.41
N LYS C 17 -0.81 -29.17 -6.08
CA LYS C 17 -1.44 -30.01 -7.09
C LYS C 17 -2.61 -29.26 -7.69
N VAL C 18 -2.73 -29.30 -9.01
CA VAL C 18 -3.70 -28.52 -9.74
C VAL C 18 -4.49 -29.45 -10.66
N THR C 19 -5.54 -28.90 -11.25
CA THR C 19 -6.40 -29.60 -12.18
C THR C 19 -6.54 -28.75 -13.43
N ARG C 20 -5.87 -29.17 -14.51
CA ARG C 20 -5.93 -28.45 -15.77
C ARG C 20 -7.24 -28.76 -16.46
N ILE C 21 -8.14 -27.79 -16.47
CA ILE C 21 -9.48 -27.95 -17.04
C ILE C 21 -9.48 -27.34 -18.43
N GLN C 22 -9.88 -28.13 -19.42
CA GLN C 22 -10.04 -27.65 -20.79
C GLN C 22 -11.48 -27.18 -20.97
N SER C 23 -11.72 -25.96 -20.51
CA SER C 23 -13.05 -25.35 -20.59
C SER C 23 -12.92 -24.01 -21.28
N VAL C 24 -13.74 -23.79 -22.30
CA VAL C 24 -13.74 -22.51 -23.00
C VAL C 24 -14.30 -21.42 -22.10
N ASN C 25 -15.42 -21.70 -21.42
CA ASN C 25 -16.05 -20.69 -20.58
C ASN C 25 -15.11 -20.22 -19.48
N TYR C 26 -14.49 -21.16 -18.78
CA TYR C 26 -13.69 -20.80 -17.61
C TYR C 26 -12.39 -20.13 -18.03
N GLY C 27 -11.76 -20.58 -19.09
CA GLY C 27 -10.58 -19.90 -19.59
C GLY C 27 -10.88 -18.49 -20.06
N THR C 28 -11.99 -18.32 -20.80
CA THR C 28 -12.38 -16.99 -21.22
C THR C 28 -12.67 -16.09 -20.04
N ILE C 29 -13.37 -16.60 -19.03
CA ILE C 29 -13.66 -15.81 -17.84
C ILE C 29 -12.37 -15.41 -17.14
N LYS C 30 -11.46 -16.36 -16.99
CA LYS C 30 -10.20 -16.09 -16.31
C LYS C 30 -9.42 -15.00 -17.02
N TRP C 31 -9.33 -15.09 -18.35
CA TRP C 31 -8.56 -14.11 -19.09
C TRP C 31 -9.25 -12.75 -19.08
N ILE C 32 -10.58 -12.74 -19.14
CA ILE C 32 -11.31 -11.48 -19.08
C ILE C 32 -11.07 -10.79 -17.74
N LEU C 33 -11.15 -11.54 -16.66
CA LEU C 33 -10.94 -10.95 -15.34
C LEU C 33 -9.50 -10.51 -15.14
N HIS C 34 -8.54 -11.30 -15.63
CA HIS C 34 -7.15 -10.90 -15.57
C HIS C 34 -6.93 -9.59 -16.33
N MET C 35 -7.49 -9.49 -17.53
CA MET C 35 -7.34 -8.27 -18.32
C MET C 35 -7.99 -7.09 -17.63
N THR C 36 -9.17 -7.28 -17.04
CA THR C 36 -9.84 -6.20 -16.33
C THR C 36 -9.00 -5.70 -15.17
N VAL C 37 -8.46 -6.64 -14.37
CA VAL C 37 -7.64 -6.25 -13.23
C VAL C 37 -6.39 -5.52 -13.69
N PHE C 38 -5.73 -6.05 -14.72
CA PHE C 38 -4.53 -5.42 -15.24
C PHE C 38 -4.82 -4.03 -15.74
N SER C 39 -5.93 -3.87 -16.46
CA SER C 39 -6.29 -2.57 -17.01
C SER C 39 -6.56 -1.56 -15.90
N TYR C 40 -7.32 -1.95 -14.88
CA TYR C 40 -7.59 -1.02 -13.80
C TYR C 40 -6.32 -0.66 -13.04
N VAL C 41 -5.47 -1.65 -12.77
CA VAL C 41 -4.23 -1.38 -12.05
C VAL C 41 -3.37 -0.41 -12.84
N SER C 42 -3.23 -0.63 -14.14
CA SER C 42 -2.44 0.27 -14.97
C SER C 42 -3.05 1.66 -15.00
N PHE C 43 -4.38 1.75 -15.13
CA PHE C 43 -5.04 3.05 -15.17
C PHE C 43 -4.80 3.81 -13.88
N ALA C 44 -4.94 3.13 -12.74
CA ALA C 44 -4.70 3.79 -11.46
C ALA C 44 -3.25 4.20 -11.32
N LEU C 45 -2.33 3.36 -11.80
CA LEU C 45 -0.91 3.68 -11.67
C LEU C 45 -0.54 4.91 -12.48
N MET C 46 -1.06 5.01 -13.71
CA MET C 46 -0.61 6.07 -14.60
C MET C 46 -1.41 7.35 -14.40
N SER C 47 -2.72 7.24 -14.16
CA SER C 47 -3.53 8.43 -13.94
C SER C 47 -3.15 9.13 -12.65
N ASP C 48 -3.07 8.39 -11.55
CA ASP C 48 -2.69 8.95 -10.26
C ASP C 48 -1.19 9.00 -10.06
N LYS C 49 -0.42 8.51 -11.03
CA LYS C 49 1.04 8.55 -10.96
C LYS C 49 1.53 7.93 -9.66
N LEU C 50 0.99 6.74 -9.35
CA LEU C 50 1.34 6.03 -8.13
C LEU C 50 2.71 5.42 -8.18
N TYR C 51 3.41 5.55 -9.31
CA TYR C 51 4.77 5.06 -9.42
C TYR C 51 5.75 6.16 -9.06
N GLN C 52 5.24 7.35 -8.74
CA GLN C 52 6.11 8.48 -8.45
C GLN C 52 6.14 8.93 -7.01
N ARG C 53 7.27 9.44 -6.55
CA ARG C 53 7.36 9.99 -5.20
C ARG C 53 6.97 11.44 -5.32
N LYS C 54 6.00 11.88 -4.53
CA LYS C 54 5.51 13.24 -4.62
C LYS C 54 6.00 14.07 -3.44
N GLU C 55 6.50 15.27 -3.72
CA GLU C 55 7.03 16.17 -2.72
C GLU C 55 6.36 17.53 -2.83
N PRO C 56 5.91 18.12 -1.74
CA PRO C 56 5.40 19.49 -1.81
C PRO C 56 6.51 20.50 -2.05
N LEU C 57 6.13 21.63 -2.60
CA LEU C 57 7.09 22.65 -3.00
C LEU C 57 7.29 23.68 -1.91
N ILE C 58 8.41 24.39 -1.99
CA ILE C 58 8.69 25.57 -1.20
C ILE C 58 8.74 26.75 -2.16
N SER C 59 7.99 27.80 -1.86
CA SER C 59 7.78 28.89 -2.79
C SER C 59 8.38 30.18 -2.27
N SER C 60 8.85 31.00 -3.21
CA SER C 60 9.19 32.39 -2.96
C SER C 60 8.45 33.22 -3.97
N VAL C 61 7.77 34.26 -3.49
CA VAL C 61 6.98 35.15 -4.32
C VAL C 61 7.57 36.54 -4.24
N HIS C 62 7.66 37.21 -5.38
CA HIS C 62 8.13 38.58 -5.48
C HIS C 62 7.18 39.34 -6.38
N THR C 63 6.53 40.35 -5.82
CA THR C 63 5.52 41.11 -6.53
C THR C 63 5.99 42.53 -6.81
N LYS C 64 5.57 43.05 -7.95
CA LYS C 64 5.82 44.44 -8.33
C LYS C 64 4.54 45.01 -8.92
N VAL C 65 3.89 45.90 -8.18
CA VAL C 65 2.69 46.57 -8.61
C VAL C 65 3.08 47.88 -9.29
N LYS C 66 2.50 48.11 -10.46
CA LYS C 66 2.75 49.35 -11.19
C LYS C 66 1.42 49.97 -11.55
N GLY C 67 1.30 51.26 -11.32
CA GLY C 67 0.08 51.98 -11.58
C GLY C 67 -0.04 53.23 -10.73
N VAL C 68 -0.56 54.30 -11.31
CA VAL C 68 -0.70 55.57 -10.62
C VAL C 68 -2.13 56.07 -10.78
N ALA C 69 -2.65 56.69 -9.74
CA ALA C 69 -4.01 57.21 -9.72
C ALA C 69 -4.00 58.68 -9.37
N GLU C 70 -4.99 59.40 -9.91
CA GLU C 70 -5.18 60.82 -9.62
C GLU C 70 -6.50 60.97 -8.88
N VAL C 71 -6.46 61.70 -7.76
CA VAL C 71 -7.63 61.90 -6.91
C VAL C 71 -7.85 63.39 -6.72
N THR C 72 -9.07 63.84 -6.97
CA THR C 72 -9.48 65.22 -6.74
C THR C 72 -10.38 65.26 -5.51
N GLU C 73 -9.96 66.02 -4.50
CA GLU C 73 -10.71 66.11 -3.25
C GLU C 73 -10.60 67.50 -2.66
N LYS C 82 -10.26 74.06 -0.06
CA LYS C 82 -9.82 74.26 -1.44
C LYS C 82 -9.64 72.92 -2.14
N LEU C 83 -9.82 72.91 -3.45
CA LEU C 83 -9.66 71.69 -4.22
C LEU C 83 -8.22 71.22 -4.15
N VAL C 84 -8.03 69.93 -3.91
CA VAL C 84 -6.71 69.32 -3.78
C VAL C 84 -6.58 68.25 -4.86
N HIS C 85 -5.53 68.34 -5.66
CA HIS C 85 -5.24 67.37 -6.71
C HIS C 85 -4.04 66.54 -6.28
N GLY C 86 -4.24 65.24 -6.15
CA GLY C 86 -3.23 64.34 -5.61
C GLY C 86 -2.80 63.29 -6.61
N ILE C 87 -1.58 62.79 -6.44
CA ILE C 87 -1.03 61.72 -7.25
C ILE C 87 -0.63 60.58 -6.30
N PHE C 88 -1.02 59.36 -6.64
CA PHE C 88 -0.84 58.20 -5.80
C PHE C 88 0.01 57.16 -6.54
N ASP C 89 1.20 56.90 -6.02
CA ASP C 89 2.11 55.91 -6.58
C ASP C 89 2.42 54.82 -5.56
N THR C 90 3.34 53.93 -5.92
CA THR C 90 3.62 52.74 -5.11
C THR C 90 4.17 53.09 -3.74
N ALA C 91 4.73 54.29 -3.60
CA ALA C 91 5.20 54.73 -2.29
C ALA C 91 4.02 55.33 -1.53
N ASP C 92 2.84 55.35 -2.15
CA ASP C 92 1.67 55.95 -1.53
C ASP C 92 0.56 54.96 -1.24
N TYR C 93 0.10 54.22 -2.26
CA TYR C 93 -1.03 53.30 -2.09
C TYR C 93 -0.63 51.86 -1.80
N THR C 94 0.67 51.54 -1.85
CA THR C 94 1.10 50.19 -1.55
C THR C 94 2.06 50.13 -0.37
N LEU C 95 2.11 48.97 0.27
CA LEU C 95 2.92 48.80 1.46
C LEU C 95 4.26 48.21 1.08
N PRO C 96 5.20 48.11 2.02
CA PRO C 96 6.44 47.39 1.75
C PRO C 96 6.23 45.91 1.46
N LEU C 97 4.98 45.46 1.51
CA LEU C 97 4.66 44.09 1.17
C LEU C 97 5.00 43.77 -0.28
N GLN C 98 5.99 42.91 -0.50
CA GLN C 98 6.32 42.48 -1.84
C GLN C 98 6.52 40.98 -1.93
N GLY C 99 5.83 40.20 -1.10
CA GLY C 99 5.94 38.77 -1.12
C GLY C 99 4.63 38.06 -1.38
N ASN C 100 4.29 37.11 -0.50
CA ASN C 100 3.10 36.31 -0.68
C ASN C 100 1.84 37.15 -0.64
N SER C 101 1.90 38.34 -0.07
CA SER C 101 0.76 39.24 -0.01
C SER C 101 1.18 40.64 -0.40
N PHE C 102 0.25 41.37 -1.02
CA PHE C 102 0.45 42.79 -1.29
C PHE C 102 -0.90 43.49 -1.21
N PHE C 103 -0.85 44.76 -0.84
CA PHE C 103 -2.04 45.55 -0.57
C PHE C 103 -2.13 46.70 -1.56
N VAL C 104 -3.31 46.85 -2.16
CA VAL C 104 -3.59 47.93 -3.09
C VAL C 104 -4.73 48.75 -2.53
N MET C 105 -4.43 50.01 -2.21
CA MET C 105 -5.42 50.88 -1.60
C MET C 105 -6.43 51.35 -2.63
N THR C 106 -7.71 51.20 -2.32
CA THR C 106 -8.78 51.58 -3.21
C THR C 106 -9.64 52.71 -2.66
N ASN C 107 -9.44 53.11 -1.41
CA ASN C 107 -10.20 54.18 -0.81
C ASN C 107 -9.53 54.52 0.51
N TYR C 108 -9.90 55.65 1.09
CA TYR C 108 -9.26 56.09 2.32
C TYR C 108 -10.12 57.16 2.99
N LEU C 109 -9.86 57.33 4.29
CA LEU C 109 -10.42 58.41 5.09
C LEU C 109 -9.27 59.11 5.78
N LYS C 110 -9.30 60.44 5.82
CA LYS C 110 -8.22 61.23 6.37
C LYS C 110 -8.68 61.98 7.61
N SER C 111 -7.74 62.14 8.54
CA SER C 111 -7.96 62.91 9.77
C SER C 111 -6.62 63.55 10.13
N GLU C 112 -6.47 64.82 9.79
CA GLU C 112 -5.23 65.55 10.00
C GLU C 112 -5.26 66.27 11.35
N GLY C 113 -4.10 66.34 11.99
CA GLY C 113 -3.96 67.09 13.22
C GLY C 113 -4.66 66.44 14.39
N GLN C 114 -4.15 65.30 14.83
CA GLN C 114 -4.72 64.57 15.96
C GLN C 114 -3.88 64.82 17.20
N GLU C 115 -4.56 65.08 18.32
CA GLU C 115 -3.89 65.30 19.59
C GLU C 115 -4.62 64.51 20.66
N GLN C 116 -3.89 64.04 21.66
CA GLN C 116 -4.47 63.22 22.71
C GLN C 116 -5.11 64.14 23.74
N LYS C 117 -6.43 64.23 23.71
CA LYS C 117 -7.16 65.14 24.58
C LYS C 117 -8.61 64.66 24.65
N LEU C 118 -9.44 65.41 25.37
CA LEU C 118 -10.85 65.10 25.46
C LEU C 118 -11.58 65.67 24.25
N CYS C 119 -12.56 64.91 23.75
CA CYS C 119 -13.32 65.32 22.59
C CYS C 119 -14.58 64.47 22.52
N PRO C 120 -15.59 64.90 21.77
CA PRO C 120 -16.78 64.07 21.60
C PRO C 120 -16.54 62.97 20.58
N GLU C 121 -16.99 61.77 20.92
CA GLU C 121 -16.87 60.64 20.01
C GLU C 121 -17.77 60.82 18.80
N TYR C 122 -17.35 60.25 17.68
CA TYR C 122 -18.05 60.47 16.42
C TYR C 122 -19.44 59.84 16.48
N PRO C 123 -20.51 60.58 16.20
CA PRO C 123 -21.84 59.99 16.20
C PRO C 123 -22.09 59.14 14.96
N SER C 124 -22.17 57.82 15.14
CA SER C 124 -22.38 56.92 14.02
C SER C 124 -23.06 55.66 14.52
N ARG C 125 -23.80 55.00 13.63
CA ARG C 125 -24.51 53.77 13.94
C ARG C 125 -25.43 53.97 15.15
N GLY C 126 -26.05 55.15 15.22
CA GLY C 126 -26.94 55.45 16.32
C GLY C 126 -26.25 55.46 17.67
N LYS C 127 -25.02 55.98 17.73
CA LYS C 127 -24.28 56.11 18.96
C LYS C 127 -24.46 57.46 19.63
N GLN C 128 -25.28 58.33 19.05
CA GLN C 128 -25.48 59.66 19.64
C GLN C 128 -26.03 59.53 21.05
N CYS C 129 -25.42 60.30 21.96
CA CYS C 129 -25.83 60.27 23.36
C CYS C 129 -26.99 61.23 23.61
N HIS C 130 -27.88 60.83 24.51
CA HIS C 130 -29.02 61.66 24.90
C HIS C 130 -29.03 62.05 26.37
N SER C 131 -28.35 61.31 27.24
CA SER C 131 -28.32 61.59 28.66
C SER C 131 -26.88 61.49 29.18
N ASP C 132 -26.54 62.36 30.12
CA ASP C 132 -25.20 62.34 30.71
C ASP C 132 -24.95 61.03 31.44
N GLN C 133 -25.95 60.52 32.16
CA GLN C 133 -25.76 59.30 32.93
C GLN C 133 -25.43 58.10 32.05
N GLY C 134 -25.83 58.14 30.77
CA GLY C 134 -25.56 57.01 29.90
C GLY C 134 -24.08 56.76 29.72
N CYS C 135 -23.30 57.82 29.53
CA CYS C 135 -21.86 57.68 29.36
C CYS C 135 -21.22 57.21 30.66
N ILE C 136 -20.26 56.30 30.54
CA ILE C 136 -19.57 55.72 31.69
C ILE C 136 -18.20 56.35 31.81
N LYS C 137 -17.65 56.33 33.02
CA LYS C 137 -16.35 56.90 33.31
C LYS C 137 -15.31 55.79 33.41
N GLY C 138 -14.20 55.96 32.71
CA GLY C 138 -13.15 54.95 32.70
C GLY C 138 -13.43 53.75 31.84
N TRP C 139 -14.44 53.81 30.98
CA TRP C 139 -14.85 52.66 30.17
C TRP C 139 -14.07 52.66 28.86
N MET C 140 -13.40 51.55 28.58
CA MET C 140 -12.71 51.39 27.31
C MET C 140 -13.74 51.22 26.20
N ASP C 141 -13.57 51.96 25.11
CA ASP C 141 -14.51 51.96 23.99
C ASP C 141 -13.73 51.67 22.72
N PRO C 142 -13.53 50.39 22.39
CA PRO C 142 -12.83 50.07 21.13
C PRO C 142 -13.51 50.64 19.90
N GLN C 143 -14.84 50.75 19.92
CA GLN C 143 -15.53 51.34 18.78
C GLN C 143 -15.12 52.79 18.58
N SER C 144 -15.02 53.56 19.67
CA SER C 144 -14.58 54.94 19.60
C SER C 144 -13.09 55.11 19.85
N LYS C 145 -12.44 54.10 20.41
CA LYS C 145 -10.99 54.13 20.66
C LYS C 145 -10.63 55.27 21.61
N GLY C 146 -11.23 55.22 22.80
CA GLY C 146 -10.96 56.20 23.84
C GLY C 146 -11.58 55.73 25.14
N ILE C 147 -11.26 56.46 26.19
CA ILE C 147 -11.79 56.21 27.53
C ILE C 147 -12.86 57.26 27.81
N GLN C 148 -14.09 56.82 27.99
CA GLN C 148 -15.18 57.74 28.28
C GLN C 148 -15.00 58.33 29.67
N THR C 149 -15.27 59.63 29.78
CA THR C 149 -15.17 60.34 31.05
C THR C 149 -16.47 60.34 31.83
N GLY C 150 -17.55 59.77 31.28
CA GLY C 150 -18.81 59.68 31.97
C GLY C 150 -19.73 60.88 31.76
N ARG C 151 -19.28 61.92 31.07
CA ARG C 151 -20.07 63.12 30.84
C ARG C 151 -20.40 63.24 29.37
N CYS C 152 -21.68 63.43 29.06
CA CYS C 152 -22.13 63.61 27.70
C CYS C 152 -21.91 65.05 27.25
N ILE C 153 -21.47 65.21 26.01
CA ILE C 153 -21.21 66.54 25.46
C ILE C 153 -21.76 66.60 24.04
N PRO C 154 -22.05 67.80 23.54
CA PRO C 154 -22.60 67.94 22.19
C PRO C 154 -21.51 67.87 21.12
N TYR C 155 -21.50 66.77 20.36
CA TYR C 155 -20.61 66.70 19.21
C TYR C 155 -21.01 67.72 18.15
N ASP C 156 -22.31 67.87 17.91
CA ASP C 156 -22.84 68.81 16.94
C ASP C 156 -24.11 69.43 17.51
N GLN C 157 -24.53 70.54 16.90
CA GLN C 157 -25.72 71.23 17.36
C GLN C 157 -26.97 70.35 17.30
N LYS C 158 -26.95 69.32 16.45
CA LYS C 158 -28.12 68.46 16.29
C LYS C 158 -28.10 67.27 17.23
N ARG C 159 -26.94 66.66 17.46
CA ARG C 159 -26.84 65.45 18.26
C ARG C 159 -25.63 65.55 19.18
N LYS C 160 -25.67 64.76 20.26
CA LYS C 160 -24.63 64.76 21.28
C LYS C 160 -24.03 63.38 21.42
N THR C 161 -22.78 63.33 21.85
CA THR C 161 -22.05 62.07 22.02
C THR C 161 -21.22 62.14 23.29
N CYS C 162 -20.78 60.97 23.75
CA CYS C 162 -19.99 60.89 24.96
C CYS C 162 -18.61 61.50 24.74
N GLU C 163 -17.95 61.83 25.85
CA GLU C 163 -16.64 62.45 25.81
C GLU C 163 -15.57 61.39 26.07
N ILE C 164 -14.59 61.32 25.17
CA ILE C 164 -13.53 60.32 25.23
C ILE C 164 -12.19 61.04 25.23
N PHE C 165 -11.30 60.62 26.14
CA PHE C 165 -9.92 61.09 26.12
C PHE C 165 -9.17 60.24 25.11
N ALA C 166 -9.11 60.73 23.88
CA ALA C 166 -8.46 59.99 22.80
C ALA C 166 -7.87 61.00 21.83
N TRP C 167 -7.47 60.53 20.66
CA TRP C 167 -6.99 61.42 19.61
C TRP C 167 -8.16 62.23 19.06
N CYS C 168 -7.94 63.53 18.90
CA CYS C 168 -8.99 64.42 18.43
C CYS C 168 -8.44 65.34 17.35
N PRO C 169 -9.24 65.68 16.32
CA PRO C 169 -10.64 65.30 16.15
C PRO C 169 -10.83 63.83 15.77
N ALA C 170 -11.96 63.25 16.15
CA ALA C 170 -12.25 61.85 15.93
C ALA C 170 -13.13 61.68 14.70
N GLU C 171 -12.93 60.57 13.99
CA GLU C 171 -13.72 60.28 12.81
C GLU C 171 -14.08 58.80 12.72
N GLU C 172 -14.11 58.09 13.84
CA GLU C 172 -14.45 56.68 13.84
C GLU C 172 -15.90 56.45 13.45
N GLY C 173 -16.15 55.34 12.77
CA GLY C 173 -17.48 54.97 12.35
C GLY C 173 -17.96 55.65 11.10
N LYS C 174 -17.17 56.55 10.53
CA LYS C 174 -17.53 57.16 9.27
C LYS C 174 -17.41 56.16 8.14
N GLU C 175 -18.43 56.09 7.29
CA GLU C 175 -18.42 55.13 6.20
C GLU C 175 -17.40 55.52 5.15
N ALA C 176 -16.86 54.52 4.49
CA ALA C 176 -15.93 54.77 3.40
C ALA C 176 -16.65 55.54 2.30
N PRO C 177 -16.02 56.54 1.69
CA PRO C 177 -16.69 57.30 0.64
C PRO C 177 -17.09 56.40 -0.51
N ARG C 178 -18.26 56.69 -1.07
CA ARG C 178 -18.78 55.98 -2.22
C ARG C 178 -19.14 57.01 -3.29
N PRO C 179 -18.63 56.86 -4.52
CA PRO C 179 -17.78 55.78 -5.03
C PRO C 179 -16.36 55.83 -4.50
N ALA C 180 -15.64 54.73 -4.64
CA ALA C 180 -14.28 54.66 -4.13
C ALA C 180 -13.39 55.66 -4.84
N LEU C 181 -12.57 56.36 -4.07
CA LEU C 181 -11.70 57.38 -4.63
C LEU C 181 -10.66 56.78 -5.57
N LEU C 182 -10.04 55.68 -5.16
CA LEU C 182 -9.08 54.98 -6.02
C LEU C 182 -9.75 53.82 -6.73
N ARG C 183 -10.73 54.15 -7.57
CA ARG C 183 -11.32 53.14 -8.44
C ARG C 183 -10.33 52.71 -9.51
N SER C 184 -9.48 53.64 -9.96
CA SER C 184 -8.54 53.37 -11.04
C SER C 184 -7.59 52.23 -10.71
N ALA C 185 -7.63 51.70 -9.49
CA ALA C 185 -6.78 50.58 -9.15
C ALA C 185 -7.10 49.35 -9.98
N GLU C 186 -8.29 49.29 -10.57
CA GLU C 186 -8.65 48.16 -11.40
C GLU C 186 -7.78 48.08 -12.65
N ASN C 187 -7.17 49.19 -13.06
CA ASN C 187 -6.32 49.24 -14.23
C ASN C 187 -4.87 48.97 -13.91
N PHE C 188 -4.54 48.81 -12.65
CA PHE C 188 -3.17 48.60 -12.20
C PHE C 188 -2.76 47.16 -12.49
N THR C 189 -1.47 46.98 -12.73
CA THR C 189 -0.92 45.69 -13.12
C THR C 189 0.10 45.24 -12.10
N VAL C 190 0.00 43.99 -11.69
CA VAL C 190 0.94 43.38 -10.76
C VAL C 190 1.69 42.27 -11.48
N LEU C 191 3.01 42.29 -11.36
CA LEU C 191 3.86 41.24 -11.89
C LEU C 191 4.27 40.32 -10.76
N ILE C 192 4.00 39.03 -10.91
CA ILE C 192 4.28 38.03 -9.90
C ILE C 192 5.40 37.14 -10.40
N LYS C 193 6.47 37.08 -9.64
CA LYS C 193 7.58 36.17 -9.90
C LYS C 193 7.55 35.09 -8.84
N ASN C 194 7.34 33.85 -9.26
CA ASN C 194 7.20 32.72 -8.36
C ASN C 194 8.36 31.76 -8.59
N ASN C 195 9.12 31.50 -7.53
CA ASN C 195 10.20 30.53 -7.55
C ASN C 195 9.80 29.37 -6.66
N ILE C 196 9.84 28.16 -7.20
CA ILE C 196 9.51 26.96 -6.45
C ILE C 196 10.70 26.02 -6.50
N ASP C 197 10.72 25.11 -5.55
CA ASP C 197 11.77 24.12 -5.45
C ASP C 197 11.20 22.85 -4.84
N PHE C 198 11.73 21.71 -5.27
CA PHE C 198 11.46 20.43 -4.65
C PHE C 198 12.78 19.90 -4.10
N PRO C 199 13.15 20.25 -2.87
CA PRO C 199 14.51 19.93 -2.41
C PRO C 199 14.80 18.44 -2.37
N GLY C 200 13.79 17.61 -2.10
CA GLY C 200 14.00 16.18 -2.16
C GLY C 200 14.35 15.70 -3.56
N HIS C 201 13.64 16.23 -4.56
CA HIS C 201 13.93 15.92 -5.95
C HIS C 201 14.99 16.83 -6.54
N ASN C 202 15.45 17.82 -5.80
CA ASN C 202 16.49 18.73 -6.26
C ASN C 202 16.12 19.36 -7.60
N TYR C 203 14.92 19.91 -7.66
CA TYR C 203 14.43 20.58 -8.84
C TYR C 203 13.92 21.96 -8.48
N THR C 204 14.32 22.95 -9.26
CA THR C 204 13.88 24.32 -9.08
C THR C 204 13.47 24.88 -10.42
N THR C 205 12.45 25.71 -10.41
CA THR C 205 11.99 26.37 -11.61
C THR C 205 11.29 27.67 -11.22
N ARG C 206 10.89 28.43 -12.23
CA ARG C 206 10.27 29.71 -12.00
C ARG C 206 9.21 29.94 -13.08
N ASN C 207 8.28 30.84 -12.79
CA ASN C 207 7.14 31.06 -13.65
C ASN C 207 7.44 31.94 -14.84
N ILE C 208 8.60 32.58 -14.87
CA ILE C 208 9.03 33.39 -16.00
C ILE C 208 10.28 32.75 -16.57
N LEU C 209 10.17 32.24 -17.78
CA LEU C 209 11.25 31.58 -18.49
C LEU C 209 11.75 32.45 -19.62
N PRO C 210 12.99 32.24 -20.05
CA PRO C 210 13.51 33.02 -21.19
C PRO C 210 12.67 32.79 -22.44
N GLY C 211 12.49 33.86 -23.20
CA GLY C 211 11.70 33.79 -24.41
C GLY C 211 10.23 34.05 -24.23
N MET C 212 9.83 34.69 -23.14
CA MET C 212 8.44 34.99 -22.85
C MET C 212 8.21 36.48 -23.01
N ASN C 213 7.09 36.84 -23.63
CA ASN C 213 6.84 38.24 -23.92
C ASN C 213 6.52 39.02 -22.65
N ILE C 214 6.76 40.32 -22.69
CA ILE C 214 6.60 41.19 -21.54
C ILE C 214 5.42 42.14 -21.67
N SER C 215 4.94 42.41 -22.89
CA SER C 215 3.83 43.30 -23.11
C SER C 215 2.49 42.59 -22.99
N CYS C 216 2.47 41.46 -22.29
CA CYS C 216 1.31 40.61 -22.14
C CYS C 216 0.62 40.82 -20.80
N THR C 217 -0.68 40.52 -20.79
CA THR C 217 -1.48 40.44 -19.58
C THR C 217 -2.18 39.09 -19.56
N PHE C 218 -2.40 38.58 -18.36
CA PHE C 218 -2.91 37.23 -18.20
C PHE C 218 -4.32 37.10 -18.75
N HIS C 219 -4.56 36.00 -19.44
CA HIS C 219 -5.90 35.57 -19.80
C HIS C 219 -5.94 34.05 -19.71
N LYS C 220 -7.12 33.52 -19.40
CA LYS C 220 -7.26 32.07 -19.21
C LYS C 220 -6.83 31.32 -20.46
N THR C 221 -7.18 31.84 -21.65
CA THR C 221 -6.94 31.16 -22.90
C THR C 221 -5.80 31.78 -23.70
N TRP C 222 -5.83 33.09 -23.93
CA TRP C 222 -4.86 33.72 -24.80
C TRP C 222 -3.47 33.75 -24.16
N ASN C 223 -3.38 34.18 -22.90
CA ASN C 223 -2.10 34.32 -22.20
C ASN C 223 -2.22 33.69 -20.82
N PRO C 224 -2.32 32.36 -20.76
CA PRO C 224 -2.42 31.70 -19.45
C PRO C 224 -1.13 31.68 -18.66
N GLN C 225 0.01 31.95 -19.30
CA GLN C 225 1.30 31.90 -18.63
C GLN C 225 1.91 33.28 -18.40
N CYS C 226 1.13 34.33 -18.60
CA CYS C 226 1.62 35.68 -18.38
C CYS C 226 1.50 36.01 -16.90
N PRO C 227 2.61 36.31 -16.20
CA PRO C 227 2.51 36.58 -14.77
C PRO C 227 2.18 38.03 -14.46
N ILE C 228 1.70 38.76 -15.45
CA ILE C 228 1.27 40.15 -15.29
C ILE C 228 -0.25 40.15 -15.25
N PHE C 229 -0.81 40.64 -14.16
CA PHE C 229 -2.24 40.57 -13.91
C PHE C 229 -2.82 41.95 -13.73
N ARG C 230 -3.95 42.20 -14.39
CA ARG C 230 -4.75 43.38 -14.15
C ARG C 230 -5.82 43.06 -13.10
N LEU C 231 -5.89 43.89 -12.07
CA LEU C 231 -6.72 43.57 -10.92
C LEU C 231 -8.19 43.46 -11.31
N GLY C 232 -8.67 44.37 -12.17
CA GLY C 232 -10.03 44.26 -12.65
C GLY C 232 -10.29 42.96 -13.36
N ASP C 233 -9.33 42.48 -14.14
CA ASP C 233 -9.47 41.20 -14.80
C ASP C 233 -9.54 40.07 -13.79
N ILE C 234 -8.73 40.15 -12.74
CA ILE C 234 -8.79 39.17 -11.66
C ILE C 234 -10.20 39.11 -11.10
N PHE C 235 -10.77 40.28 -10.82
CA PHE C 235 -12.10 40.31 -10.21
C PHE C 235 -13.17 39.82 -11.16
N GLN C 236 -13.10 40.19 -12.43
CA GLN C 236 -14.15 39.85 -13.37
C GLN C 236 -14.03 38.42 -13.88
N GLU C 237 -12.89 37.76 -13.69
CA GLU C 237 -12.79 36.36 -14.02
C GLU C 237 -13.57 35.48 -13.06
N ILE C 238 -13.95 36.01 -11.91
CA ILE C 238 -14.67 35.27 -10.89
C ILE C 238 -15.96 35.98 -10.48
N GLY C 239 -16.45 36.89 -11.31
CA GLY C 239 -17.72 37.53 -11.04
C GLY C 239 -17.72 38.42 -9.82
N GLU C 240 -16.69 39.24 -9.65
CA GLU C 240 -16.60 40.19 -8.56
C GLU C 240 -16.53 41.59 -9.12
N ASN C 241 -17.21 42.52 -8.45
CA ASN C 241 -17.32 43.90 -8.90
C ASN C 241 -16.28 44.73 -8.17
N PHE C 242 -15.19 45.06 -8.86
CA PHE C 242 -14.10 45.79 -8.22
C PHE C 242 -14.56 47.13 -7.70
N THR C 243 -15.49 47.78 -8.39
CA THR C 243 -15.94 49.09 -7.96
C THR C 243 -16.63 49.01 -6.59
N GLU C 244 -17.41 47.96 -6.36
CA GLU C 244 -18.07 47.80 -5.07
C GLU C 244 -17.09 47.40 -3.98
N VAL C 245 -16.19 46.47 -4.29
CA VAL C 245 -15.22 46.02 -3.30
C VAL C 245 -14.27 47.13 -2.91
N ALA C 246 -14.02 48.07 -3.83
CA ALA C 246 -13.09 49.16 -3.57
C ALA C 246 -13.53 50.04 -2.42
N VAL C 247 -14.83 50.07 -2.12
CA VAL C 247 -15.34 50.97 -1.11
C VAL C 247 -14.87 50.53 0.27
N GLN C 248 -15.28 49.34 0.70
CA GLN C 248 -14.89 48.80 1.98
C GLN C 248 -13.66 47.90 1.91
N GLY C 249 -13.31 47.44 0.72
CA GLY C 249 -12.16 46.58 0.55
C GLY C 249 -12.51 45.11 0.57
N GLY C 250 -11.46 44.31 0.49
CA GLY C 250 -11.64 42.88 0.51
C GLY C 250 -10.30 42.18 0.48
N ILE C 251 -10.36 40.86 0.35
CA ILE C 251 -9.19 40.02 0.22
C ILE C 251 -9.40 39.11 -0.98
N MET C 252 -8.43 39.09 -1.88
CA MET C 252 -8.47 38.27 -3.07
C MET C 252 -7.27 37.34 -3.07
N GLY C 253 -7.46 36.15 -3.63
CA GLY C 253 -6.43 35.16 -3.67
C GLY C 253 -6.02 34.81 -5.08
N ILE C 254 -4.71 34.81 -5.33
CA ILE C 254 -4.15 34.41 -6.60
C ILE C 254 -3.49 33.06 -6.36
N GLU C 255 -4.23 31.99 -6.64
CA GLU C 255 -3.71 30.65 -6.48
C GLU C 255 -2.77 30.33 -7.63
N ILE C 256 -1.60 29.79 -7.31
CA ILE C 256 -0.64 29.33 -8.29
C ILE C 256 -0.40 27.86 -8.01
N TYR C 257 -0.93 27.01 -8.88
CA TYR C 257 -0.87 25.57 -8.71
C TYR C 257 0.22 25.00 -9.60
N TRP C 258 1.05 24.14 -9.03
CA TRP C 258 2.15 23.50 -9.73
C TRP C 258 1.92 21.99 -9.70
N ASP C 259 1.27 21.48 -10.74
CA ASP C 259 1.19 20.04 -10.96
C ASP C 259 2.38 19.70 -11.86
N CYS C 260 3.48 19.33 -11.22
CA CYS C 260 4.78 19.25 -11.88
C CYS C 260 5.23 17.81 -11.95
N ASN C 261 5.59 17.36 -13.15
CA ASN C 261 6.16 16.06 -13.39
C ASN C 261 7.63 16.24 -13.72
N LEU C 262 8.49 15.65 -12.89
CA LEU C 262 9.93 15.83 -13.03
C LEU C 262 10.58 14.68 -13.79
N ASP C 263 9.79 13.75 -14.29
CA ASP C 263 10.33 12.69 -15.13
C ASP C 263 10.71 13.25 -16.49
N SER C 264 11.87 12.82 -16.99
CA SER C 264 12.39 13.37 -18.23
C SER C 264 11.44 13.13 -19.39
N TRP C 265 10.87 11.92 -19.48
CA TRP C 265 10.01 11.58 -20.60
C TRP C 265 8.63 12.20 -20.51
N SER C 266 8.26 12.76 -19.36
CA SER C 266 6.96 13.38 -19.18
C SER C 266 7.10 14.68 -18.41
N HIS C 267 8.12 15.45 -18.75
CA HIS C 267 8.47 16.65 -17.98
C HIS C 267 7.58 17.80 -18.41
N ARG C 268 6.76 18.28 -17.48
CA ARG C 268 6.08 19.56 -17.64
C ARG C 268 5.81 20.11 -16.26
N CYS C 269 6.43 21.24 -15.95
CA CYS C 269 6.28 21.93 -14.67
C CYS C 269 5.86 23.35 -15.01
N GLN C 270 4.55 23.55 -15.14
CA GLN C 270 3.98 24.85 -15.49
C GLN C 270 2.97 25.26 -14.43
N PRO C 271 2.85 26.56 -14.16
CA PRO C 271 1.85 27.02 -13.20
C PRO C 271 0.49 27.21 -13.82
N LYS C 272 -0.53 27.00 -12.99
CA LYS C 272 -1.91 27.27 -13.33
C LYS C 272 -2.42 28.35 -12.40
N TYR C 273 -2.84 29.47 -12.96
CA TYR C 273 -3.27 30.61 -12.19
C TYR C 273 -4.79 30.60 -12.05
N SER C 274 -5.25 30.75 -10.82
CA SER C 274 -6.67 30.82 -10.53
C SER C 274 -6.88 31.85 -9.43
N PHE C 275 -8.10 32.35 -9.34
CA PHE C 275 -8.43 33.43 -8.44
C PHE C 275 -9.60 33.04 -7.55
N ARG C 276 -9.62 33.61 -6.36
CA ARG C 276 -10.60 33.25 -5.35
C ARG C 276 -10.70 34.38 -4.34
N ARG C 277 -11.92 34.86 -4.11
CA ARG C 277 -12.16 35.84 -3.07
C ARG C 277 -12.10 35.17 -1.71
N LEU C 278 -11.32 35.75 -0.81
CA LEU C 278 -11.05 35.14 0.48
C LEU C 278 -11.78 35.83 1.64
N ASP C 279 -12.52 36.88 1.37
CA ASP C 279 -13.31 37.56 2.38
C ASP C 279 -14.78 37.36 2.07
N ASP C 280 -15.56 37.06 3.11
CA ASP C 280 -16.97 36.81 2.92
C ASP C 280 -17.68 38.08 2.50
N LYS C 281 -18.43 37.98 1.40
CA LYS C 281 -19.18 39.12 0.90
C LYS C 281 -20.22 39.58 1.91
N TYR C 282 -20.88 38.64 2.58
CA TYR C 282 -21.97 38.91 3.50
C TYR C 282 -21.53 38.88 4.95
N THR C 283 -20.31 39.33 5.23
CA THR C 283 -19.86 39.46 6.61
C THR C 283 -20.76 40.43 7.36
N ASN C 284 -21.08 40.08 8.60
CA ASN C 284 -21.95 40.92 9.42
C ASN C 284 -21.25 42.25 9.70
N GLU C 285 -22.04 43.33 9.73
CA GLU C 285 -21.47 44.66 9.91
C GLU C 285 -20.71 44.76 11.21
N SER C 286 -21.02 43.89 12.17
CA SER C 286 -20.32 43.89 13.46
C SER C 286 -19.02 43.09 13.42
N LEU C 287 -18.72 42.44 12.30
CA LEU C 287 -17.51 41.65 12.16
C LEU C 287 -16.45 42.36 11.32
N PHE C 288 -16.59 43.66 11.14
CA PHE C 288 -15.60 44.44 10.40
C PHE C 288 -15.49 43.93 8.97
N PRO C 289 -16.50 44.17 8.14
CA PRO C 289 -16.44 43.70 6.76
C PRO C 289 -15.34 44.38 5.97
N GLY C 290 -14.90 43.71 4.93
CA GLY C 290 -13.89 44.26 4.07
C GLY C 290 -12.50 44.14 4.66
N TYR C 291 -11.61 44.98 4.14
CA TYR C 291 -10.23 45.05 4.58
C TYR C 291 -9.84 46.51 4.72
N ASN C 292 -9.36 46.87 5.91
CA ASN C 292 -8.88 48.21 6.15
C ASN C 292 -7.86 48.17 7.26
N PHE C 293 -7.04 49.22 7.32
CA PHE C 293 -6.09 49.38 8.39
C PHE C 293 -5.84 50.86 8.61
N ARG C 294 -5.61 51.21 9.86
CA ARG C 294 -5.42 52.59 10.27
C ARG C 294 -3.94 52.82 10.54
N TYR C 295 -3.30 53.62 9.70
CA TYR C 295 -1.87 53.89 9.81
C TYR C 295 -1.66 55.39 9.98
N ALA C 296 -0.76 55.74 10.88
CA ALA C 296 -0.61 57.11 11.35
C ALA C 296 0.79 57.62 11.07
N LYS C 297 0.85 58.88 10.64
CA LYS C 297 2.10 59.60 10.46
C LYS C 297 2.24 60.59 11.62
N TYR C 298 3.34 60.49 12.34
CA TYR C 298 3.60 61.32 13.51
C TYR C 298 4.52 62.47 13.16
N TYR C 299 4.33 63.59 13.86
CA TYR C 299 5.11 64.80 13.60
C TYR C 299 5.00 65.71 14.82
N LYS C 300 5.78 66.78 14.81
CA LYS C 300 5.78 67.79 15.86
C LYS C 300 5.28 69.09 15.28
N GLU C 301 4.35 69.75 15.97
CA GLU C 301 3.76 70.99 15.52
C GLU C 301 3.76 72.01 16.66
N ASN C 302 4.62 73.02 16.55
CA ASN C 302 4.64 74.15 17.47
C ASN C 302 5.15 73.76 18.86
N GLY C 303 5.49 72.48 19.04
CA GLY C 303 6.01 72.03 20.32
C GLY C 303 5.25 70.85 20.91
N MET C 304 4.22 70.39 20.21
CA MET C 304 3.40 69.28 20.67
C MET C 304 3.42 68.18 19.61
N GLU C 305 3.34 66.93 20.08
CA GLU C 305 3.41 65.78 19.19
C GLU C 305 2.02 65.52 18.62
N LYS C 306 1.89 65.67 17.30
CA LYS C 306 0.61 65.52 16.61
C LYS C 306 0.65 64.28 15.72
N ARG C 307 -0.53 63.85 15.30
CA ARG C 307 -0.69 62.63 14.51
C ARG C 307 -1.67 62.87 13.39
N THR C 308 -1.40 62.26 12.24
CA THR C 308 -2.29 62.26 11.09
C THR C 308 -2.72 60.83 10.82
N LEU C 309 -4.03 60.58 10.85
CA LEU C 309 -4.57 59.25 10.75
C LEU C 309 -5.22 59.03 9.39
N ILE C 310 -4.87 57.92 8.75
CA ILE C 310 -5.44 57.52 7.48
C ILE C 310 -6.02 56.13 7.64
N LYS C 311 -7.31 55.99 7.40
CA LYS C 311 -7.98 54.70 7.39
C LYS C 311 -8.07 54.26 5.94
N ALA C 312 -7.23 53.31 5.57
CA ALA C 312 -7.08 52.88 4.19
C ALA C 312 -7.91 51.64 3.94
N PHE C 313 -8.83 51.72 2.99
CA PHE C 313 -9.57 50.58 2.51
C PHE C 313 -8.93 50.11 1.21
N GLY C 314 -8.81 48.80 1.07
CA GLY C 314 -8.19 48.27 -0.12
C GLY C 314 -8.41 46.79 -0.24
N VAL C 315 -7.75 46.21 -1.23
CA VAL C 315 -7.81 44.78 -1.51
C VAL C 315 -6.44 44.21 -1.19
N ARG C 316 -6.41 43.25 -0.29
CA ARG C 316 -5.19 42.52 0.02
C ARG C 316 -5.15 41.27 -0.84
N PHE C 317 -4.16 41.18 -1.71
CA PHE C 317 -4.01 40.05 -2.60
C PHE C 317 -3.06 39.05 -1.97
N ASP C 318 -3.57 37.87 -1.68
CA ASP C 318 -2.79 36.81 -1.06
C ASP C 318 -2.43 35.80 -2.15
N ILE C 319 -1.15 35.70 -2.45
CA ILE C 319 -0.66 34.75 -3.45
C ILE C 319 -0.48 33.41 -2.75
N LEU C 320 -1.29 32.44 -3.13
CA LEU C 320 -1.29 31.12 -2.52
C LEU C 320 -0.67 30.15 -3.50
N VAL C 321 0.53 29.68 -3.18
CA VAL C 321 1.30 28.80 -4.05
C VAL C 321 1.29 27.41 -3.43
N PHE C 322 0.88 26.42 -4.21
CA PHE C 322 0.78 25.06 -3.74
C PHE C 322 1.01 24.14 -4.93
N GLY C 323 1.35 22.91 -4.63
CA GLY C 323 1.57 21.92 -5.68
C GLY C 323 2.48 20.82 -5.20
N THR C 324 2.66 19.85 -6.08
CA THR C 324 3.46 18.66 -5.80
C THR C 324 4.32 18.35 -7.00
N GLY C 325 5.49 17.80 -6.73
CA GLY C 325 6.39 17.37 -7.77
C GLY C 325 6.68 15.89 -7.70
N GLY C 326 6.33 15.18 -8.76
CA GLY C 326 6.46 13.74 -8.81
C GLY C 326 7.68 13.33 -9.63
N LYS C 327 8.41 12.36 -9.11
CA LYS C 327 9.51 11.73 -9.79
C LYS C 327 9.43 10.23 -9.55
N PHE C 328 9.83 9.45 -10.55
CA PHE C 328 9.75 8.01 -10.45
C PHE C 328 10.52 7.50 -9.25
N ASP C 329 9.88 6.64 -8.46
CA ASP C 329 10.51 5.96 -7.34
C ASP C 329 10.21 4.49 -7.45
N ILE C 330 11.26 3.67 -7.40
CA ILE C 330 11.10 2.23 -7.56
C ILE C 330 10.35 1.65 -6.37
N ILE C 331 10.59 2.18 -5.17
CA ILE C 331 9.96 1.65 -3.97
C ILE C 331 8.45 1.83 -4.04
N GLN C 332 7.99 2.99 -4.49
CA GLN C 332 6.56 3.25 -4.57
C GLN C 332 5.89 2.32 -5.58
N LEU C 333 6.53 2.11 -6.73
CA LEU C 333 6.00 1.22 -7.74
C LEU C 333 5.94 -0.22 -7.21
N VAL C 334 6.99 -0.65 -6.52
CA VAL C 334 7.01 -1.99 -5.95
C VAL C 334 5.88 -2.15 -4.96
N VAL C 335 5.68 -1.15 -4.09
CA VAL C 335 4.62 -1.23 -3.09
C VAL C 335 3.26 -1.30 -3.76
N TYR C 336 3.04 -0.48 -4.79
CA TYR C 336 1.76 -0.50 -5.47
C TYR C 336 1.50 -1.84 -6.14
N ILE C 337 2.53 -2.39 -6.81
CA ILE C 337 2.38 -3.67 -7.48
C ILE C 337 2.09 -4.76 -6.46
N GLY C 338 2.79 -4.75 -5.33
CA GLY C 338 2.52 -5.73 -4.30
C GLY C 338 1.13 -5.60 -3.73
N SER C 339 0.63 -4.36 -3.64
CA SER C 339 -0.74 -4.15 -3.19
C SER C 339 -1.73 -4.74 -4.17
N THR C 340 -1.49 -4.57 -5.46
CA THR C 340 -2.44 -4.99 -6.48
C THR C 340 -2.28 -6.43 -6.94
N LEU C 341 -1.21 -7.12 -6.51
CA LEU C 341 -0.98 -8.47 -6.99
C LEU C 341 -2.10 -9.42 -6.57
N SER C 342 -2.59 -9.28 -5.35
CA SER C 342 -3.62 -10.19 -4.85
C SER C 342 -4.92 -10.05 -5.60
N TYR C 343 -5.10 -8.98 -6.38
CA TYR C 343 -6.32 -8.83 -7.15
C TYR C 343 -6.35 -9.73 -8.37
N PHE C 344 -5.21 -10.34 -8.71
CA PHE C 344 -5.15 -11.26 -9.83
C PHE C 344 -5.68 -12.65 -9.48
N GLY C 345 -6.00 -12.90 -8.21
CA GLY C 345 -6.67 -14.09 -7.79
C GLY C 345 -8.18 -14.03 -7.88
N LEU C 346 -8.70 -12.94 -8.44
CA LEU C 346 -10.15 -12.80 -8.56
C LEU C 346 -10.73 -13.86 -9.48
N ALA C 347 -10.05 -14.16 -10.58
CA ALA C 347 -10.53 -15.19 -11.49
C ALA C 347 -10.62 -16.53 -10.79
N THR C 348 -9.56 -16.89 -10.08
CA THR C 348 -9.57 -18.14 -9.33
C THR C 348 -10.70 -18.17 -8.32
N VAL C 349 -10.87 -17.08 -7.57
CA VAL C 349 -11.92 -17.04 -6.55
C VAL C 349 -13.29 -17.24 -7.18
N CYS C 350 -13.57 -16.48 -8.25
CA CYS C 350 -14.89 -16.54 -8.87
C CYS C 350 -15.16 -17.91 -9.49
N ILE C 351 -14.18 -18.48 -10.20
CA ILE C 351 -14.41 -19.75 -10.86
C ILE C 351 -14.53 -20.87 -9.84
N ASP C 352 -13.72 -20.84 -8.78
CA ASP C 352 -13.85 -21.83 -7.72
C ASP C 352 -15.20 -21.71 -7.03
N LEU C 353 -15.69 -20.48 -6.85
CA LEU C 353 -17.01 -20.28 -6.28
C LEU C 353 -18.09 -20.89 -7.18
N ILE C 354 -17.97 -20.68 -8.48
CA ILE C 354 -18.93 -21.26 -9.42
C ILE C 354 -18.90 -22.78 -9.31
N ILE C 355 -17.70 -23.37 -9.30
CA ILE C 355 -17.57 -24.81 -9.20
C ILE C 355 -18.21 -25.32 -7.92
N ASN C 356 -17.92 -24.66 -6.80
CA ASN C 356 -18.45 -25.10 -5.52
C ASN C 356 -19.96 -25.00 -5.48
N THR C 357 -20.52 -23.92 -6.01
CA THR C 357 -21.96 -23.70 -5.94
C THR C 357 -22.71 -24.66 -6.83
N TYR C 358 -22.26 -24.81 -8.08
CA TYR C 358 -22.94 -25.69 -9.01
C TYR C 358 -22.66 -27.16 -8.76
N ALA C 359 -21.78 -27.47 -7.82
CA ALA C 359 -21.50 -28.85 -7.44
C ALA C 359 -22.45 -29.29 -6.34
N SER C 360 -23.26 -28.35 -5.84
CA SER C 360 -24.21 -28.63 -4.79
C SER C 360 -25.40 -29.52 -5.37
N THR C 361 -25.92 -30.44 -4.57
CA THR C 361 -26.98 -31.32 -5.02
C THR C 361 -28.34 -30.66 -4.83
N CYS C 362 -28.34 -29.34 -4.93
CA CYS C 362 -29.54 -28.57 -4.78
C CYS C 362 -30.06 -27.96 -6.07
N CYS C 363 -29.13 -27.74 -6.99
CA CYS C 363 -29.43 -27.15 -8.25
C CYS C 363 -30.21 -28.07 -9.17
N ARG C 364 -29.78 -29.33 -9.16
CA ARG C 364 -30.44 -30.37 -9.93
C ARG C 364 -31.89 -30.52 -9.51
N SER C 365 -32.11 -30.39 -8.20
CA SER C 365 -33.45 -30.60 -7.65
C SER C 365 -34.42 -29.53 -8.14
N ARG C 366 -34.05 -28.26 -7.99
CA ARG C 366 -34.96 -27.15 -8.23
C ARG C 366 -34.51 -26.22 -9.34
N VAL C 367 -33.26 -25.75 -9.29
CA VAL C 367 -32.83 -24.70 -10.23
C VAL C 367 -32.89 -25.20 -11.67
N TYR C 368 -32.31 -26.36 -11.94
CA TYR C 368 -32.27 -26.86 -13.31
C TYR C 368 -33.66 -27.08 -13.88
N PRO C 369 -34.56 -27.82 -13.23
CA PRO C 369 -35.91 -27.94 -13.80
C PRO C 369 -36.64 -26.62 -13.93
N SER C 370 -36.46 -25.71 -12.96
CA SER C 370 -37.07 -24.40 -13.07
C SER C 370 -36.44 -23.58 -14.19
N CYS C 371 -35.11 -23.57 -14.27
CA CYS C 371 -34.37 -22.85 -15.29
C CYS C 371 -33.53 -23.85 -16.07
N LYS C 372 -33.91 -24.09 -17.32
CA LYS C 372 -33.26 -25.09 -18.16
C LYS C 372 -32.02 -24.56 -18.87
N CYS C 373 -31.69 -23.29 -18.69
CA CYS C 373 -30.52 -22.71 -19.32
C CYS C 373 -29.26 -23.07 -18.56
N CYS C 374 -29.44 -23.41 -17.29
CA CYS C 374 -28.36 -23.78 -16.42
C CYS C 374 -28.12 -25.28 -16.35
N GLU C 375 -28.57 -25.94 -17.40
CA GLU C 375 -28.48 -27.40 -17.50
C GLU C 375 -27.04 -27.86 -17.72
N PRO C 376 -26.29 -27.20 -18.62
CA PRO C 376 -24.93 -27.65 -18.90
C PRO C 376 -23.91 -27.23 -17.86
N CYS C 377 -24.40 -26.70 -16.74
CA CYS C 377 -23.55 -26.29 -15.67
C CYS C 377 -23.46 -27.34 -14.56
N ALA C 378 -23.95 -28.52 -14.91
CA ALA C 378 -23.91 -29.67 -14.01
C ALA C 378 -22.55 -30.35 -14.08
N VAL C 379 -21.75 -29.96 -15.07
CA VAL C 379 -20.42 -30.52 -15.23
C VAL C 379 -19.52 -30.14 -14.06
N ASN C 380 -19.93 -29.14 -13.26
CA ASN C 380 -19.12 -28.69 -12.15
C ASN C 380 -19.06 -29.71 -11.02
N GLU C 381 -19.97 -30.68 -11.00
CA GLU C 381 -19.85 -31.76 -10.03
C GLU C 381 -18.62 -32.60 -10.32
N TYR C 382 -18.35 -32.87 -11.59
CA TYR C 382 -17.14 -33.57 -11.99
C TYR C 382 -15.90 -32.79 -11.57
N TYR C 383 -15.91 -31.47 -11.81
CA TYR C 383 -14.77 -30.65 -11.43
C TYR C 383 -14.56 -30.66 -9.93
N TYR C 384 -15.64 -30.56 -9.16
CA TYR C 384 -15.54 -30.58 -7.71
C TYR C 384 -14.96 -31.90 -7.23
N ARG C 385 -15.45 -33.02 -7.77
CA ARG C 385 -14.96 -34.31 -7.29
C ARG C 385 -13.54 -34.58 -7.76
N LYS C 386 -13.08 -33.90 -8.82
CA LYS C 386 -11.70 -34.00 -9.24
C LYS C 386 -10.83 -32.92 -8.59
N LYS C 387 -11.42 -32.03 -7.81
CA LYS C 387 -10.71 -30.95 -7.15
C LYS C 387 -10.65 -31.10 -5.63
N CYS C 388 -11.65 -31.70 -5.01
CA CYS C 388 -11.74 -31.80 -3.56
C CYS C 388 -11.78 -33.26 -3.13
N GLU C 389 -11.05 -33.57 -2.07
CA GLU C 389 -11.04 -34.89 -1.45
C GLU C 389 -11.48 -34.72 -0.01
N PRO C 390 -12.78 -34.84 0.26
CA PRO C 390 -13.26 -34.69 1.64
C PRO C 390 -12.69 -35.76 2.54
N ILE C 391 -12.42 -35.36 3.79
CA ILE C 391 -11.95 -36.29 4.82
C ILE C 391 -12.50 -35.81 6.15
N VAL C 392 -12.68 -36.73 7.07
CA VAL C 392 -13.23 -36.45 8.38
C VAL C 392 -12.15 -36.60 9.42
N GLU C 393 -12.33 -35.91 10.53
CA GLU C 393 -11.37 -35.99 11.62
C GLU C 393 -11.44 -37.37 12.24
N PRO C 394 -10.36 -38.14 12.27
CA PRO C 394 -10.41 -39.44 12.93
C PRO C 394 -10.43 -39.31 14.44
N LYS C 395 -11.57 -39.64 15.03
CA LYS C 395 -11.79 -39.55 16.46
C LYS C 395 -12.29 -40.90 16.97
N PRO C 396 -12.09 -41.18 18.26
CA PRO C 396 -12.47 -42.51 18.76
C PRO C 396 -13.91 -42.87 18.51
N THR C 397 -14.81 -41.90 18.61
CA THR C 397 -16.22 -42.14 18.35
C THR C 397 -16.52 -42.40 16.88
N LEU C 398 -15.55 -42.20 16.00
CA LEU C 398 -15.80 -42.33 14.58
C LEU C 398 -15.99 -43.79 14.22
N LYS C 399 -17.11 -44.08 13.56
CA LYS C 399 -17.45 -45.42 13.15
C LYS C 399 -18.21 -45.36 11.84
N TYR C 400 -18.02 -46.38 11.01
CA TYR C 400 -18.73 -46.53 9.77
C TYR C 400 -19.41 -47.89 9.77
N VAL C 401 -20.63 -47.93 9.28
CA VAL C 401 -21.39 -49.17 9.17
C VAL C 401 -22.06 -49.21 7.80
N SER C 402 -22.16 -50.42 7.26
CA SER C 402 -22.80 -50.66 5.98
C SER C 402 -23.81 -51.77 6.15
N PHE C 403 -24.98 -51.58 5.56
CA PHE C 403 -26.05 -52.58 5.58
C PHE C 403 -26.27 -53.05 4.16
N VAL C 404 -26.23 -54.37 3.95
CA VAL C 404 -26.32 -54.94 2.62
C VAL C 404 -27.69 -54.70 2.01
N ASP C 405 -28.68 -54.31 2.81
CA ASP C 405 -29.97 -53.91 2.29
C ASP C 405 -30.01 -52.45 1.89
N GLU C 406 -28.90 -51.73 2.03
CA GLU C 406 -28.84 -50.32 1.69
C GLU C 406 -27.67 -50.06 0.75
N PRO C 407 -27.77 -49.02 -0.07
CA PRO C 407 -26.70 -48.68 -1.03
C PRO C 407 -25.75 -47.60 -0.56
N HIS C 408 -25.68 -47.37 0.76
CA HIS C 408 -24.81 -46.34 1.31
C HIS C 408 -24.17 -46.78 2.60
N ILE C 409 -23.19 -46.01 3.07
CA ILE C 409 -22.54 -46.32 4.34
C ILE C 409 -23.01 -45.29 5.34
N TRP C 410 -23.16 -45.70 6.59
CA TRP C 410 -23.60 -44.78 7.63
C TRP C 410 -22.48 -44.45 8.59
N MET C 411 -22.26 -43.17 8.84
CA MET C 411 -21.16 -42.75 9.71
C MET C 411 -21.72 -42.33 11.06
N VAL C 412 -21.17 -42.89 12.12
CA VAL C 412 -21.58 -42.58 13.48
C VAL C 412 -20.40 -41.94 14.19
N ASP C 413 -20.60 -40.73 14.69
CA ASP C 413 -19.55 -39.93 15.30
C ASP C 413 -19.95 -39.51 16.70
N GLN C 414 -20.73 -40.35 17.37
CA GLN C 414 -21.20 -40.07 18.72
C GLN C 414 -20.97 -41.28 19.60
N GLN C 415 -20.93 -41.04 20.91
CA GLN C 415 -20.69 -42.11 21.85
C GLN C 415 -21.88 -43.07 21.88
N LEU C 416 -21.60 -44.32 22.21
CA LEU C 416 -22.63 -45.33 22.37
C LEU C 416 -22.96 -45.43 23.86
N LEU C 417 -24.07 -44.81 24.25
CA LEU C 417 -24.47 -44.75 25.65
C LEU C 417 -25.15 -46.04 26.08
N GLY C 418 -24.48 -47.16 25.82
CA GLY C 418 -24.99 -48.47 26.17
C GLY C 418 -26.03 -49.00 25.22
N LYS C 419 -26.39 -48.26 24.17
CA LYS C 419 -27.39 -48.71 23.23
C LYS C 419 -26.71 -49.25 21.98
N SER C 420 -27.33 -50.27 21.39
CA SER C 420 -26.71 -50.98 20.27
C SER C 420 -26.41 -50.03 19.11
N LEU C 421 -25.25 -50.22 18.50
CA LEU C 421 -24.87 -49.43 17.34
C LEU C 421 -25.81 -49.64 16.18
N GLN C 422 -26.50 -50.78 16.13
CA GLN C 422 -27.47 -51.00 15.07
C GLN C 422 -28.60 -49.98 15.14
N ASP C 423 -29.08 -49.71 16.36
CA ASP C 423 -30.17 -48.77 16.56
C ASP C 423 -29.71 -47.33 16.60
N VAL C 424 -28.40 -47.09 16.76
CA VAL C 424 -27.88 -45.73 16.74
C VAL C 424 -27.93 -45.19 15.32
N LYS C 425 -28.26 -43.91 15.19
CA LYS C 425 -28.44 -43.27 13.91
C LYS C 425 -27.33 -42.27 13.67
N GLY C 426 -26.72 -42.34 12.49
CA GLY C 426 -25.71 -41.39 12.09
C GLY C 426 -26.16 -40.59 10.89
N GLN C 427 -25.27 -40.40 9.93
CA GLN C 427 -25.62 -39.71 8.70
C GLN C 427 -25.09 -40.48 7.51
N GLU C 428 -25.84 -40.41 6.41
CA GLU C 428 -25.57 -41.22 5.24
C GLU C 428 -24.46 -40.60 4.41
N VAL C 429 -23.56 -41.45 3.92
CA VAL C 429 -22.49 -41.02 3.03
C VAL C 429 -22.37 -42.00 1.87
N PRO C 430 -21.93 -41.52 0.71
CA PRO C 430 -21.90 -42.43 -0.45
C PRO C 430 -20.69 -43.35 -0.43
N ARG C 431 -20.92 -44.65 -0.57
CA ARG C 431 -19.82 -45.60 -0.62
C ARG C 431 -18.99 -45.26 -1.84
N PRO C 432 -17.65 -45.27 -1.69
CA PRO C 432 -16.83 -44.85 -2.83
C PRO C 432 -16.89 -45.86 -3.95
N GLN C 433 -16.66 -45.40 -5.19
CA GLN C 433 -16.66 -46.30 -6.32
C GLN C 433 -15.42 -47.19 -6.27
N THR C 434 -15.61 -48.49 -6.47
CA THR C 434 -14.49 -49.42 -6.46
C THR C 434 -13.65 -49.23 -7.69
N ASP C 435 -12.40 -49.68 -7.65
CA ASP C 435 -11.51 -49.55 -8.79
C ASP C 435 -11.93 -50.57 -9.83
N PHE C 436 -12.67 -50.12 -10.83
CA PHE C 436 -13.16 -51.03 -11.86
C PHE C 436 -11.99 -51.63 -12.62
N LEU C 437 -10.96 -50.83 -12.87
CA LEU C 437 -9.80 -51.33 -13.59
C LEU C 437 -9.22 -52.50 -12.84
N GLU C 438 -9.22 -52.43 -11.52
CA GLU C 438 -8.66 -53.50 -10.71
C GLU C 438 -9.66 -54.61 -10.44
N LEU C 439 -10.94 -54.27 -10.41
CA LEU C 439 -11.96 -55.26 -10.11
C LEU C 439 -12.29 -56.05 -11.37
N SER C 440 -12.00 -55.47 -12.53
CA SER C 440 -12.32 -56.13 -13.79
C SER C 440 -11.62 -57.47 -13.94
N ARG C 441 -10.59 -57.71 -13.13
CA ARG C 441 -9.84 -58.96 -13.21
C ARG C 441 -10.73 -60.18 -13.00
N LEU C 442 -10.17 -61.37 -13.14
CA LEU C 442 -10.93 -62.60 -12.93
C LEU C 442 -11.64 -62.61 -11.58
N ASP C 472 -32.76 -68.39 19.92
CA ASP C 472 -32.86 -67.13 20.63
C ASP C 472 -31.81 -66.15 20.14
N SER C 473 -31.96 -65.71 18.90
CA SER C 473 -31.02 -64.78 18.32
C SER C 473 -31.20 -63.38 18.92
N PRO C 474 -30.16 -62.55 18.84
CA PRO C 474 -30.26 -61.20 19.42
C PRO C 474 -31.39 -60.39 18.79
N ASP C 475 -32.00 -59.52 19.58
CA ASP C 475 -33.10 -58.71 19.09
C ASP C 475 -32.65 -57.79 17.97
N TRP C 476 -31.48 -57.17 18.14
CA TRP C 476 -30.98 -56.27 17.13
C TRP C 476 -30.54 -56.98 15.86
N CYS C 477 -30.50 -58.31 15.85
CA CYS C 477 -30.10 -59.05 14.67
C CYS C 477 -31.29 -59.29 13.77
N GLN C 478 -31.14 -58.94 12.50
CA GLN C 478 -32.15 -59.14 11.49
C GLN C 478 -31.73 -60.17 10.45
N CYS C 479 -30.77 -61.03 10.80
CA CYS C 479 -30.26 -62.04 9.89
C CYS C 479 -30.17 -63.43 10.50
N GLY C 480 -30.18 -63.55 11.81
CA GLY C 480 -30.17 -64.85 12.46
C GLY C 480 -28.80 -65.41 12.75
N ASN C 481 -27.75 -64.87 12.16
CA ASN C 481 -26.41 -65.39 12.32
C ASN C 481 -25.55 -64.60 13.32
N CYS C 482 -26.06 -63.47 13.81
CA CYS C 482 -25.29 -62.66 14.74
C CYS C 482 -25.36 -63.25 16.14
N LEU C 483 -24.35 -62.95 16.94
CA LEU C 483 -24.17 -63.49 18.27
C LEU C 483 -23.88 -62.37 19.25
N PRO C 484 -24.13 -62.60 20.54
CA PRO C 484 -23.83 -61.57 21.53
C PRO C 484 -22.33 -61.28 21.61
N SER C 485 -22.01 -60.06 22.00
CA SER C 485 -20.62 -59.65 22.13
C SER C 485 -20.03 -60.20 23.41
N GLN C 486 -18.76 -60.61 23.33
CA GLN C 486 -18.00 -61.05 24.50
C GLN C 486 -17.18 -59.95 25.13
N LEU C 487 -17.30 -58.72 24.63
CA LEU C 487 -16.56 -57.60 25.18
C LEU C 487 -17.12 -57.19 26.53
N PRO C 488 -16.37 -56.42 27.30
CA PRO C 488 -16.91 -55.88 28.56
C PRO C 488 -18.24 -55.18 28.36
N GLU C 489 -19.05 -55.12 29.42
CA GLU C 489 -20.42 -54.63 29.28
C GLU C 489 -20.47 -53.23 28.69
N ASN C 490 -19.55 -52.37 29.11
CA ASN C 490 -19.57 -50.99 28.65
C ASN C 490 -19.23 -50.86 27.17
N ARG C 491 -18.64 -51.88 26.57
CA ARG C 491 -18.18 -51.82 25.19
C ARG C 491 -18.86 -52.85 24.29
N ARG C 492 -19.95 -53.47 24.74
CA ARG C 492 -20.67 -54.43 23.90
C ARG C 492 -21.45 -53.77 22.79
N ALA C 493 -21.80 -52.50 22.96
CA ALA C 493 -22.65 -51.82 21.98
C ALA C 493 -21.96 -51.69 20.63
N LEU C 494 -20.64 -51.54 20.63
CA LEU C 494 -19.91 -51.39 19.38
C LEU C 494 -20.09 -52.60 18.50
N GLU C 495 -20.01 -53.79 19.08
CA GLU C 495 -20.13 -55.04 18.34
C GLU C 495 -21.57 -55.48 18.17
N GLU C 496 -22.53 -54.73 18.70
CA GLU C 496 -23.95 -55.06 18.57
C GLU C 496 -24.49 -54.45 17.27
N LEU C 497 -24.07 -55.07 16.17
CA LEU C 497 -24.41 -54.59 14.84
C LEU C 497 -24.68 -55.78 13.92
N CYS C 498 -25.69 -55.64 13.08
CA CYS C 498 -26.08 -56.67 12.14
C CYS C 498 -25.66 -56.32 10.73
N CYS C 499 -25.68 -57.33 9.86
CA CYS C 499 -25.32 -57.13 8.46
C CYS C 499 -26.38 -56.34 7.71
N ARG C 500 -27.64 -56.40 8.15
CA ARG C 500 -28.72 -55.72 7.45
C ARG C 500 -29.63 -55.05 8.46
N ARG C 501 -30.30 -54.01 8.00
CA ARG C 501 -31.21 -53.27 8.85
C ARG C 501 -32.60 -53.91 8.89
N LYS C 502 -33.04 -54.49 7.79
CA LYS C 502 -34.32 -55.15 7.68
C LYS C 502 -34.14 -56.65 7.59
N PRO C 503 -35.15 -57.44 7.98
CA PRO C 503 -34.98 -58.89 7.97
C PRO C 503 -34.67 -59.41 6.58
N GLY C 504 -33.84 -60.45 6.52
CA GLY C 504 -33.43 -61.00 5.27
C GLY C 504 -32.30 -61.99 5.46
N GLN C 505 -31.63 -62.30 4.36
CA GLN C 505 -30.54 -63.26 4.39
C GLN C 505 -29.24 -62.57 4.80
N CYS C 506 -28.41 -63.30 5.54
CA CYS C 506 -27.14 -62.77 5.97
C CYS C 506 -26.18 -62.64 4.81
N ILE C 507 -25.32 -61.62 4.87
CA ILE C 507 -24.31 -61.41 3.85
C ILE C 507 -23.34 -62.57 3.82
N THR C 508 -23.20 -63.29 4.92
CA THR C 508 -22.33 -64.46 4.97
C THR C 508 -22.79 -65.55 4.01
N THR C 509 -24.06 -65.53 3.59
CA THR C 509 -24.54 -66.53 2.65
C THR C 509 -24.01 -66.27 1.25
N SER C 510 -23.59 -65.06 0.96
CA SER C 510 -23.01 -64.75 -0.34
C SER C 510 -21.73 -65.53 -0.55
N GLU C 511 -21.46 -65.90 -1.80
CA GLU C 511 -20.25 -66.65 -2.10
C GLU C 511 -19.01 -65.77 -2.03
N LEU C 512 -19.16 -64.46 -2.30
CA LEU C 512 -18.03 -63.57 -2.19
C LEU C 512 -17.51 -63.50 -0.76
N PHE C 513 -18.36 -63.70 0.23
CA PHE C 513 -17.88 -63.69 1.59
C PHE C 513 -16.85 -64.80 1.81
N SER C 514 -17.11 -65.97 1.26
CA SER C 514 -16.17 -67.08 1.41
C SER C 514 -14.96 -66.89 0.51
N LYS C 515 -15.17 -66.34 -0.69
CA LYS C 515 -14.06 -66.15 -1.62
C LYS C 515 -13.07 -65.12 -1.10
N ILE C 516 -13.55 -64.03 -0.52
CA ILE C 516 -12.72 -62.90 -0.13
C ILE C 516 -12.34 -62.96 1.35
N VAL C 517 -13.31 -63.21 2.21
CA VAL C 517 -13.10 -63.05 3.64
C VAL C 517 -12.64 -64.33 4.31
N LEU C 518 -13.21 -65.47 3.94
CA LEU C 518 -12.94 -66.72 4.63
C LEU C 518 -11.95 -67.62 3.89
N SER C 519 -11.74 -67.40 2.60
CA SER C 519 -10.83 -68.24 1.84
C SER C 519 -9.42 -68.13 2.38
N ARG C 520 -8.92 -69.22 2.99
CA ARG C 520 -7.58 -69.19 3.55
C ARG C 520 -6.52 -69.00 2.48
N GLU C 521 -6.75 -69.52 1.28
CA GLU C 521 -5.77 -69.37 0.20
C GLU C 521 -5.56 -67.90 -0.14
N ALA C 522 -6.65 -67.15 -0.29
CA ALA C 522 -6.53 -65.74 -0.67
C ALA C 522 -5.84 -64.93 0.42
N LEU C 523 -6.21 -65.16 1.67
CA LEU C 523 -5.60 -64.43 2.78
C LEU C 523 -4.11 -64.77 2.89
N GLN C 524 -3.77 -66.05 2.68
CA GLN C 524 -2.36 -66.43 2.68
C GLN C 524 -1.61 -65.73 1.57
N LEU C 525 -2.22 -65.64 0.38
CA LEU C 525 -1.58 -64.93 -0.72
C LEU C 525 -1.36 -63.47 -0.38
N LEU C 526 -2.35 -62.83 0.24
CA LEU C 526 -2.17 -61.43 0.64
C LEU C 526 -1.04 -61.29 1.65
N LEU C 527 -1.01 -62.15 2.65
CA LEU C 527 0.04 -62.10 3.66
C LEU C 527 1.42 -62.29 3.03
N LEU C 528 1.53 -63.24 2.11
CA LEU C 528 2.80 -63.47 1.44
C LEU C 528 3.18 -62.27 0.58
N TYR C 529 2.20 -61.68 -0.10
CA TYR C 529 2.46 -60.45 -0.85
C TYR C 529 3.08 -59.40 0.05
N GLN C 530 2.55 -59.23 1.25
CA GLN C 530 3.17 -58.32 2.21
C GLN C 530 4.49 -58.88 2.72
N GLU C 531 4.51 -60.15 3.11
CA GLU C 531 5.71 -60.80 3.66
C GLU C 531 5.95 -62.12 2.92
N PRO C 532 6.77 -62.11 1.88
CA PRO C 532 6.88 -63.30 1.02
C PRO C 532 7.34 -64.55 1.75
N LEU C 533 8.17 -64.42 2.77
CA LEU C 533 8.75 -65.56 3.47
C LEU C 533 8.06 -65.83 4.80
N LEU C 534 6.76 -65.59 4.88
CA LEU C 534 6.02 -65.78 6.11
C LEU C 534 5.90 -67.27 6.43
N ALA C 535 5.95 -67.58 7.72
CA ALA C 535 5.80 -68.94 8.21
C ALA C 535 4.33 -69.21 8.50
N LEU C 536 3.70 -70.04 7.67
CA LEU C 536 2.27 -70.34 7.79
C LEU C 536 2.05 -71.45 8.81
N GLU C 537 2.44 -71.15 10.05
CA GLU C 537 2.25 -72.09 11.15
C GLU C 537 2.18 -71.31 12.46
N GLY C 538 1.47 -71.89 13.42
CA GLY C 538 1.30 -71.27 14.72
C GLY C 538 0.01 -70.49 14.83
N GLU C 539 -0.18 -69.90 16.02
CA GLU C 539 -1.33 -69.02 16.25
C GLU C 539 -1.14 -67.65 15.63
N ALA C 540 0.10 -67.26 15.35
CA ALA C 540 0.35 -65.96 14.74
C ALA C 540 -0.27 -65.89 13.36
N ILE C 541 -0.19 -66.97 12.59
CA ILE C 541 -0.77 -66.96 11.25
C ILE C 541 -2.29 -66.89 11.32
N ASN C 542 -2.88 -67.55 12.32
CA ASN C 542 -4.32 -67.48 12.48
C ASN C 542 -4.75 -66.06 12.81
N SER C 543 -4.01 -65.39 13.70
CA SER C 543 -4.32 -64.01 14.02
C SER C 543 -4.17 -63.10 12.80
N LYS C 544 -3.10 -63.30 12.04
CA LYS C 544 -2.88 -62.49 10.85
C LYS C 544 -4.00 -62.71 9.83
N LEU C 545 -4.43 -63.95 9.67
CA LEU C 545 -5.53 -64.25 8.76
C LEU C 545 -6.82 -63.61 9.24
N ARG C 546 -7.06 -63.62 10.54
CA ARG C 546 -8.25 -62.97 11.08
C ARG C 546 -8.24 -61.49 10.78
N HIS C 547 -7.11 -60.84 11.00
CA HIS C 547 -7.01 -59.41 10.74
C HIS C 547 -7.16 -59.13 9.24
N CYS C 548 -6.58 -59.97 8.40
CA CYS C 548 -6.71 -59.78 6.96
C CYS C 548 -8.15 -59.96 6.52
N ALA C 549 -8.88 -60.88 7.16
CA ALA C 549 -10.28 -61.07 6.82
C ALA C 549 -11.11 -59.85 7.22
N TYR C 550 -10.85 -59.32 8.41
CA TYR C 550 -11.52 -58.08 8.80
C TYR C 550 -11.24 -56.98 7.79
N ARG C 551 -9.97 -56.82 7.41
CA ARG C 551 -9.61 -55.78 6.45
C ARG C 551 -10.26 -56.02 5.11
N SER C 552 -10.37 -57.28 4.70
CA SER C 552 -10.97 -57.61 3.41
C SER C 552 -12.44 -57.25 3.38
N TYR C 553 -13.18 -57.65 4.43
CA TYR C 553 -14.57 -57.25 4.50
C TYR C 553 -14.71 -55.73 4.51
N ALA C 554 -13.87 -55.06 5.30
CA ALA C 554 -13.96 -53.62 5.39
C ALA C 554 -13.68 -52.95 4.06
N THR C 555 -12.70 -53.45 3.31
CA THR C 555 -12.37 -52.85 2.03
C THR C 555 -13.43 -53.18 0.98
N TRP C 556 -14.06 -54.34 1.11
CA TRP C 556 -15.09 -54.74 0.16
C TRP C 556 -16.35 -53.89 0.32
N ARG C 557 -16.77 -53.67 1.56
CA ARG C 557 -18.02 -52.95 1.81
C ARG C 557 -17.82 -51.46 2.07
N PHE C 558 -16.59 -51.02 2.37
CA PHE C 558 -16.28 -49.59 2.57
C PHE C 558 -15.06 -49.41 1.69
N VAL C 559 -15.26 -49.11 0.42
CA VAL C 559 -14.15 -49.12 -0.52
C VAL C 559 -12.98 -48.26 -0.05
N SER C 560 -13.27 -47.07 0.47
CA SER C 560 -12.20 -46.19 0.90
C SER C 560 -11.49 -46.75 2.12
N GLN C 561 -10.16 -46.68 2.11
CA GLN C 561 -9.38 -47.09 3.27
C GLN C 561 -9.67 -46.22 4.47
N ASP C 562 -10.07 -44.96 4.24
CA ASP C 562 -10.39 -44.08 5.34
C ASP C 562 -11.57 -44.60 6.14
N MET C 563 -12.61 -45.06 5.45
CA MET C 563 -13.76 -45.66 6.13
C MET C 563 -13.45 -47.08 6.59
N ALA C 564 -12.65 -47.81 5.81
CA ALA C 564 -12.33 -49.19 6.18
C ALA C 564 -11.55 -49.25 7.48
N ASP C 565 -10.71 -48.24 7.73
CA ASP C 565 -9.94 -48.22 8.97
C ASP C 565 -10.85 -48.05 10.18
N PHE C 566 -11.92 -47.27 10.03
CA PHE C 566 -12.86 -47.00 11.10
C PHE C 566 -14.17 -47.74 10.93
N ALA C 567 -14.22 -48.70 10.01
CA ALA C 567 -15.42 -49.50 9.85
C ALA C 567 -15.65 -50.38 11.06
N ILE C 568 -16.87 -50.92 11.14
CA ILE C 568 -17.26 -51.83 12.21
C ILE C 568 -17.89 -53.04 11.54
N LEU C 569 -17.35 -54.22 11.82
CA LEU C 569 -17.87 -55.42 11.21
C LEU C 569 -19.14 -55.87 11.94
N PRO C 570 -20.09 -56.45 11.23
CA PRO C 570 -21.24 -57.05 11.90
C PRO C 570 -20.83 -58.23 12.75
N SER C 571 -21.67 -58.54 13.74
CA SER C 571 -21.40 -59.67 14.60
C SER C 571 -21.40 -60.97 13.82
N CYS C 572 -22.29 -61.09 12.85
CA CYS C 572 -22.36 -62.33 12.07
C CYS C 572 -21.06 -62.56 11.31
N CYS C 573 -20.62 -61.56 10.55
CA CYS C 573 -19.40 -61.70 9.77
C CYS C 573 -18.18 -61.84 10.67
N ARG C 574 -18.13 -61.05 11.74
CA ARG C 574 -17.01 -61.12 12.68
C ARG C 574 -16.88 -62.51 13.26
N TRP C 575 -17.98 -63.08 13.72
CA TRP C 575 -17.92 -64.37 14.38
C TRP C 575 -17.74 -65.51 13.40
N LYS C 576 -18.24 -65.37 12.18
CA LYS C 576 -17.90 -66.36 11.16
C LYS C 576 -16.41 -66.35 10.87
N ILE C 577 -15.82 -65.17 10.78
CA ILE C 577 -14.38 -65.05 10.58
C ILE C 577 -13.63 -65.72 11.73
N ARG C 578 -14.01 -65.38 12.96
CA ARG C 578 -13.32 -65.93 14.11
C ARG C 578 -13.46 -67.43 14.13
N LYS C 579 -14.63 -67.92 13.77
CA LYS C 579 -14.85 -69.35 13.71
C LYS C 579 -13.88 -69.97 12.73
N GLU C 580 -13.64 -69.29 11.61
CA GLU C 580 -12.72 -69.79 10.60
C GLU C 580 -11.28 -69.67 11.04
N PHE C 581 -10.95 -68.61 11.77
CA PHE C 581 -9.57 -68.35 12.18
C PHE C 581 -9.56 -68.03 13.67
N PRO C 582 -9.83 -69.02 14.51
CA PRO C 582 -10.10 -68.74 15.93
C PRO C 582 -8.84 -68.58 16.76
N LYS C 583 -9.01 -67.90 17.88
CA LYS C 583 -7.89 -67.63 18.77
C LYS C 583 -7.74 -68.78 19.74
N THR C 584 -6.63 -68.80 20.47
CA THR C 584 -6.40 -69.86 21.45
C THR C 584 -6.03 -69.27 22.80
N GLN C 585 -6.68 -69.75 23.86
CA GLN C 585 -6.36 -69.28 25.20
C GLN C 585 -6.32 -67.76 25.27
N GLY C 586 -7.31 -67.10 24.68
CA GLY C 586 -7.35 -65.65 24.72
C GLY C 586 -8.72 -65.09 24.40
N GLN C 587 -8.99 -63.88 24.87
CA GLN C 587 -10.25 -63.22 24.56
C GLN C 587 -10.03 -62.16 23.50
N TYR C 588 -10.92 -62.10 22.52
CA TYR C 588 -10.81 -61.13 21.46
C TYR C 588 -11.01 -59.72 22.00
N SER C 589 -10.21 -58.78 21.49
CA SER C 589 -10.28 -57.39 21.93
C SER C 589 -11.23 -56.57 21.08
N GLY C 590 -11.20 -56.75 19.77
CA GLY C 590 -12.11 -56.05 18.89
C GLY C 590 -11.48 -54.87 18.18
N PHE C 591 -12.30 -53.86 17.91
CA PHE C 591 -11.86 -52.73 17.09
C PHE C 591 -10.98 -51.80 17.90
N LYS C 592 -9.82 -51.48 17.35
CA LYS C 592 -8.91 -50.51 17.94
C LYS C 592 -9.02 -49.17 17.22
N TYR C 593 -8.59 -48.12 17.91
CA TYR C 593 -8.63 -46.79 17.33
C TYR C 593 -7.36 -46.61 16.55
N PRO C 594 -7.47 -46.37 15.24
CA PRO C 594 -6.25 -46.29 14.44
C PRO C 594 -5.32 -45.18 14.90
N TYR C 595 -5.85 -44.23 15.69
CA TYR C 595 -5.04 -43.12 16.18
C TYR C 595 -4.94 -43.20 17.70
PB GDP D . -30.86 -51.11 -22.54
O1B GDP D . -31.52 -51.98 -21.50
O2B GDP D . -30.83 -49.69 -22.06
O3B GDP D . -31.65 -51.19 -23.82
O3A GDP D . -29.37 -51.63 -22.79
PA GDP D . -28.31 -50.67 -23.52
O1A GDP D . -27.38 -51.46 -24.41
O2A GDP D . -29.01 -49.57 -24.28
O5' GDP D . -27.50 -50.09 -22.28
C5' GDP D . -27.38 -48.69 -22.13
C4' GDP D . -26.33 -48.39 -21.09
O4' GDP D . -25.11 -48.96 -21.53
C3' GDP D . -26.13 -46.90 -20.91
O3' GDP D . -26.29 -46.55 -19.54
C2' GDP D . -24.73 -46.60 -21.40
O2' GDP D . -24.00 -45.88 -20.42
C1' GDP D . -24.11 -47.96 -21.66
N9 GDP D . -23.54 -48.00 -23.03
C8 GDP D . -24.13 -48.51 -24.13
N7 GDP D . -23.32 -48.38 -25.20
C5 GDP D . -22.20 -47.77 -24.79
C6 GDP D . -20.94 -47.33 -25.41
O6 GDP D . -20.72 -47.50 -26.62
N1 GDP D . -20.03 -46.74 -24.62
C2 GDP D . -20.24 -46.55 -23.32
N2 GDP D . -19.28 -45.95 -22.58
N3 GDP D . -21.36 -46.93 -22.68
C4 GDP D . -22.35 -47.53 -23.36
H5' GDP D . -27.08 -48.25 -23.09
H5'' GDP D . -28.34 -48.25 -21.84
H4' GDP D . -26.64 -48.80 -20.13
H3' GDP D . -26.85 -46.37 -21.54
HO3' GDP D . -26.33 -45.59 -19.45
H2' GDP D . -24.80 -46.05 -22.34
HO2' GDP D . -24.38 -45.00 -20.31
H1' GDP D . -23.31 -48.13 -20.93
H8 GDP D . -25.11 -48.96 -24.14
HN1 GDP D . -19.14 -46.43 -25.04
HN21 GDP D . -18.42 -45.66 -23.03
HN22 GDP D . -19.43 -45.80 -21.60
ZN ZN E . -14.06 -55.76 -34.59
ZN ZN F . -15.47 -54.06 -37.61
C1 NAG G . 1.85 16.85 24.38
C2 NAG G . 1.34 15.98 25.53
C3 NAG G . 1.11 16.83 26.78
C4 NAG G . 2.37 17.62 27.11
C5 NAG G . 2.84 18.41 25.90
C6 NAG G . 4.17 19.10 26.12
C7 NAG G . -0.97 15.69 24.59
C8 NAG G . -0.99 17.15 24.25
N2 NAG G . 0.15 15.22 25.18
O3 NAG G . 0.77 15.98 27.86
O4 NAG G . 2.11 18.52 28.18
O5 NAG G . 3.03 17.53 24.78
O6 NAG G . 5.22 18.16 26.26
O7 NAG G . -1.92 14.96 24.34
H2 NAG G . 2.05 15.35 25.74
H3 NAG G . 0.39 17.46 26.64
H4 NAG G . 3.07 16.99 27.37
H5 NAG G . 2.17 19.08 25.67
H61 NAG G . 4.36 19.68 25.37
H62 NAG G . 4.11 19.65 26.93
H81 NAG G . -0.65 17.70 24.97
H82 NAG G . -0.48 17.31 23.44
H83 NAG G . -1.92 17.41 24.08
HN2 NAG G . 0.16 14.33 25.39
HO3 NAG G . 0.59 16.46 28.58
HO4 NAG G . 1.92 19.32 27.85
HO6 NAG G . 5.87 18.50 26.77
C1 NAG H . 34.23 43.05 6.49
C2 NAG H . 34.73 44.21 5.65
C3 NAG H . 36.20 44.03 5.34
C4 NAG H . 37.00 43.84 6.63
C5 NAG H . 36.40 42.68 7.43
C6 NAG H . 37.04 42.52 8.78
C7 NAG H . 33.25 45.44 4.12
C8 NAG H . 32.52 45.40 2.82
N2 NAG H . 33.95 44.34 4.43
O3 NAG H . 36.68 45.17 4.65
O4 NAG H . 38.36 43.55 6.32
O5 NAG H . 35.01 42.93 7.67
O6 NAG H . 36.54 43.48 9.71
O7 NAG H . 33.21 46.42 4.86
H2 NAG H . 34.62 45.03 6.18
H3 NAG H . 36.31 43.24 4.77
H4 NAG H . 36.95 44.65 7.16
H5 NAG H . 36.50 41.85 6.91
H61 NAG H . 36.86 41.63 9.12
H62 NAG H . 38.01 42.64 8.70
H81 NAG H . 33.14 45.11 2.11
H82 NAG H . 31.78 44.77 2.88
H83 NAG H . 32.18 46.29 2.61
HN2 NAG H . 33.95 43.65 3.84
HO3 NAG H . 37.50 45.37 4.92
HO4 NAG H . 38.88 43.85 6.97
HO6 NAG H . 36.57 43.14 10.53
C1 NAG I . 31.92 41.22 -7.51
C2 NAG I . 33.26 40.88 -8.14
C3 NAG I . 34.22 42.05 -8.03
C4 NAG I . 33.59 43.31 -8.59
C5 NAG I . 32.23 43.56 -7.94
C6 NAG I . 31.49 44.72 -8.55
C7 NAG I . 34.06 38.56 -8.22
C8 NAG I . 34.66 37.43 -7.44
N2 NAG I . 33.83 39.69 -7.54
O3 NAG I . 35.42 41.75 -8.73
O4 NAG I . 34.43 44.43 -8.34
O5 NAG I . 31.40 42.40 -8.11
O6 NAG I . 30.08 44.54 -8.46
O7 NAG I . 33.80 38.45 -9.42
H2 NAG I . 33.11 40.71 -9.09
H3 NAG I . 34.43 42.19 -7.08
H4 NAG I . 33.48 43.20 -9.55
H5 NAG I . 32.35 43.72 -7.00
H61 NAG I . 31.73 45.54 -8.09
H62 NAG I . 31.73 44.80 -9.50
H81 NAG I . 35.51 37.71 -7.06
H82 NAG I . 34.05 37.17 -6.72
H83 NAG I . 34.80 36.67 -8.03
HN2 NAG I . 34.05 39.70 -6.66
HO3 NAG I . 35.92 42.48 -8.77
HO4 NAG I . 34.61 44.85 -9.11
HO6 NAG I . 29.69 45.34 -8.49
C1 PLM J . 6.31 -25.81 -22.86
O1 PLM J . 7.13 -25.36 -23.65
O2 PLM J . 6.45 -27.08 -22.38
C2 PLM J . 5.12 -25.05 -22.34
C3 PLM J . 5.41 -23.55 -22.25
C4 PLM J . 4.53 -22.77 -21.25
C5 PLM J . 4.74 -21.23 -21.27
C6 PLM J . 3.89 -20.42 -20.26
C7 PLM J . 4.22 -18.90 -20.13
C8 PLM J . 3.21 -18.04 -19.32
C9 PLM J . 3.54 -16.53 -19.20
CA PLM J . 2.36 -15.58 -18.82
H21 PLM J . 4.79 -25.47 -21.37
H22 PLM J . 4.27 -25.26 -23.03
H31 PLM J . 5.31 -23.11 -23.26
H32 PLM J . 6.47 -23.42 -22.01
H41 PLM J . 4.72 -23.14 -20.23
H42 PLM J . 3.47 -22.99 -21.45
H51 PLM J . 4.53 -20.86 -22.30
H52 PLM J . 5.82 -21.00 -21.12
H61 PLM J . 3.95 -20.89 -19.26
H62 PLM J . 2.82 -20.52 -20.54
H71 PLM J . 4.32 -18.48 -21.14
H72 PLM J . 5.22 -18.79 -19.67
H81 PLM J . 3.08 -18.46 -18.32
H82 PLM J . 2.21 -18.14 -19.79
H91 PLM J . 3.98 -16.17 -20.14
H92 PLM J . 4.35 -16.40 -18.45
HA1 PLM J . 2.69 -14.53 -18.88
HA2 PLM J . 1.57 -15.65 -19.59
C1 PLM K . 10.50 -26.19 -26.91
O2 PLM K . 11.59 -26.68 -27.24
C2 PLM K . 10.18 -24.74 -27.03
C3 PLM K . 9.56 -24.19 -25.77
C4 PLM K . 9.79 -22.70 -25.60
C5 PLM K . 8.90 -22.13 -24.52
C6 PLM K . 9.46 -20.83 -23.98
C7 PLM K . 9.51 -19.77 -25.06
H21 PLM K . 11.13 -24.20 -27.24
H22 PLM K . 9.48 -24.58 -27.90
H31 PLM K . 8.46 -24.40 -25.76
H32 PLM K . 10.01 -24.73 -24.90
H41 PLM K . 10.87 -22.53 -25.33
H42 PLM K . 9.60 -22.18 -26.57
H51 PLM K . 7.87 -21.95 -24.94
H52 PLM K . 8.80 -22.87 -23.69
H61 PLM K . 8.82 -20.48 -23.13
H62 PLM K . 10.49 -21.01 -23.58
C1 PLM L . 10.96 -27.06 -23.07
O2 PLM L . 9.95 -26.43 -23.35
C2 PLM L . 12.12 -26.47 -22.33
C3 PLM L . 12.81 -25.39 -23.13
C4 PLM L . 13.60 -24.42 -22.28
C5 PLM L . 12.69 -23.39 -21.66
C6 PLM L . 13.44 -22.40 -20.78
C7 PLM L . 12.47 -21.63 -19.90
C8 PLM L . 13.17 -20.96 -18.73
C9 PLM L . 12.18 -20.20 -17.87
CA PLM L . 12.84 -19.61 -16.65
H21 PLM L . 11.72 -26.04 -21.37
H22 PLM L . 12.86 -27.27 -22.04
H31 PLM L . 13.51 -25.89 -23.86
H32 PLM L . 12.04 -24.83 -23.71
H41 PLM L . 14.14 -24.97 -21.47
H42 PLM L . 14.38 -23.91 -22.91
H51 PLM L . 12.16 -22.83 -22.48
H52 PLM L . 11.91 -23.90 -21.06
H61 PLM L . 14.18 -22.95 -20.15
H62 PLM L . 14.00 -21.69 -21.43
H71 PLM L . 11.97 -20.84 -20.52
H72 PLM L . 11.68 -22.31 -19.51
H81 PLM L . 13.68 -21.74 -18.11
H82 PLM L . 13.96 -20.26 -19.11
H91 PLM L . 11.72 -19.38 -18.48
H92 PLM L . 11.35 -20.88 -17.56
C1 PLM M . 18.73 -25.27 -21.95
O2 PLM M . 18.56 -25.68 -23.09
C2 PLM M . 18.91 -23.83 -21.58
C3 PLM M . 17.71 -22.99 -21.98
C4 PLM M . 17.87 -21.54 -21.58
C5 PLM M . 16.57 -20.80 -21.72
C6 PLM M . 16.78 -19.34 -22.02
C7 PLM M . 15.48 -18.61 -22.24
C8 PLM M . 14.83 -18.99 -23.56
H21 PLM M . 19.04 -23.79 -20.46
H22 PLM M . 19.84 -23.43 -22.05
H31 PLM M . 17.57 -23.07 -23.08
H32 PLM M . 16.80 -23.42 -21.48
H41 PLM M . 18.22 -21.48 -20.52
H42 PLM M . 18.65 -21.06 -22.22
H51 PLM M . 15.96 -21.26 -22.55
H52 PLM M . 15.97 -20.90 -20.78
H61 PLM M . 17.34 -18.86 -21.16
H62 PLM M . 17.44 -19.22 -22.93
H71 PLM M . 14.78 -18.85 -21.40
H72 PLM M . 15.65 -17.51 -22.22
H81 PLM M . 13.89 -19.56 -23.37
H82 PLM M . 15.52 -19.67 -24.13
C1 PLM N . 16.14 -27.11 -15.65
O2 PLM N . 14.94 -26.98 -15.90
C2 PLM N . 16.89 -26.27 -14.67
C3 PLM N . 16.80 -24.79 -15.00
C4 PLM N . 16.99 -23.93 -13.77
C5 PLM N . 16.95 -22.46 -14.14
C6 PLM N . 17.06 -21.58 -12.91
C7 PLM N . 17.22 -20.12 -13.26
C8 PLM N . 15.89 -19.47 -13.57
C9 PLM N . 15.23 -18.91 -12.34
CA PLM N . 15.82 -17.57 -11.95
H21 PLM N . 16.44 -26.45 -13.66
H22 PLM N . 17.96 -26.59 -14.63
H31 PLM N . 17.57 -24.53 -15.76
H32 PLM N . 15.80 -24.58 -15.44
H41 PLM N . 16.18 -24.15 -13.03
H42 PLM N . 17.96 -24.17 -13.28
H51 PLM N . 17.78 -22.23 -14.85
H52 PLM N . 15.99 -22.24 -14.68
H61 PLM N . 16.16 -21.72 -12.26
H62 PLM N . 17.96 -21.91 -12.31
H71 PLM N . 17.70 -19.58 -12.40
H72 PLM N . 17.90 -20.01 -14.14
H81 PLM N . 16.03 -18.65 -14.33
H82 PLM N . 15.21 -20.23 -14.05
H91 PLM N . 14.13 -18.79 -12.51
H92 PLM N . 15.36 -19.63 -11.48
HA1 PLM N . 16.33 -17.66 -10.96
HA2 PLM N . 14.99 -16.83 -11.81
NA NA O . -1.14 -9.18 -1.47
PB GDP P . 17.77 -56.79 -23.06
O1B GDP P . 16.95 -57.29 -24.23
O2B GDP P . 17.79 -55.29 -23.07
O3B GDP P . 19.17 -57.32 -23.16
O3A GDP P . 17.09 -57.31 -21.70
PA GDP P . 17.48 -56.61 -20.31
O1A GDP P . 17.52 -57.61 -19.19
O2A GDP P . 18.76 -55.85 -20.43
O5' GDP P . 16.25 -55.62 -20.11
C5' GDP P . 16.50 -54.24 -19.89
C4' GDP P . 15.23 -53.57 -19.41
O4' GDP P . 14.83 -54.22 -18.21
C3' GDP P . 15.45 -52.11 -19.13
O3' GDP P . 14.49 -51.33 -19.87
C2' GDP P . 15.25 -51.94 -17.65
O2' GDP P . 14.32 -50.90 -17.36
C1' GDP P . 14.75 -53.28 -17.14
N9 GDP P . 15.59 -53.75 -16.03
C8 GDP P . 16.62 -54.61 -16.09
N7 GDP P . 17.16 -54.82 -14.87
C5 GDP P . 16.46 -54.06 -13.99
C6 GDP P . 16.50 -53.81 -12.55
O6 GDP P . 17.34 -54.36 -11.82
N1 GDP P . 15.61 -52.96 -12.04
C2 GDP P . 14.69 -52.36 -12.81
N2 GDP P . 13.81 -51.52 -12.23
N3 GDP P . 14.60 -52.54 -14.14
C4 GDP P . 15.43 -53.37 -14.77
H5' GDP P . 17.27 -54.13 -19.12
H5'' GDP P . 16.86 -53.78 -20.81
H4' GDP P . 14.46 -53.66 -20.18
H3' GDP P . 16.47 -51.85 -19.41
HO3' GDP P . 14.73 -50.39 -19.81
H2' GDP P . 16.22 -51.73 -17.19
HO2' GDP P . 14.69 -50.05 -17.64
H1' GDP P . 13.71 -53.17 -16.81
H8 GDP P . 16.97 -55.09 -17.01
HN1 GDP P . 15.61 -52.78 -11.03
HN21 GDP P . 13.84 -51.36 -11.24
HN22 GDP P . 13.12 -51.06 -12.80
ZN ZN Q . 18.15 -64.54 -3.34
ZN ZN R . 21.82 -63.99 -2.95
C1 NAG S . -15.69 24.01 -7.47
C2 NAG S . -16.65 23.55 -8.56
C3 NAG S . -17.31 24.75 -9.24
C4 NAG S . -17.95 25.64 -8.19
C5 NAG S . -16.94 26.01 -7.10
C6 NAG S . -17.55 26.78 -5.96
C7 NAG S . -14.87 22.88 -10.19
C8 NAG S . -14.12 24.14 -9.86
N2 NAG S . -16.03 22.67 -9.54
O3 NAG S . -18.30 24.29 -10.15
O4 NAG S . -18.43 26.84 -8.79
O5 NAG S . -16.38 24.82 -6.54
O6 NAG S . -18.46 25.98 -5.23
O7 NAG S . -14.43 22.07 -11.00
H2 NAG S . -17.37 23.05 -8.13
H3 NAG S . -16.66 25.27 -9.73
H4 NAG S . -18.70 25.17 -7.77
H5 NAG S . -16.23 26.54 -7.51
H61 NAG S . -16.83 27.09 -5.37
H62 NAG S . -18.01 27.56 -6.32
H81 NAG S . -14.71 24.91 -9.82
H82 NAG S . -13.65 24.04 -9.01
H83 NAG S . -13.45 24.29 -10.56
HN2 NAG S . -16.48 21.90 -9.75
HO3 NAG S . -18.65 24.98 -10.58
HO4 NAG S . -17.83 27.48 -8.71
HO6 NAG S . -19.07 26.50 -4.85
C1 NAG T . -8.55 43.98 32.58
C2 NAG T . -7.76 44.82 33.57
C3 NAG T . -8.26 44.61 34.98
C4 NAG T . -9.76 44.87 35.05
C5 NAG T . -10.48 44.03 34.01
C6 NAG T . -11.96 44.35 33.91
C7 NAG T . -5.41 45.42 33.15
C8 NAG T . -4.00 44.92 33.11
N2 NAG T . -6.34 44.51 33.48
O3 NAG T . -7.57 45.48 35.87
O4 NAG T . -10.26 44.55 36.35
O5 NAG T . -9.94 44.29 32.71
O6 NAG T . -12.19 45.54 33.17
O7 NAG T . -5.70 46.58 32.89
H2 NAG T . -7.88 45.76 33.33
H3 NAG T . -8.10 43.68 35.24
H4 NAG T . -9.93 45.82 34.86
H5 NAG T . -10.37 43.09 34.22
H61 NAG T . -12.42 43.60 33.48
H62 NAG T . -12.31 44.46 34.82
H81 NAG T . -3.81 44.45 33.94
H82 NAG T . -3.89 44.32 32.35
H83 NAG T . -3.39 45.68 33.02
HN2 NAG T . -6.06 43.67 33.65
HO3 NAG T . -8.14 45.78 36.48
HO4 NAG T . -10.95 45.08 36.53
HO6 NAG T . -12.98 45.49 32.77
C1 NAG U . 3.48 37.55 36.85
C2 NAG U . 3.26 37.06 38.27
C3 NAG U . 3.05 38.24 39.20
C4 NAG U . 4.21 39.23 39.08
C5 NAG U . 4.42 39.61 37.62
C6 NAG U . 5.62 40.49 37.40
C7 NAG U . 2.23 34.88 38.71
C8 NAG U . 0.96 34.10 38.72
N2 NAG U . 2.13 36.16 38.33
O3 NAG U . 2.95 37.77 40.54
O4 NAG U . 3.94 40.40 39.85
O5 NAG U . 4.60 38.44 36.82
O6 NAG U . 6.18 40.30 36.10
O7 NAG U . 3.30 34.38 39.02
H2 NAG U . 4.06 36.58 38.55
H3 NAG U . 2.23 38.70 38.96
H4 NAG U . 5.02 38.80 39.41
H5 NAG U . 3.62 40.09 37.30
H61 NAG U . 5.37 41.42 37.51
H62 NAG U . 6.31 40.27 38.06
H81 NAG U . 0.31 34.52 39.32
H82 NAG U . 0.58 34.07 37.82
H83 NAG U . 1.14 33.19 39.02
HN2 NAG U . 1.30 36.48 38.11
HO3 NAG U . 2.98 38.46 41.10
HO4 NAG U . 4.62 40.55 40.42
HO6 NAG U . 6.63 41.03 35.87
C1 PLM V . 7.88 -31.68 12.91
O1 PLM V . 8.28 -31.48 14.04
O2 PLM V . 7.04 -32.71 12.64
C2 PLM V . 8.27 -30.84 11.72
C3 PLM V . 8.51 -29.37 12.13
C4 PLM V . 8.35 -28.33 11.00
C5 PLM V . 8.74 -26.88 11.39
C6 PLM V . 8.57 -25.81 10.27
C7 PLM V . 8.77 -24.34 10.70
C8 PLM V . 8.86 -23.29 9.55
C9 PLM V . 9.05 -21.81 9.98
CA PLM V . 9.60 -20.83 8.89
H21 PLM V . 7.50 -30.92 10.92
H22 PLM V . 9.17 -31.28 11.27
H31 PLM V . 9.52 -29.31 12.57
H32 PLM V . 7.84 -29.14 12.97
H41 PLM V . 7.32 -28.34 10.63
H42 PLM V . 8.96 -28.66 10.12
H51 PLM V . 9.80 -26.89 11.73
H52 PLM V . 8.17 -26.59 12.28
H61 PLM V . 7.58 -25.93 9.80
H62 PLM V . 9.28 -26.05 9.45
H71 PLM V . 9.67 -24.26 11.31
H72 PLM V . 7.94 -24.05 11.38
H81 PLM V . 7.95 -23.36 8.91
H82 PLM V . 9.69 -23.58 8.88
H91 PLM V . 9.73 -21.78 10.85
H92 PLM V . 8.10 -21.42 10.36
HA1 PLM V . 9.82 -19.85 9.34
HA2 PLM V . 10.59 -21.20 8.55
C1 PLM W . 9.07 -33.22 18.42
O2 PLM W . 8.67 -33.75 19.46
C2 PLM W . 9.78 -31.90 18.37
C3 PLM W . 9.21 -30.98 17.31
C4 PLM W . 9.41 -29.53 17.64
C5 PLM W . 9.13 -28.66 16.42
C6 PLM W . 8.81 -27.23 16.82
C7 PLM W . 10.00 -26.59 17.51
H21 PLM W . 9.66 -31.42 19.38
H22 PLM W . 10.87 -32.07 18.19
H31 PLM W . 9.66 -31.23 16.31
H32 PLM W . 8.11 -31.19 17.24
H41 PLM W . 8.73 -29.23 18.47
H42 PLM W . 10.46 -29.36 17.99
H51 PLM W . 10.02 -28.67 15.74
H52 PLM W . 8.27 -29.09 15.85
H61 PLM W . 8.53 -26.65 15.92
H62 PLM W . 7.94 -27.22 17.51
C1 PLM X . 5.43 -32.76 16.92
O2 PLM X . 6.35 -32.30 16.24
C2 PLM X . 4.45 -31.91 17.66
C3 PLM X . 5.10 -31.13 18.78
C4 PLM X . 4.32 -29.91 19.20
C5 PLM X . 4.57 -28.76 18.25
C6 PLM X . 3.79 -27.51 18.62
C7 PLM X . 3.77 -26.52 17.47
C8 PLM X . 2.68 -25.49 17.62
C9 PLM X . 2.68 -24.52 16.45
CA PLM X . 1.53 -23.54 16.54
H21 PLM X . 3.99 -31.20 16.92
H22 PLM X . 3.62 -32.55 18.07
H31 PLM X . 5.22 -31.81 19.66
H32 PLM X . 6.13 -30.82 18.44
H41 PLM X . 3.23 -30.15 19.23
H42 PLM X . 4.62 -29.61 20.24
H51 PLM X . 5.67 -28.52 18.24
H52 PLM X . 4.30 -29.07 17.22
H61 PLM X . 2.74 -27.80 18.90
H62 PLM X . 4.26 -27.03 19.51
H71 PLM X . 4.77 -26.01 17.41
H72 PLM X . 3.63 -27.07 16.51
H81 PLM X . 1.68 -26.00 17.68
H82 PLM X . 2.82 -24.92 18.58
H91 PLM X . 3.65 -23.96 16.43
H92 PLM X . 2.61 -25.09 15.49
C1 PLM Y . 1.32 -30.41 23.42
O2 PLM Y . 2.22 -31.18 23.76
C2 PLM Y . 1.37 -28.92 23.60
C3 PLM Y . 2.53 -28.31 22.85
C4 PLM Y . 2.57 -26.81 22.99
C5 PLM Y . 3.55 -26.20 22.01
C6 PLM Y . 4.14 -24.90 22.53
C7 PLM Y . 5.17 -24.35 21.58
C8 PLM Y . 6.44 -25.17 21.58
H21 PLM Y . 0.41 -28.51 23.20
H22 PLM Y . 1.43 -28.66 24.69
H31 PLM Y . 3.50 -28.75 23.23
H32 PLM Y . 2.44 -28.59 21.76
H41 PLM Y . 1.55 -26.38 22.81
H42 PLM Y . 2.87 -26.54 24.04
H51 PLM Y . 4.37 -26.93 21.80
H52 PLM Y . 3.03 -26.01 21.04
H61 PLM Y . 3.32 -24.16 22.67
H62 PLM Y . 4.60 -25.08 23.53
H71 PLM Y . 4.74 -24.32 20.54
H72 PLM Y . 5.41 -23.29 21.86
H81 PLM Y . 6.57 -25.68 20.59
H82 PLM Y . 6.38 -25.97 22.36
C1 PLM Z . -3.16 -30.17 17.99
O2 PLM Z . -2.34 -30.16 17.08
C2 PLM Z . -4.07 -29.01 18.30
C3 PLM Z . -3.31 -27.73 18.57
C4 PLM Z . -4.14 -26.50 18.27
C5 PLM Z . -3.37 -25.24 18.60
C6 PLM Z . -4.17 -24.01 18.25
C7 PLM Z . -3.51 -22.74 18.73
C8 PLM Z . -2.41 -22.28 17.80
C9 PLM Z . -2.94 -21.36 16.71
CA PLM Z . -3.13 -19.95 17.22
H21 PLM Z . -4.75 -28.87 17.42
H22 PLM Z . -4.72 -29.27 19.19
H31 PLM Z . -2.97 -27.71 19.63
H32 PLM Z . -2.39 -27.73 17.92
H41 PLM Z . -4.43 -26.50 17.19
H42 PLM Z . -5.09 -26.54 18.87
H51 PLM Z . -3.11 -25.23 19.69
H52 PLM Z . -2.40 -25.25 18.04
H61 PLM Z . -4.31 -23.95 17.13
H62 PLM Z . -5.19 -24.08 18.70
H71 PLM Z . -4.27 -21.92 18.82
H72 PLM Z . -3.08 -22.90 19.75
H81 PLM Z . -1.61 -21.75 18.38
H82 PLM Z . -1.92 -23.17 17.31
H91 PLM Z . -2.22 -21.35 15.85
H92 PLM Z . -3.91 -21.75 16.34
HA1 PLM Z . -4.22 -19.69 17.20
HA2 PLM Z . -2.61 -19.24 16.52
PB GDP AA . -6.90 -60.53 18.90
O1B GDP AA . -5.70 -61.41 18.67
O2B GDP AA . -6.45 -59.11 19.12
O3B GDP AA . -7.65 -61.01 20.11
O3A GDP AA . -7.86 -60.59 17.61
PA GDP AA . -8.96 -59.46 17.40
O1A GDP AA . -10.22 -60.02 16.78
O2A GDP AA . -9.26 -58.73 18.69
O5' GDP AA . -8.24 -58.50 16.35
C5' GDP AA . -8.12 -57.12 16.65
C4' GDP AA . -7.70 -56.38 15.40
O4' GDP AA . -8.69 -56.60 14.41
C3' GDP AA . -7.58 -54.89 15.64
O3' GDP AA . -6.28 -54.44 15.26
C2' GDP AA . -8.67 -54.25 14.81
O2' GDP AA . -8.14 -53.21 13.99
C1' GDP AA . -9.25 -55.38 13.97
N9 GDP AA . -10.72 -55.42 14.12
C8 GDP AA . -11.42 -56.22 14.94
N7 GDP AA . -12.75 -55.98 14.82
C5 GDP AA . -12.89 -55.01 13.91
C6 GDP AA . -14.02 -54.29 13.29
O6 GDP AA . -15.20 -54.54 13.63
N1 GDP AA . -13.75 -53.36 12.39
C2 GDP AA . -12.50 -53.07 12.02
N2 GDP AA . -12.29 -52.12 11.09
N3 GDP AA . -11.41 -53.69 12.53
C4 GDP AA . -11.55 -54.65 13.45
H5' GDP AA . -9.08 -56.74 16.99
H5'' GDP AA . -7.39 -56.97 17.44
H4' GDP AA . -6.72 -56.75 15.06
H3' GDP AA . -7.77 -54.70 16.70
HO3' GDP AA . -6.16 -53.53 15.56
H2' GDP AA . -9.44 -53.87 15.48
HO2' GDP AA . -7.82 -52.49 14.55
H1' GDP AA . -8.99 -55.19 12.93
H8 GDP AA . -10.98 -56.94 15.61
HN1 GDP AA . -14.53 -52.84 11.95
HN21 GDP AA . -13.08 -51.64 10.68
HN22 GDP AA . -11.36 -51.90 10.81
ZN ZN BA . -25.68 -61.31 9.11
ZN ZN CA . -27.58 -60.52 12.22
C1 NAG DA . 21.08 19.61 -7.29
C2 NAG DA . 22.30 18.78 -7.69
C3 NAG DA . 23.53 19.67 -7.80
C4 NAG DA . 23.26 20.84 -8.74
C5 NAG DA . 21.99 21.57 -8.31
C6 NAG DA . 21.58 22.66 -9.27
C7 NAG DA . 22.57 17.68 -5.46
C8 NAG DA . 22.33 19.01 -4.80
N2 NAG DA . 22.54 17.65 -6.80
O3 NAG DA . 24.62 18.89 -8.31
O4 NAG DA . 24.36 21.74 -8.72
O5 NAG DA . 20.89 20.66 -8.23
O6 NAG DA . 21.17 22.11 -10.51
O7 NAG DA . 22.78 16.67 -4.80
H2 NAG DA . 22.13 18.43 -8.59
H3 NAG DA . 23.79 20.02 -6.93
H4 NAG DA . 23.13 20.50 -9.64
H5 NAG DA . 22.14 21.97 -7.42
H61 NAG DA . 20.85 23.17 -8.88
H62 NAG DA . 22.33 23.26 -9.42
H81 NAG DA . 22.82 19.73 -5.22
H82 NAG DA . 21.38 19.21 -4.79
H83 NAG DA . 22.64 18.94 -3.87
HN2 NAG DA . 22.69 16.84 -7.20
HO3 NAG DA . 25.35 19.39 -8.32
HO4 NAG DA . 24.19 22.40 -8.15
HO6 NAG DA . 21.32 22.70 -11.16
C1 NAG EA . -9.16 51.93 -17.05
C2 NAG EA . -10.08 53.08 -16.69
C3 NAG EA . -11.07 53.32 -17.82
C4 NAG EA . -10.34 53.54 -19.14
C5 NAG EA . -9.38 52.38 -19.39
C6 NAG EA . -8.51 52.59 -20.60
C7 NAG EA . -10.68 53.59 -14.37
C8 NAG EA . -11.49 53.16 -13.18
N2 NAG EA . -10.80 52.80 -15.45
O3 NAG EA . -11.88 54.46 -17.52
O4 NAG EA . -11.25 53.65 -20.21
O5 NAG EA . -8.51 52.21 -18.27
O6 NAG EA . -7.42 53.46 -20.30
O7 NAG EA . -9.98 54.59 -14.35
H2 NAG EA . -9.55 53.88 -16.58
H3 NAG EA . -11.65 52.54 -17.91
H4 NAG EA . -9.81 54.37 -19.07
H5 NAG EA . -9.91 51.56 -19.51
H61 NAG EA . -8.15 51.73 -20.90
H62 NAG EA . -9.04 52.99 -21.32
H81 NAG EA . -12.40 52.99 -13.45
H82 NAG EA . -11.10 52.35 -12.81
H83 NAG EA . -11.47 53.87 -12.51
HN2 NAG EA . -11.33 52.08 -15.40
HO3 NAG EA . -12.02 54.92 -18.26
HO4 NAG EA . -10.92 54.18 -20.84
HO6 NAG EA . -6.73 53.25 -20.82
C1 NAG FA . -20.40 47.72 -9.30
C2 NAG FA . -21.61 47.72 -10.21
C3 NAG FA . -21.93 49.13 -10.67
C4 NAG FA . -22.08 50.06 -9.47
C5 NAG FA . -20.85 49.96 -8.57
C6 NAG FA . -20.99 50.74 -7.29
C7 NAG FA . -22.15 45.77 -11.60
C8 NAG FA . -21.79 44.98 -12.83
N2 NAG FA . -21.41 46.84 -11.35
O3 NAG FA . -23.13 49.13 -11.44
O4 NAG FA . -22.22 51.40 -9.91
O5 NAG FA . -20.64 48.59 -8.19
O6 NAG FA . -20.24 50.17 -6.24
O7 NAG FA . -23.08 45.44 -10.87
H2 NAG FA . -22.38 47.39 -9.71
H3 NAG FA . -21.19 49.45 -11.23
H4 NAG FA . -22.88 49.79 -8.97
H5 NAG FA . -20.07 50.27 -9.06
H61 NAG FA . -20.67 51.65 -7.45
H62 NAG FA . -21.93 50.77 -7.04
H81 NAG FA . -21.85 45.56 -13.61
H82 NAG FA . -20.88 44.64 -12.74
H83 NAG FA . -22.40 44.23 -12.92
HN2 NAG FA . -20.73 47.05 -11.93
HO3 NAG FA . -23.39 49.96 -11.59
HO4 NAG FA . -22.97 51.76 -9.58
HO6 NAG FA . -20.05 50.79 -5.64
C1 PLM GA . -24.04 -25.33 -3.22
O1 PLM GA . -25.10 -24.75 -3.37
O2 PLM GA . -23.73 -26.42 -3.97
C2 PLM GA . -22.99 -24.91 -2.22
C3 PLM GA . -23.00 -23.39 -2.01
C4 PLM GA . -21.67 -22.78 -1.49
C5 PLM GA . -21.74 -21.28 -1.15
C6 PLM GA . -20.41 -20.64 -0.63
C7 PLM GA . -20.40 -19.10 -0.48
C8 PLM GA . -19.17 -18.48 0.27
C9 PLM GA . -19.17 -16.94 0.43
CA PLM GA . -18.24 -16.36 1.55
H21 PLM GA . -21.99 -25.28 -2.54
H22 PLM GA . -23.20 -25.44 -1.28
H31 PLM GA . -23.82 -23.14 -1.32
H32 PLM GA . -23.30 -22.91 -2.96
H41 PLM GA . -20.88 -22.95 -2.23
H42 PLM GA . -21.35 -23.36 -0.60
H51 PLM GA . -22.53 -21.13 -0.38
H52 PLM GA . -22.11 -20.72 -2.02
H61 PLM GA . -19.58 -20.94 -1.31
H62 PLM GA . -20.15 -21.11 0.33
H71 PLM GA . -21.32 -18.79 0.05
H72 PLM GA . -20.48 -18.63 -1.48
H81 PLM GA . -18.24 -18.80 -0.24
H82 PLM GA . -19.11 -18.96 1.28
H91 PLM GA . -20.20 -16.60 0.62
H92 PLM GA . -18.90 -16.48 -0.53
HA1 PLM GA . -18.41 -15.27 1.65
HA2 PLM GA . -18.54 -16.78 2.53
C1 PLM HA . -29.62 -24.92 -4.92
O2 PLM HA . -30.44 -25.09 -5.83
C2 PLM HA . -29.51 -23.67 -4.12
C3 PLM HA . -28.08 -23.17 -4.01
C4 PLM HA . -28.00 -21.68 -3.79
C5 PLM HA . -26.61 -21.27 -3.36
C6 PLM HA . -26.35 -19.81 -3.64
C7 PLM HA . -27.28 -18.93 -2.84
H21 PLM HA . -30.14 -22.89 -4.63
H22 PLM HA . -29.95 -23.84 -3.09
H31 PLM HA . -27.56 -23.71 -3.18
H32 PLM HA . -27.56 -23.42 -4.96
H41 PLM HA . -28.27 -21.15 -4.75
H42 PLM HA . -28.75 -21.36 -3.02
H51 PLM HA . -26.48 -21.48 -2.27
H52 PLM HA . -25.85 -21.90 -3.91
H61 PLM HA . -25.29 -19.56 -3.39
H62 PLM HA . -26.49 -19.60 -4.74
C1 PLM IA . -26.50 -25.11 -7.37
O2 PLM IA . -26.23 -24.87 -6.19
C2 PLM IA . -26.38 -24.11 -8.47
C3 PLM IA . -27.37 -22.97 -8.31
C4 PLM IA . -26.96 -21.70 -9.03
C5 PLM IA . -25.95 -20.93 -8.22
C6 PLM IA . -25.49 -19.67 -8.91
C7 PLM IA . -24.24 -19.11 -8.27
C8 PLM IA . -23.53 -18.12 -9.17
C9 PLM IA . -22.27 -17.59 -8.50
CA PLM IA . -21.48 -16.68 -9.42
H21 PLM IA . -25.33 -23.70 -8.43
H22 PLM IA . -26.51 -24.60 -9.46
H31 PLM IA . -28.36 -23.32 -8.70
H32 PLM IA . -27.48 -22.75 -7.22
H41 PLM IA . -26.54 -21.96 -10.03
H42 PLM IA . -27.87 -21.07 -9.21
H51 PLM IA . -26.40 -20.67 -7.23
H52 PLM IA . -25.07 -21.58 -8.02
H61 PLM IA . -25.32 -19.87 -10.00
H62 PLM IA . -26.32 -18.90 -8.86
H71 PLM IA . -24.51 -18.61 -7.31
H72 PLM IA . -23.54 -19.95 -8.03
H81 PLM IA . -23.25 -18.62 -10.14
H82 PLM IA . -24.20 -17.27 -9.41
H91 PLM IA . -22.55 -17.04 -7.57
H92 PLM IA . -21.62 -18.45 -8.19
C1 PLM JA . -29.16 -20.90 -13.68
O2 PLM JA . -30.09 -21.49 -13.15
C2 PLM JA . -28.87 -19.44 -13.52
C3 PLM JA . -28.62 -19.07 -12.09
C4 PLM JA . -28.29 -17.59 -11.92
C5 PLM JA . -27.77 -17.31 -10.53
C6 PLM JA . -28.09 -15.90 -10.09
C7 PLM JA . -27.62 -15.64 -8.68
C8 PLM JA . -28.48 -16.37 -7.66
H21 PLM JA . -27.94 -19.21 -14.13
H22 PLM JA . -29.71 -18.84 -13.94
H31 PLM JA . -29.53 -19.32 -11.48
H32 PLM JA . -27.77 -19.68 -11.70
H41 PLM JA . -27.52 -17.29 -12.68
H42 PLM JA . -29.22 -16.98 -12.11
H51 PLM JA . -28.22 -18.05 -9.81
H52 PLM JA . -26.67 -17.47 -10.51
H61 PLM JA . -27.58 -15.18 -10.78
H62 PLM JA . -29.18 -15.71 -10.17
H71 PLM JA . -26.56 -15.98 -8.56
H72 PLM JA . -27.65 -14.54 -8.46
H81 PLM JA . -27.88 -17.18 -7.16
H82 PLM JA . -29.34 -16.88 -8.19
C1 PLM KA . -22.46 -22.62 -15.07
O2 PLM KA . -22.10 -22.89 -13.92
C2 PLM KA . -21.93 -21.47 -15.86
C3 PLM KA . -22.12 -20.15 -15.15
C4 PLM KA . -21.10 -19.12 -15.59
C5 PLM KA . -21.35 -17.79 -14.89
C6 PLM KA . -20.31 -16.77 -15.28
C7 PLM KA . -20.63 -15.39 -14.76
C8 PLM KA . -20.24 -15.23 -13.30
C9 PLM KA . -18.83 -14.74 -13.15
CA PLM KA . -18.71 -13.25 -13.36
H21 PLM KA . -20.84 -21.65 -16.02
H22 PLM KA . -22.43 -21.45 -16.87
H31 PLM KA . -23.16 -19.76 -15.34
H32 PLM KA . -22.02 -20.32 -14.05
H41 PLM KA . -20.07 -19.48 -15.34
H42 PLM KA . -21.15 -18.99 -16.69
H51 PLM KA . -22.36 -17.41 -15.18
H52 PLM KA . -21.36 -17.94 -13.78
H61 PLM KA . -19.30 -17.09 -14.87
H62 PLM KA . -20.22 -16.73 -16.39
H71 PLM KA . -20.08 -14.62 -15.37
H72 PLM KA . -21.72 -15.19 -14.88
H81 PLM KA . -20.95 -14.50 -12.81
H82 PLM KA . -20.36 -16.20 -12.77
H91 PLM KA . -18.45 -14.98 -12.12
H92 PLM KA . -18.17 -15.26 -13.87
HA1 PLM KA . -18.10 -13.04 -14.28
HA2 PLM KA . -18.17 -12.78 -12.50
#